data_2YSR
#
_entry.id   2YSR
#
_entity_poly.entity_id   1
_entity_poly.type   'polypeptide(L)'
_entity_poly.pdbx_seq_one_letter_code
;GSSGSSGYRATKLWNEVTTSFRAGMPLRKHRQHFKKYGNCFTAGEAVDWLYDLLRNNSNFGPEVTRQQTIQLLRKFLKNH
VIEDIKGRWGSENVDDNNQLFRFPA
;
_entity_poly.pdbx_strand_id   A
#
# COMPACT_ATOMS: atom_id res chain seq x y z
N GLY A 1 15.75 -25.38 19.19
CA GLY A 1 15.46 -24.24 18.33
C GLY A 1 16.70 -23.76 17.59
N SER A 2 16.48 -22.91 16.59
CA SER A 2 17.58 -22.38 15.79
C SER A 2 17.29 -20.95 15.35
N SER A 3 18.21 -20.04 15.68
CA SER A 3 18.05 -18.63 15.32
C SER A 3 18.93 -18.27 14.14
N GLY A 4 18.31 -17.80 13.06
CA GLY A 4 19.06 -17.43 11.87
C GLY A 4 18.26 -16.52 10.95
N SER A 5 17.84 -15.37 11.47
CA SER A 5 17.06 -14.42 10.70
C SER A 5 17.97 -13.61 9.78
N SER A 6 17.42 -13.21 8.62
CA SER A 6 18.19 -12.44 7.65
C SER A 6 17.61 -11.03 7.51
N GLY A 7 18.44 -10.02 7.75
CA GLY A 7 17.99 -8.65 7.63
C GLY A 7 16.79 -8.36 8.51
N TYR A 8 16.83 -8.87 9.75
CA TYR A 8 15.73 -8.66 10.68
C TYR A 8 15.34 -7.19 10.75
N ARG A 9 16.34 -6.31 10.76
CA ARG A 9 16.10 -4.87 10.82
C ARG A 9 15.18 -4.43 9.69
N ALA A 10 15.58 -4.69 8.46
CA ALA A 10 14.79 -4.33 7.30
C ALA A 10 13.44 -5.04 7.30
N THR A 11 13.46 -6.33 7.61
CA THR A 11 12.25 -7.13 7.65
C THR A 11 11.23 -6.54 8.63
N LYS A 12 11.71 -6.14 9.80
CA LYS A 12 10.84 -5.55 10.82
C LYS A 12 10.07 -4.37 10.27
N LEU A 13 10.79 -3.39 9.72
CA LEU A 13 10.18 -2.21 9.15
C LEU A 13 9.06 -2.58 8.19
N TRP A 14 9.40 -3.32 7.15
CA TRP A 14 8.42 -3.76 6.15
C TRP A 14 7.18 -4.32 6.82
N ASN A 15 7.37 -5.27 7.74
CA ASN A 15 6.26 -5.89 8.45
C ASN A 15 5.43 -4.83 9.19
N GLU A 16 6.13 -3.95 9.92
CA GLU A 16 5.46 -2.90 10.67
C GLU A 16 4.55 -2.07 9.77
N VAL A 17 5.12 -1.52 8.71
CA VAL A 17 4.37 -0.70 7.76
C VAL A 17 3.22 -1.51 7.15
N THR A 18 3.55 -2.62 6.51
CA THR A 18 2.55 -3.47 5.88
C THR A 18 1.41 -3.79 6.85
N THR A 19 1.76 -4.01 8.11
CA THR A 19 0.78 -4.33 9.14
C THR A 19 -0.16 -3.16 9.37
N SER A 20 0.39 -1.95 9.42
CA SER A 20 -0.41 -0.75 9.64
C SER A 20 -1.26 -0.43 8.42
N PHE A 21 -0.66 -0.56 7.23
CA PHE A 21 -1.36 -0.29 5.99
C PHE A 21 -2.51 -1.27 5.79
N ARG A 22 -2.19 -2.57 5.79
CA ARG A 22 -3.20 -3.60 5.60
C ARG A 22 -4.46 -3.28 6.39
N ALA A 23 -4.30 -3.00 7.68
CA ALA A 23 -5.42 -2.67 8.55
C ALA A 23 -5.90 -1.24 8.32
N GLY A 24 -5.02 -0.28 8.62
CA GLY A 24 -5.38 1.12 8.44
C GLY A 24 -6.85 1.38 8.68
N MET A 25 -7.58 1.69 7.62
CA MET A 25 -9.01 1.95 7.72
C MET A 25 -9.82 0.84 7.08
N PRO A 26 -11.08 0.68 7.54
CA PRO A 26 -11.99 -0.35 7.02
C PRO A 26 -12.45 -0.06 5.60
N LEU A 27 -12.94 1.16 5.39
CA LEU A 27 -13.42 1.57 4.07
C LEU A 27 -13.45 3.08 3.95
N ARG A 28 -13.40 3.59 2.72
CA ARG A 28 -13.43 5.02 2.47
C ARG A 28 -14.49 5.36 1.42
N LYS A 29 -15.14 6.51 1.61
CA LYS A 29 -16.18 6.96 0.68
C LYS A 29 -15.56 7.73 -0.49
N HIS A 30 -15.55 7.10 -1.67
CA HIS A 30 -14.99 7.72 -2.86
C HIS A 30 -16.08 7.95 -3.90
N ARG A 31 -15.88 8.96 -4.75
CA ARG A 31 -16.84 9.28 -5.80
C ARG A 31 -17.02 8.11 -6.75
N GLN A 32 -18.26 7.71 -6.96
CA GLN A 32 -18.57 6.59 -7.85
C GLN A 32 -19.99 6.70 -8.40
N HIS A 33 -20.10 6.83 -9.72
CA HIS A 33 -21.41 6.94 -10.37
C HIS A 33 -22.04 5.57 -10.56
N PHE A 34 -21.22 4.61 -10.97
CA PHE A 34 -21.70 3.24 -11.21
C PHE A 34 -21.72 2.44 -9.91
N LYS A 35 -22.27 1.24 -9.97
CA LYS A 35 -22.36 0.38 -8.80
C LYS A 35 -21.35 -0.77 -8.90
N LYS A 36 -20.81 -0.97 -10.09
CA LYS A 36 -19.83 -2.03 -10.32
C LYS A 36 -18.86 -2.14 -9.14
N TYR A 37 -18.38 -0.99 -8.67
CA TYR A 37 -17.45 -0.96 -7.55
C TYR A 37 -18.00 -0.10 -6.41
N GLY A 38 -17.39 -0.24 -5.23
CA GLY A 38 -17.82 0.53 -4.08
C GLY A 38 -16.95 0.31 -2.87
N ASN A 39 -16.53 -0.94 -2.66
CA ASN A 39 -15.68 -1.28 -1.53
C ASN A 39 -14.21 -1.08 -1.87
N CYS A 40 -13.95 -0.58 -3.07
CA CYS A 40 -12.59 -0.34 -3.52
C CYS A 40 -12.16 1.10 -3.25
N PHE A 41 -10.89 1.40 -3.52
CA PHE A 41 -10.36 2.73 -3.30
C PHE A 41 -9.33 3.09 -4.37
N THR A 42 -9.34 4.35 -4.80
CA THR A 42 -8.42 4.81 -5.83
C THR A 42 -7.00 4.89 -5.27
N ALA A 43 -6.03 4.48 -6.08
CA ALA A 43 -4.63 4.50 -5.67
C ALA A 43 -4.28 5.83 -5.01
N GLY A 44 -4.65 6.93 -5.65
CA GLY A 44 -4.37 8.25 -5.11
C GLY A 44 -4.59 8.32 -3.61
N GLU A 45 -5.83 8.18 -3.19
CA GLU A 45 -6.17 8.24 -1.77
C GLU A 45 -5.15 7.46 -0.95
N ALA A 46 -4.83 6.25 -1.39
CA ALA A 46 -3.86 5.41 -0.69
C ALA A 46 -2.53 6.13 -0.52
N VAL A 47 -2.07 6.78 -1.59
CA VAL A 47 -0.81 7.51 -1.56
C VAL A 47 -0.67 8.32 -0.29
N ASP A 48 -1.75 8.99 0.09
CA ASP A 48 -1.75 9.82 1.30
C ASP A 48 -1.76 8.93 2.55
N TRP A 49 -2.73 8.05 2.64
CA TRP A 49 -2.85 7.15 3.79
C TRP A 49 -1.51 6.50 4.11
N LEU A 50 -0.80 6.07 3.07
CA LEU A 50 0.50 5.43 3.25
C LEU A 50 1.59 6.48 3.49
N TYR A 51 1.65 7.48 2.61
CA TYR A 51 2.64 8.54 2.72
C TYR A 51 2.71 9.07 4.15
N ASP A 52 1.58 9.57 4.64
CA ASP A 52 1.51 10.11 6.00
C ASP A 52 2.00 9.08 7.02
N LEU A 53 1.61 7.83 6.81
CA LEU A 53 2.01 6.75 7.72
C LEU A 53 3.53 6.56 7.70
N LEU A 54 4.14 6.77 6.53
CA LEU A 54 5.58 6.62 6.39
C LEU A 54 6.31 7.73 7.12
N ARG A 55 6.02 8.98 6.75
CA ARG A 55 6.66 10.13 7.37
C ARG A 55 6.51 10.08 8.89
N ASN A 56 5.31 9.72 9.34
CA ASN A 56 5.04 9.64 10.77
C ASN A 56 6.15 8.90 11.50
N ASN A 57 6.65 7.84 10.88
CA ASN A 57 7.72 7.04 11.47
C ASN A 57 9.02 7.84 11.54
N SER A 58 10.06 7.23 12.12
CA SER A 58 11.35 7.89 12.26
C SER A 58 12.29 7.48 11.12
N ASN A 59 12.23 6.21 10.74
CA ASN A 59 13.07 5.69 9.67
C ASN A 59 12.93 6.54 8.40
N PHE A 60 11.69 6.73 7.96
CA PHE A 60 11.42 7.51 6.76
C PHE A 60 11.44 9.00 7.08
N GLY A 61 10.86 9.37 8.21
CA GLY A 61 10.82 10.77 8.61
C GLY A 61 10.06 11.62 7.63
N PRO A 62 9.92 12.92 7.94
CA PRO A 62 9.21 13.87 7.09
C PRO A 62 9.96 14.17 5.79
N GLU A 63 11.18 13.63 5.69
CA GLU A 63 12.00 13.84 4.49
C GLU A 63 11.38 13.15 3.28
N VAL A 64 10.65 12.07 3.53
CA VAL A 64 10.00 11.32 2.46
C VAL A 64 8.94 12.16 1.77
N THR A 65 8.99 12.18 0.43
CA THR A 65 8.04 12.95 -0.35
C THR A 65 7.06 12.05 -1.08
N ARG A 66 5.97 12.62 -1.57
CA ARG A 66 4.96 11.85 -2.29
C ARG A 66 5.61 10.91 -3.30
N GLN A 67 6.51 11.45 -4.11
CA GLN A 67 7.20 10.66 -5.12
C GLN A 67 7.67 9.33 -4.54
N GLN A 68 8.31 9.39 -3.38
CA GLN A 68 8.81 8.19 -2.72
C GLN A 68 7.68 7.20 -2.46
N THR A 69 6.53 7.72 -2.04
CA THR A 69 5.37 6.88 -1.75
C THR A 69 5.02 6.02 -2.94
N ILE A 70 4.84 6.65 -4.10
CA ILE A 70 4.49 5.93 -5.32
C ILE A 70 5.53 4.87 -5.64
N GLN A 71 6.81 5.22 -5.49
CA GLN A 71 7.89 4.28 -5.77
C GLN A 71 7.81 3.07 -4.86
N LEU A 72 7.62 3.30 -3.57
CA LEU A 72 7.51 2.21 -2.60
C LEU A 72 6.27 1.36 -2.88
N LEU A 73 5.14 2.01 -3.06
CA LEU A 73 3.89 1.32 -3.33
C LEU A 73 4.09 0.19 -4.35
N ARG A 74 4.86 0.49 -5.39
CA ARG A 74 5.13 -0.49 -6.44
C ARG A 74 5.52 -1.84 -5.82
N LYS A 75 6.27 -1.80 -4.73
CA LYS A 75 6.70 -3.01 -4.05
C LYS A 75 5.51 -3.73 -3.41
N PHE A 76 4.62 -2.96 -2.81
CA PHE A 76 3.44 -3.53 -2.16
C PHE A 76 2.69 -4.44 -3.12
N LEU A 77 2.33 -3.92 -4.28
CA LEU A 77 1.61 -4.70 -5.29
C LEU A 77 2.41 -5.91 -5.71
N LYS A 78 3.73 -5.76 -5.81
CA LYS A 78 4.61 -6.85 -6.20
C LYS A 78 4.62 -7.94 -5.14
N ASN A 79 4.63 -7.53 -3.87
CA ASN A 79 4.66 -8.47 -2.76
C ASN A 79 3.28 -9.06 -2.51
N HIS A 80 2.35 -8.77 -3.44
CA HIS A 80 0.98 -9.27 -3.32
C HIS A 80 0.27 -8.66 -2.12
N VAL A 81 0.62 -7.42 -1.80
CA VAL A 81 0.01 -6.72 -0.68
C VAL A 81 -1.35 -6.15 -1.06
N ILE A 82 -1.48 -5.71 -2.30
CA ILE A 82 -2.73 -5.15 -2.79
C ILE A 82 -3.00 -5.58 -4.23
N GLU A 83 -4.16 -6.19 -4.44
CA GLU A 83 -4.55 -6.66 -5.77
C GLU A 83 -5.52 -5.67 -6.44
N ASP A 84 -5.38 -5.51 -7.75
CA ASP A 84 -6.23 -4.61 -8.49
C ASP A 84 -7.71 -5.02 -8.37
N ILE A 85 -8.60 -4.15 -8.84
CA ILE A 85 -10.03 -4.42 -8.78
C ILE A 85 -10.39 -5.65 -9.60
N LYS A 86 -9.77 -5.77 -10.78
CA LYS A 86 -10.02 -6.90 -11.65
C LYS A 86 -9.39 -8.18 -11.11
N GLY A 87 -8.13 -8.08 -10.72
CA GLY A 87 -7.43 -9.23 -10.18
C GLY A 87 -6.04 -9.40 -10.75
N ARG A 88 -5.36 -8.28 -10.99
CA ARG A 88 -4.02 -8.30 -11.55
C ARG A 88 -2.98 -8.02 -10.48
N TRP A 89 -2.16 -9.02 -10.17
CA TRP A 89 -1.12 -8.88 -9.16
C TRP A 89 0.23 -9.34 -9.70
N GLY A 90 1.30 -8.74 -9.19
CA GLY A 90 2.64 -9.10 -9.64
C GLY A 90 3.23 -8.08 -10.60
N SER A 91 3.20 -6.81 -10.20
CA SER A 91 3.73 -5.74 -11.04
C SER A 91 4.28 -4.61 -10.17
N GLU A 92 5.18 -3.82 -10.74
CA GLU A 92 5.79 -2.70 -10.03
C GLU A 92 5.33 -1.36 -10.62
N ASN A 93 4.25 -1.41 -11.40
CA ASN A 93 3.72 -0.20 -12.02
C ASN A 93 2.38 0.19 -11.39
N VAL A 94 2.40 1.26 -10.61
CA VAL A 94 1.19 1.74 -9.94
C VAL A 94 1.11 3.26 -9.97
N ASP A 95 0.07 3.79 -10.60
CA ASP A 95 -0.12 5.23 -10.69
C ASP A 95 -0.90 5.75 -9.49
N ASP A 96 -0.79 7.06 -9.25
CA ASP A 96 -1.49 7.69 -8.13
C ASP A 96 -2.55 8.66 -8.62
N ASN A 97 -2.90 8.54 -9.91
CA ASN A 97 -3.90 9.41 -10.50
C ASN A 97 -5.30 8.86 -10.29
N ASN A 98 -5.60 7.74 -10.92
CA ASN A 98 -6.90 7.10 -10.80
C ASN A 98 -6.82 5.61 -11.11
N GLN A 99 -6.94 4.79 -10.06
CA GLN A 99 -6.88 3.34 -10.23
C GLN A 99 -7.56 2.64 -9.06
N LEU A 100 -8.59 1.84 -9.37
CA LEU A 100 -9.32 1.12 -8.34
C LEU A 100 -8.57 -0.15 -7.93
N PHE A 101 -8.37 -0.31 -6.62
CA PHE A 101 -7.67 -1.47 -6.11
C PHE A 101 -8.55 -2.24 -5.13
N ARG A 102 -8.04 -3.37 -4.64
CA ARG A 102 -8.78 -4.20 -3.69
C ARG A 102 -7.85 -5.17 -2.98
N PHE A 103 -8.31 -5.72 -1.86
CA PHE A 103 -7.53 -6.66 -1.08
C PHE A 103 -7.68 -8.08 -1.63
N PRO A 104 -6.55 -8.79 -1.74
CA PRO A 104 -6.53 -10.18 -2.24
C PRO A 104 -7.16 -11.15 -1.26
N ALA A 105 -7.10 -12.44 -1.60
CA ALA A 105 -7.67 -13.48 -0.75
C ALA A 105 -6.78 -14.73 -0.74
N GLY A 1 11.05 -26.59 15.79
CA GLY A 1 11.23 -25.23 15.34
C GLY A 1 12.49 -25.06 14.51
N SER A 2 12.55 -23.98 13.75
CA SER A 2 13.70 -23.70 12.89
C SER A 2 14.20 -22.28 13.09
N SER A 3 15.45 -22.04 12.72
CA SER A 3 16.05 -20.71 12.85
C SER A 3 17.00 -20.42 11.70
N GLY A 4 16.80 -19.29 11.04
CA GLY A 4 17.65 -18.91 9.93
C GLY A 4 17.13 -17.70 9.18
N SER A 5 16.62 -16.72 9.93
CA SER A 5 16.08 -15.50 9.32
C SER A 5 17.20 -14.56 8.90
N SER A 6 16.96 -13.81 7.82
CA SER A 6 17.96 -12.88 7.31
C SER A 6 17.34 -11.50 7.09
N GLY A 7 18.16 -10.47 7.26
CA GLY A 7 17.68 -9.11 7.09
C GLY A 7 16.53 -8.77 8.01
N TYR A 8 16.69 -9.08 9.30
CA TYR A 8 15.66 -8.81 10.29
C TYR A 8 15.40 -7.31 10.41
N ARG A 9 16.46 -6.53 10.46
CA ARG A 9 16.36 -5.08 10.58
C ARG A 9 15.32 -4.53 9.60
N ALA A 10 15.44 -4.94 8.34
CA ALA A 10 14.51 -4.50 7.31
C ALA A 10 13.14 -5.13 7.49
N THR A 11 13.12 -6.44 7.74
CA THR A 11 11.87 -7.15 7.94
C THR A 11 10.99 -6.46 8.98
N LYS A 12 11.60 -6.09 10.10
CA LYS A 12 10.89 -5.43 11.19
C LYS A 12 10.11 -4.22 10.66
N LEU A 13 10.76 -3.43 9.80
CA LEU A 13 10.13 -2.25 9.23
C LEU A 13 9.07 -2.63 8.21
N TRP A 14 9.47 -3.38 7.18
CA TRP A 14 8.55 -3.82 6.15
C TRP A 14 7.31 -4.46 6.76
N ASN A 15 7.49 -5.16 7.87
CA ASN A 15 6.39 -5.81 8.56
C ASN A 15 5.54 -4.82 9.32
N GLU A 16 6.15 -3.68 9.69
CA GLU A 16 5.45 -2.65 10.43
C GLU A 16 4.61 -1.79 9.49
N VAL A 17 5.19 -1.41 8.36
CA VAL A 17 4.51 -0.58 7.38
C VAL A 17 3.38 -1.37 6.70
N THR A 18 3.59 -2.67 6.54
CA THR A 18 2.60 -3.52 5.91
C THR A 18 1.44 -3.82 6.86
N THR A 19 1.77 -4.13 8.11
CA THR A 19 0.75 -4.43 9.12
C THR A 19 -0.21 -3.25 9.29
N SER A 20 0.35 -2.06 9.45
CA SER A 20 -0.45 -0.86 9.65
C SER A 20 -1.21 -0.50 8.36
N PHE A 21 -0.48 -0.40 7.26
CA PHE A 21 -1.08 -0.07 5.97
C PHE A 21 -2.24 -1.01 5.65
N ARG A 22 -1.97 -2.31 5.73
CA ARG A 22 -2.98 -3.32 5.46
C ARG A 22 -4.33 -2.91 6.03
N ALA A 23 -4.35 -2.62 7.32
CA ALA A 23 -5.57 -2.21 7.99
C ALA A 23 -5.96 -0.77 7.63
N GLY A 24 -5.11 0.18 7.99
CA GLY A 24 -5.37 1.56 7.69
C GLY A 24 -6.83 1.93 7.86
N MET A 25 -7.39 2.61 6.86
CA MET A 25 -8.79 3.02 6.91
C MET A 25 -9.67 2.01 6.17
N PRO A 26 -10.82 1.68 6.77
CA PRO A 26 -11.77 0.73 6.18
C PRO A 26 -12.47 1.30 4.94
N LEU A 27 -13.38 0.51 4.37
CA LEU A 27 -14.11 0.94 3.19
C LEU A 27 -14.97 2.16 3.49
N ARG A 28 -14.96 3.13 2.57
CA ARG A 28 -15.74 4.35 2.74
C ARG A 28 -16.38 4.78 1.42
N LYS A 29 -17.45 5.55 1.50
CA LYS A 29 -18.14 6.03 0.32
C LYS A 29 -17.27 6.99 -0.48
N HIS A 30 -17.34 6.89 -1.81
CA HIS A 30 -16.56 7.75 -2.68
C HIS A 30 -17.45 8.38 -3.75
N ARG A 31 -16.87 9.31 -4.51
CA ARG A 31 -17.61 10.00 -5.57
C ARG A 31 -18.56 9.03 -6.27
N GLN A 32 -18.04 7.87 -6.65
CA GLN A 32 -18.85 6.87 -7.33
C GLN A 32 -19.97 6.36 -6.44
N HIS A 33 -21.00 5.77 -7.05
CA HIS A 33 -22.14 5.25 -6.30
C HIS A 33 -21.97 3.76 -6.03
N PHE A 34 -22.40 3.32 -4.85
CA PHE A 34 -22.30 1.92 -4.46
C PHE A 34 -22.58 1.01 -5.65
N LYS A 35 -23.64 1.33 -6.40
CA LYS A 35 -24.03 0.53 -7.56
C LYS A 35 -22.81 0.20 -8.42
N LYS A 36 -22.14 1.24 -8.92
CA LYS A 36 -20.96 1.06 -9.75
C LYS A 36 -19.87 0.31 -8.99
N TYR A 37 -19.33 0.95 -7.95
CA TYR A 37 -18.27 0.34 -7.16
C TYR A 37 -18.05 1.13 -5.86
N GLY A 38 -17.45 0.48 -4.87
CA GLY A 38 -17.20 1.13 -3.60
C GLY A 38 -16.12 0.44 -2.80
N ASN A 39 -16.17 -0.89 -2.77
CA ASN A 39 -15.18 -1.68 -2.04
C ASN A 39 -13.76 -1.28 -2.43
N CYS A 40 -13.54 -1.09 -3.73
CA CYS A 40 -12.23 -0.71 -4.24
C CYS A 40 -11.97 0.78 -4.01
N PHE A 41 -10.71 1.13 -3.83
CA PHE A 41 -10.33 2.52 -3.59
C PHE A 41 -9.25 2.96 -4.58
N THR A 42 -9.35 4.21 -5.03
CA THR A 42 -8.38 4.75 -5.98
C THR A 42 -6.98 4.77 -5.38
N ALA A 43 -5.98 4.51 -6.22
CA ALA A 43 -4.59 4.50 -5.76
C ALA A 43 -4.22 5.84 -5.13
N GLY A 44 -4.56 6.94 -5.81
CA GLY A 44 -4.26 8.26 -5.30
C GLY A 44 -4.50 8.37 -3.81
N GLU A 45 -5.73 8.06 -3.39
CA GLU A 45 -6.08 8.14 -1.98
C GLU A 45 -5.07 7.40 -1.11
N ALA A 46 -4.74 6.18 -1.53
CA ALA A 46 -3.78 5.36 -0.79
C ALA A 46 -2.47 6.12 -0.58
N VAL A 47 -1.98 6.77 -1.64
CA VAL A 47 -0.74 7.53 -1.56
C VAL A 47 -0.68 8.35 -0.27
N ASP A 48 -1.76 9.05 0.03
CA ASP A 48 -1.82 9.88 1.23
C ASP A 48 -1.81 9.02 2.49
N TRP A 49 -2.61 7.96 2.48
CA TRP A 49 -2.68 7.06 3.62
C TRP A 49 -1.30 6.51 3.98
N LEU A 50 -0.60 5.98 2.98
CA LEU A 50 0.73 5.43 3.19
C LEU A 50 1.72 6.53 3.54
N TYR A 51 1.58 7.68 2.89
CA TYR A 51 2.47 8.82 3.13
C TYR A 51 2.55 9.12 4.62
N ASP A 52 1.41 9.43 5.22
CA ASP A 52 1.37 9.75 6.65
C ASP A 52 2.04 8.67 7.47
N LEU A 53 1.65 7.41 7.23
CA LEU A 53 2.22 6.28 7.95
C LEU A 53 3.73 6.24 7.80
N LEU A 54 4.21 6.48 6.58
CA LEU A 54 5.65 6.47 6.30
C LEU A 54 6.34 7.60 7.06
N ARG A 55 6.01 8.84 6.72
CA ARG A 55 6.62 10.00 7.36
C ARG A 55 6.58 9.85 8.88
N ASN A 56 5.44 9.41 9.40
CA ASN A 56 5.28 9.22 10.83
C ASN A 56 6.49 8.52 11.44
N ASN A 57 6.96 7.47 10.75
CA ASN A 57 8.12 6.72 11.22
C ASN A 57 9.40 7.53 11.05
N SER A 58 10.50 6.99 11.56
CA SER A 58 11.80 7.66 11.46
C SER A 58 12.52 7.28 10.17
N ASN A 59 12.68 5.97 9.96
CA ASN A 59 13.36 5.47 8.76
C ASN A 59 13.04 6.35 7.56
N PHE A 60 11.75 6.52 7.28
CA PHE A 60 11.31 7.33 6.15
C PHE A 60 11.36 8.82 6.50
N GLY A 61 10.94 9.15 7.72
CA GLY A 61 10.93 10.53 8.16
C GLY A 61 10.05 11.41 7.30
N PRO A 62 9.90 12.68 7.71
CA PRO A 62 9.07 13.65 6.98
C PRO A 62 9.68 14.05 5.64
N GLU A 63 10.96 13.75 5.46
CA GLU A 63 11.65 14.07 4.23
C GLU A 63 11.01 13.37 3.04
N VAL A 64 10.40 12.22 3.29
CA VAL A 64 9.75 11.44 2.25
C VAL A 64 8.61 12.24 1.62
N THR A 65 8.57 12.24 0.28
CA THR A 65 7.52 12.95 -0.44
C THR A 65 6.65 11.99 -1.25
N ARG A 66 5.52 12.50 -1.73
CA ARG A 66 4.60 11.68 -2.51
C ARG A 66 5.36 10.81 -3.51
N GLN A 67 6.20 11.45 -4.32
CA GLN A 67 6.98 10.74 -5.32
C GLN A 67 7.57 9.45 -4.74
N GLN A 68 8.26 9.58 -3.62
CA GLN A 68 8.87 8.42 -2.96
C GLN A 68 7.81 7.43 -2.50
N THR A 69 6.72 7.95 -1.94
CA THR A 69 5.63 7.13 -1.45
C THR A 69 5.11 6.21 -2.55
N ILE A 70 4.91 6.77 -3.73
CA ILE A 70 4.41 5.99 -4.87
C ILE A 70 5.39 4.88 -5.24
N GLN A 71 6.65 5.25 -5.39
CA GLN A 71 7.68 4.28 -5.75
C GLN A 71 7.61 3.05 -4.86
N LEU A 72 7.44 3.27 -3.56
CA LEU A 72 7.34 2.18 -2.60
C LEU A 72 6.08 1.36 -2.84
N LEU A 73 4.97 2.03 -3.02
CA LEU A 73 3.69 1.37 -3.26
C LEU A 73 3.86 0.20 -4.22
N ARG A 74 4.68 0.40 -5.25
CA ARG A 74 4.93 -0.64 -6.24
C ARG A 74 5.30 -1.96 -5.57
N LYS A 75 6.20 -1.89 -4.59
CA LYS A 75 6.64 -3.08 -3.86
C LYS A 75 5.45 -3.85 -3.32
N PHE A 76 4.62 -3.18 -2.53
CA PHE A 76 3.44 -3.81 -1.95
C PHE A 76 2.73 -4.68 -2.98
N LEU A 77 2.28 -4.07 -4.06
CA LEU A 77 1.58 -4.78 -5.12
C LEU A 77 2.38 -5.99 -5.59
N LYS A 78 3.70 -5.80 -5.73
CA LYS A 78 4.58 -6.87 -6.17
C LYS A 78 4.60 -8.00 -5.15
N ASN A 79 4.58 -7.65 -3.87
CA ASN A 79 4.58 -8.64 -2.80
C ASN A 79 3.20 -9.25 -2.60
N HIS A 80 2.29 -8.94 -3.52
CA HIS A 80 0.93 -9.46 -3.45
C HIS A 80 0.20 -8.89 -2.23
N VAL A 81 0.54 -7.66 -1.87
CA VAL A 81 -0.08 -7.00 -0.72
C VAL A 81 -1.42 -6.38 -1.11
N ILE A 82 -1.49 -5.83 -2.32
CA ILE A 82 -2.71 -5.21 -2.80
C ILE A 82 -2.94 -5.53 -4.28
N GLU A 83 -4.13 -6.05 -4.58
CA GLU A 83 -4.48 -6.41 -5.95
C GLU A 83 -5.40 -5.35 -6.56
N ASP A 84 -5.32 -5.22 -7.89
CA ASP A 84 -6.14 -4.25 -8.60
C ASP A 84 -7.55 -4.80 -8.84
N ILE A 85 -8.51 -3.90 -8.98
CA ILE A 85 -9.90 -4.29 -9.22
C ILE A 85 -9.97 -5.42 -10.25
N LYS A 86 -9.18 -5.31 -11.30
CA LYS A 86 -9.16 -6.32 -12.35
C LYS A 86 -8.30 -7.52 -11.94
N GLY A 87 -7.14 -7.23 -11.37
CA GLY A 87 -6.24 -8.28 -10.95
C GLY A 87 -4.84 -8.11 -11.49
N ARG A 88 -4.26 -6.94 -11.26
CA ARG A 88 -2.90 -6.66 -11.73
C ARG A 88 -1.87 -7.03 -10.68
N TRP A 89 -2.27 -7.86 -9.72
CA TRP A 89 -1.37 -8.29 -8.65
C TRP A 89 -0.17 -9.03 -9.23
N GLY A 90 0.95 -8.94 -8.53
CA GLY A 90 2.17 -9.61 -8.99
C GLY A 90 3.14 -8.65 -9.64
N SER A 91 2.61 -7.63 -10.30
CA SER A 91 3.45 -6.64 -10.99
C SER A 91 3.81 -5.50 -10.04
N GLU A 92 4.69 -4.62 -10.50
CA GLU A 92 5.12 -3.48 -9.70
C GLU A 92 4.75 -2.17 -10.39
N ASN A 93 3.83 -2.24 -11.33
CA ASN A 93 3.39 -1.06 -12.07
C ASN A 93 2.20 -0.40 -11.36
N VAL A 94 2.44 0.76 -10.76
CA VAL A 94 1.39 1.49 -10.05
C VAL A 94 1.52 2.99 -10.30
N ASP A 95 0.44 3.72 -10.01
CA ASP A 95 0.43 5.16 -10.20
C ASP A 95 -0.71 5.79 -9.40
N ASP A 96 -0.69 7.12 -9.30
CA ASP A 96 -1.71 7.86 -8.57
C ASP A 96 -2.96 8.04 -9.43
N ASN A 97 -3.00 7.35 -10.56
CA ASN A 97 -4.14 7.45 -11.48
C ASN A 97 -5.44 7.07 -10.76
N ASN A 98 -6.55 7.18 -11.47
CA ASN A 98 -7.86 6.85 -10.91
C ASN A 98 -8.07 5.35 -10.88
N GLN A 99 -7.01 4.59 -11.15
CA GLN A 99 -7.09 3.14 -11.16
C GLN A 99 -7.43 2.61 -9.77
N LEU A 100 -8.66 2.12 -9.61
CA LEU A 100 -9.12 1.58 -8.34
C LEU A 100 -8.26 0.40 -7.91
N PHE A 101 -8.39 0.00 -6.64
CA PHE A 101 -7.62 -1.11 -6.11
C PHE A 101 -8.44 -1.89 -5.09
N ARG A 102 -7.92 -3.05 -4.68
CA ARG A 102 -8.62 -3.89 -3.70
C ARG A 102 -7.62 -4.78 -2.96
N PHE A 103 -8.11 -5.46 -1.93
CA PHE A 103 -7.26 -6.35 -1.13
C PHE A 103 -7.64 -7.81 -1.36
N PRO A 104 -6.61 -8.67 -1.45
CA PRO A 104 -6.81 -10.10 -1.67
C PRO A 104 -7.42 -10.80 -0.45
N ALA A 105 -8.08 -11.93 -0.70
CA ALA A 105 -8.69 -12.69 0.38
C ALA A 105 -7.68 -13.60 1.06
N GLY A 1 26.60 -22.38 12.91
CA GLY A 1 25.68 -21.36 12.45
C GLY A 1 24.42 -21.30 13.30
N SER A 2 24.58 -20.89 14.56
CA SER A 2 23.45 -20.80 15.48
C SER A 2 22.19 -20.35 14.74
N SER A 3 22.34 -19.35 13.88
CA SER A 3 21.22 -18.82 13.11
C SER A 3 21.45 -19.00 11.61
N GLY A 4 20.36 -19.14 10.87
CA GLY A 4 20.46 -19.31 9.43
C GLY A 4 19.61 -18.33 8.66
N SER A 5 19.64 -17.06 9.07
CA SER A 5 18.85 -16.02 8.42
C SER A 5 19.48 -14.64 8.65
N SER A 6 19.18 -13.71 7.75
CA SER A 6 19.71 -12.36 7.84
C SER A 6 18.59 -11.32 7.79
N GLY A 7 18.96 -10.06 7.92
CA GLY A 7 17.97 -8.99 7.88
C GLY A 7 16.97 -9.07 9.03
N TYR A 8 17.38 -8.57 10.19
CA TYR A 8 16.52 -8.60 11.37
C TYR A 8 15.66 -7.33 11.44
N ARG A 9 16.31 -6.18 11.40
CA ARG A 9 15.61 -4.91 11.46
C ARG A 9 15.12 -4.49 10.07
N ALA A 10 15.99 -4.62 9.08
CA ALA A 10 15.63 -4.26 7.72
C ALA A 10 14.21 -4.68 7.37
N THR A 11 13.92 -5.97 7.55
CA THR A 11 12.60 -6.51 7.27
C THR A 11 11.58 -6.01 8.28
N LYS A 12 11.99 -5.94 9.55
CA LYS A 12 11.12 -5.48 10.62
C LYS A 12 10.34 -4.24 10.18
N LEU A 13 10.94 -3.46 9.29
CA LEU A 13 10.29 -2.24 8.80
C LEU A 13 9.16 -2.58 7.83
N TRP A 14 9.50 -3.28 6.76
CA TRP A 14 8.51 -3.66 5.75
C TRP A 14 7.31 -4.34 6.41
N ASN A 15 7.57 -5.20 7.38
CA ASN A 15 6.51 -5.91 8.09
C ASN A 15 5.62 -4.93 8.86
N GLU A 16 6.25 -4.12 9.71
CA GLU A 16 5.52 -3.15 10.50
C GLU A 16 4.65 -2.26 9.61
N VAL A 17 5.24 -1.75 8.53
CA VAL A 17 4.53 -0.89 7.60
C VAL A 17 3.33 -1.61 7.00
N THR A 18 3.59 -2.68 6.26
CA THR A 18 2.53 -3.45 5.63
C THR A 18 1.37 -3.68 6.59
N THR A 19 1.69 -3.98 7.85
CA THR A 19 0.68 -4.22 8.86
C THR A 19 -0.16 -2.98 9.10
N SER A 20 0.50 -1.89 9.50
CA SER A 20 -0.19 -0.64 9.78
C SER A 20 -1.13 -0.28 8.63
N PHE A 21 -0.61 -0.33 7.41
CA PHE A 21 -1.39 0.00 6.23
C PHE A 21 -2.75 -0.70 6.26
N ARG A 22 -2.72 -2.03 6.27
CA ARG A 22 -3.94 -2.81 6.30
C ARG A 22 -4.85 -2.37 7.44
N ALA A 23 -4.39 -2.56 8.67
CA ALA A 23 -5.16 -2.17 9.85
C ALA A 23 -5.62 -0.72 9.74
N GLY A 24 -4.86 0.08 9.01
CA GLY A 24 -5.22 1.48 8.85
C GLY A 24 -6.71 1.69 8.76
N MET A 25 -7.26 1.58 7.55
CA MET A 25 -8.69 1.76 7.34
C MET A 25 -9.31 0.50 6.76
N PRO A 26 -10.46 0.09 7.32
CA PRO A 26 -11.19 -1.10 6.87
C PRO A 26 -11.82 -0.91 5.50
N LEU A 27 -12.49 -1.95 5.01
CA LEU A 27 -13.14 -1.90 3.70
C LEU A 27 -14.55 -1.33 3.82
N ARG A 28 -14.79 -0.21 3.16
CA ARG A 28 -16.10 0.43 3.19
C ARG A 28 -16.65 0.61 1.78
N LYS A 29 -17.97 0.49 1.64
CA LYS A 29 -18.62 0.65 0.35
C LYS A 29 -18.31 2.01 -0.26
N HIS A 30 -18.59 2.15 -1.56
CA HIS A 30 -18.34 3.41 -2.26
C HIS A 30 -19.64 4.04 -2.72
N ARG A 31 -19.56 5.28 -3.20
CA ARG A 31 -20.74 6.00 -3.67
C ARG A 31 -21.40 5.25 -4.84
N GLN A 32 -20.61 4.44 -5.54
CA GLN A 32 -21.12 3.68 -6.67
C GLN A 32 -22.32 2.82 -6.26
N HIS A 33 -23.51 3.29 -6.60
CA HIS A 33 -24.73 2.56 -6.27
C HIS A 33 -24.75 1.19 -6.95
N PHE A 34 -24.58 1.18 -8.26
CA PHE A 34 -24.59 -0.06 -9.03
C PHE A 34 -23.60 -1.06 -8.43
N LYS A 35 -23.71 -2.32 -8.87
CA LYS A 35 -22.84 -3.37 -8.38
C LYS A 35 -21.63 -3.55 -9.30
N LYS A 36 -21.39 -2.55 -10.14
CA LYS A 36 -20.26 -2.59 -11.07
C LYS A 36 -19.00 -3.11 -10.39
N TYR A 37 -18.81 -2.71 -9.13
CA TYR A 37 -17.64 -3.13 -8.36
C TYR A 37 -17.93 -3.06 -6.86
N GLY A 38 -17.40 -4.03 -6.12
CA GLY A 38 -17.61 -4.05 -4.68
C GLY A 38 -16.98 -2.85 -3.98
N ASN A 39 -16.03 -3.12 -3.12
CA ASN A 39 -15.35 -2.05 -2.38
C ASN A 39 -13.91 -1.88 -2.86
N CYS A 40 -13.66 -0.79 -3.58
CA CYS A 40 -12.32 -0.52 -4.11
C CYS A 40 -11.91 0.91 -3.78
N PHE A 41 -10.61 1.19 -3.91
CA PHE A 41 -10.08 2.51 -3.64
C PHE A 41 -9.01 2.91 -4.67
N THR A 42 -9.12 4.13 -5.17
CA THR A 42 -8.18 4.63 -6.17
C THR A 42 -6.76 4.62 -5.62
N ALA A 43 -5.78 4.45 -6.51
CA ALA A 43 -4.38 4.43 -6.12
C ALA A 43 -3.99 5.72 -5.40
N GLY A 44 -4.30 6.85 -6.02
CA GLY A 44 -3.99 8.13 -5.43
C GLY A 44 -4.25 8.17 -3.93
N GLU A 45 -5.52 8.13 -3.56
CA GLU A 45 -5.90 8.16 -2.14
C GLU A 45 -4.89 7.39 -1.30
N ALA A 46 -4.69 6.12 -1.65
CA ALA A 46 -3.76 5.26 -0.93
C ALA A 46 -2.45 6.00 -0.63
N VAL A 47 -1.92 6.66 -1.65
CA VAL A 47 -0.66 7.40 -1.51
C VAL A 47 -0.68 8.24 -0.24
N ASP A 48 -1.82 8.87 0.04
CA ASP A 48 -1.95 9.71 1.22
C ASP A 48 -1.91 8.87 2.49
N TRP A 49 -2.75 7.85 2.54
CA TRP A 49 -2.82 6.97 3.71
C TRP A 49 -1.44 6.39 4.03
N LEU A 50 -0.81 5.77 3.03
CA LEU A 50 0.51 5.18 3.21
C LEU A 50 1.54 6.26 3.53
N TYR A 51 1.54 7.33 2.74
CA TYR A 51 2.48 8.43 2.96
C TYR A 51 2.47 8.88 4.41
N ASP A 52 1.32 9.39 4.85
CA ASP A 52 1.19 9.86 6.22
C ASP A 52 1.82 8.88 7.20
N LEU A 53 1.52 7.61 7.03
CA LEU A 53 2.07 6.57 7.90
C LEU A 53 3.59 6.52 7.82
N LEU A 54 4.10 6.61 6.60
CA LEU A 54 5.55 6.59 6.38
C LEU A 54 6.24 7.75 7.09
N ARG A 55 5.79 8.97 6.79
CA ARG A 55 6.36 10.16 7.41
C ARG A 55 6.24 10.09 8.92
N ASN A 56 5.08 9.64 9.40
CA ASN A 56 4.84 9.54 10.84
C ASN A 56 5.98 8.80 11.53
N ASN A 57 6.51 7.78 10.87
CA ASN A 57 7.61 7.00 11.42
C ASN A 57 8.89 7.83 11.49
N SER A 58 9.92 7.25 12.09
CA SER A 58 11.20 7.94 12.22
C SER A 58 12.14 7.57 11.09
N ASN A 59 12.31 6.27 10.86
CA ASN A 59 13.19 5.78 9.80
C ASN A 59 13.07 6.65 8.56
N PHE A 60 11.85 6.74 8.02
CA PHE A 60 11.61 7.54 6.83
C PHE A 60 11.53 9.02 7.17
N GLY A 61 10.86 9.33 8.27
CA GLY A 61 10.71 10.71 8.70
C GLY A 61 9.87 11.54 7.73
N PRO A 62 9.68 12.81 8.06
CA PRO A 62 8.88 13.73 7.23
C PRO A 62 9.58 14.07 5.92
N GLU A 63 10.88 13.80 5.86
CA GLU A 63 11.66 14.08 4.66
C GLU A 63 11.04 13.40 3.44
N VAL A 64 10.49 12.21 3.65
CA VAL A 64 9.86 11.47 2.56
C VAL A 64 8.71 12.26 1.93
N THR A 65 8.68 12.27 0.61
CA THR A 65 7.64 12.99 -0.11
C THR A 65 6.76 12.04 -0.92
N ARG A 66 5.59 12.51 -1.33
CA ARG A 66 4.67 11.70 -2.11
C ARG A 66 5.42 10.82 -3.10
N GLN A 67 6.32 11.44 -3.86
CA GLN A 67 7.11 10.70 -4.85
C GLN A 67 7.56 9.36 -4.30
N GLN A 68 8.19 9.38 -3.13
CA GLN A 68 8.67 8.15 -2.50
C GLN A 68 7.54 7.14 -2.34
N THR A 69 6.38 7.63 -1.91
CA THR A 69 5.23 6.76 -1.71
C THR A 69 4.90 5.97 -2.98
N ILE A 70 4.84 6.68 -4.10
CA ILE A 70 4.53 6.05 -5.38
C ILE A 70 5.58 5.00 -5.73
N GLN A 71 6.84 5.31 -5.47
CA GLN A 71 7.94 4.39 -5.75
C GLN A 71 7.84 3.14 -4.89
N LEU A 72 7.68 3.34 -3.58
CA LEU A 72 7.57 2.23 -2.64
C LEU A 72 6.36 1.37 -2.96
N LEU A 73 5.22 2.02 -3.17
CA LEU A 73 3.98 1.30 -3.50
C LEU A 73 4.23 0.20 -4.51
N ARG A 74 5.00 0.52 -5.55
CA ARG A 74 5.31 -0.44 -6.60
C ARG A 74 5.66 -1.80 -5.99
N LYS A 75 6.36 -1.78 -4.86
CA LYS A 75 6.76 -3.00 -4.18
C LYS A 75 5.55 -3.70 -3.55
N PHE A 76 4.64 -2.91 -2.99
CA PHE A 76 3.44 -3.46 -2.37
C PHE A 76 2.69 -4.37 -3.33
N LEU A 77 2.35 -3.84 -4.50
CA LEU A 77 1.63 -4.60 -5.51
C LEU A 77 2.37 -5.88 -5.85
N LYS A 78 3.68 -5.77 -6.03
CA LYS A 78 4.52 -6.92 -6.35
C LYS A 78 4.49 -7.95 -5.24
N ASN A 79 4.46 -7.47 -3.99
CA ASN A 79 4.43 -8.35 -2.83
C ASN A 79 3.01 -8.85 -2.56
N HIS A 80 2.14 -8.71 -3.56
CA HIS A 80 0.76 -9.15 -3.43
C HIS A 80 0.05 -8.42 -2.29
N VAL A 81 0.45 -7.17 -2.07
CA VAL A 81 -0.14 -6.37 -1.00
C VAL A 81 -1.46 -5.76 -1.45
N ILE A 82 -1.53 -5.37 -2.72
CA ILE A 82 -2.75 -4.78 -3.28
C ILE A 82 -3.01 -5.28 -4.69
N GLU A 83 -4.21 -5.78 -4.92
CA GLU A 83 -4.60 -6.29 -6.24
C GLU A 83 -5.51 -5.30 -6.96
N ASP A 84 -5.41 -5.27 -8.28
CA ASP A 84 -6.23 -4.38 -9.08
C ASP A 84 -7.71 -4.73 -8.96
N ILE A 85 -8.55 -3.91 -9.57
CA ILE A 85 -9.99 -4.14 -9.51
C ILE A 85 -10.41 -5.32 -10.39
N LYS A 86 -9.64 -5.54 -11.46
CA LYS A 86 -9.92 -6.64 -12.37
C LYS A 86 -9.32 -7.95 -11.85
N GLY A 87 -8.06 -7.89 -11.41
CA GLY A 87 -7.39 -9.06 -10.91
C GLY A 87 -5.99 -9.23 -11.46
N ARG A 88 -5.24 -8.13 -11.49
CA ARG A 88 -3.87 -8.16 -12.00
C ARG A 88 -2.86 -7.98 -10.87
N TRP A 89 -2.22 -9.06 -10.48
CA TRP A 89 -1.23 -9.03 -9.41
C TRP A 89 0.05 -9.72 -9.84
N GLY A 90 1.15 -8.97 -9.84
CA GLY A 90 2.43 -9.53 -10.24
C GLY A 90 3.26 -8.57 -11.07
N SER A 91 3.20 -7.29 -10.72
CA SER A 91 3.96 -6.27 -11.44
C SER A 91 4.29 -5.10 -10.53
N GLU A 92 5.14 -4.21 -11.01
CA GLU A 92 5.56 -3.04 -10.24
C GLU A 92 5.12 -1.75 -10.92
N ASN A 93 4.18 -1.86 -11.84
CA ASN A 93 3.68 -0.70 -12.57
C ASN A 93 2.40 -0.17 -11.93
N VAL A 94 2.52 0.93 -11.20
CA VAL A 94 1.38 1.55 -10.53
C VAL A 94 1.51 3.06 -10.52
N ASP A 95 0.49 3.74 -11.05
CA ASP A 95 0.49 5.20 -11.09
C ASP A 95 -0.44 5.78 -10.02
N ASP A 96 -0.16 6.99 -9.59
CA ASP A 96 -0.97 7.66 -8.58
C ASP A 96 -2.23 8.26 -9.19
N ASN A 97 -2.51 7.88 -10.44
CA ASN A 97 -3.68 8.37 -11.14
C ASN A 97 -4.93 7.61 -10.72
N ASN A 98 -6.08 8.00 -11.27
CA ASN A 98 -7.34 7.35 -10.96
C ASN A 98 -7.31 5.88 -11.35
N GLN A 99 -7.13 5.00 -10.37
CA GLN A 99 -7.07 3.57 -10.62
C GLN A 99 -7.61 2.79 -9.42
N LEU A 100 -8.85 2.30 -9.55
CA LEU A 100 -9.47 1.53 -8.49
C LEU A 100 -8.65 0.30 -8.13
N PHE A 101 -8.52 0.04 -6.84
CA PHE A 101 -7.76 -1.12 -6.37
C PHE A 101 -8.54 -1.89 -5.31
N ARG A 102 -8.00 -3.04 -4.91
CA ARG A 102 -8.65 -3.88 -3.91
C ARG A 102 -7.62 -4.71 -3.15
N PHE A 103 -8.04 -5.29 -2.03
CA PHE A 103 -7.16 -6.12 -1.21
C PHE A 103 -7.48 -7.60 -1.38
N PRO A 104 -6.43 -8.43 -1.43
CA PRO A 104 -6.58 -9.88 -1.58
C PRO A 104 -7.18 -10.54 -0.35
N ALA A 105 -7.38 -11.85 -0.41
CA ALA A 105 -7.93 -12.60 0.70
C ALA A 105 -6.83 -13.24 1.54
N GLY A 1 14.84 -18.02 17.90
CA GLY A 1 15.49 -18.31 16.63
C GLY A 1 14.86 -19.48 15.91
N SER A 2 13.76 -19.23 15.22
CA SER A 2 13.05 -20.27 14.49
C SER A 2 13.63 -20.43 13.07
N SER A 3 13.87 -19.30 12.42
CA SER A 3 14.41 -19.30 11.06
C SER A 3 15.68 -18.44 10.98
N GLY A 4 16.50 -18.70 9.97
CA GLY A 4 17.72 -17.94 9.79
C GLY A 4 17.53 -16.74 8.88
N SER A 5 17.45 -15.55 9.47
CA SER A 5 17.27 -14.33 8.70
C SER A 5 18.38 -13.33 9.01
N SER A 6 18.96 -12.76 7.95
CA SER A 6 20.04 -11.79 8.09
C SER A 6 19.53 -10.37 7.86
N GLY A 7 18.61 -10.23 6.91
CA GLY A 7 18.05 -8.93 6.60
C GLY A 7 16.84 -8.60 7.45
N TYR A 8 16.91 -8.95 8.73
CA TYR A 8 15.80 -8.69 9.65
C TYR A 8 15.59 -7.19 9.84
N ARG A 9 16.69 -6.48 10.11
CA ARG A 9 16.63 -5.04 10.32
C ARG A 9 15.65 -4.39 9.34
N ALA A 10 15.78 -4.74 8.07
CA ALA A 10 14.91 -4.20 7.04
C ALA A 10 13.52 -4.80 7.12
N THR A 11 13.45 -6.11 7.33
CA THR A 11 12.18 -6.81 7.43
C THR A 11 11.24 -6.12 8.41
N LYS A 12 11.65 -6.06 9.67
CA LYS A 12 10.85 -5.42 10.70
C LYS A 12 10.09 -4.22 10.14
N LEU A 13 10.82 -3.22 9.67
CA LEU A 13 10.23 -2.03 9.11
C LEU A 13 9.13 -2.38 8.11
N TRP A 14 9.52 -2.96 6.98
CA TRP A 14 8.57 -3.36 5.96
C TRP A 14 7.33 -3.99 6.58
N ASN A 15 7.54 -4.88 7.53
CA ASN A 15 6.43 -5.56 8.20
C ASN A 15 5.56 -4.55 8.96
N GLU A 16 6.19 -3.54 9.53
CA GLU A 16 5.48 -2.52 10.28
C GLU A 16 4.62 -1.67 9.35
N VAL A 17 5.25 -1.07 8.35
CA VAL A 17 4.54 -0.22 7.39
C VAL A 17 3.44 -1.00 6.69
N THR A 18 3.76 -2.22 6.26
CA THR A 18 2.79 -3.06 5.58
C THR A 18 1.61 -3.40 6.48
N THR A 19 1.91 -3.99 7.65
CA THR A 19 0.87 -4.35 8.59
C THR A 19 -0.07 -3.19 8.86
N SER A 20 0.49 -2.04 9.23
CA SER A 20 -0.31 -0.86 9.52
C SER A 20 -1.16 -0.47 8.30
N PHE A 21 -0.52 -0.46 7.14
CA PHE A 21 -1.22 -0.10 5.90
C PHE A 21 -2.42 -1.01 5.68
N ARG A 22 -2.23 -2.32 5.84
CA ARG A 22 -3.30 -3.28 5.65
C ARG A 22 -4.51 -2.92 6.51
N ALA A 23 -4.33 -2.97 7.83
CA ALA A 23 -5.40 -2.66 8.76
C ALA A 23 -5.98 -1.27 8.49
N GLY A 24 -5.14 -0.24 8.65
CA GLY A 24 -5.58 1.12 8.41
C GLY A 24 -7.03 1.34 8.80
N MET A 25 -7.87 1.59 7.81
CA MET A 25 -9.29 1.81 8.06
C MET A 25 -10.13 1.29 6.90
N PRO A 26 -11.42 1.03 7.18
CA PRO A 26 -12.36 0.51 6.17
C PRO A 26 -12.70 1.56 5.11
N LEU A 27 -13.60 1.21 4.19
CA LEU A 27 -14.00 2.12 3.13
C LEU A 27 -15.50 2.40 3.20
N ARG A 28 -15.85 3.63 3.57
CA ARG A 28 -17.24 4.04 3.68
C ARG A 28 -17.69 4.77 2.42
N LYS A 29 -16.92 5.76 2.01
CA LYS A 29 -17.24 6.54 0.82
C LYS A 29 -17.53 5.63 -0.37
N HIS A 30 -16.50 4.93 -0.84
CA HIS A 30 -16.65 4.02 -1.97
C HIS A 30 -17.64 2.91 -1.64
N ARG A 31 -18.77 2.90 -2.36
CA ARG A 31 -19.79 1.89 -2.14
C ARG A 31 -20.45 1.49 -3.47
N GLN A 32 -20.42 0.20 -3.77
CA GLN A 32 -21.00 -0.32 -5.00
C GLN A 32 -21.36 -1.79 -4.86
N HIS A 33 -22.34 -2.24 -5.64
CA HIS A 33 -22.76 -3.63 -5.61
C HIS A 33 -21.59 -4.57 -5.84
N PHE A 34 -21.53 -5.64 -5.06
CA PHE A 34 -20.45 -6.62 -5.18
C PHE A 34 -20.24 -7.03 -6.62
N LYS A 35 -21.33 -7.36 -7.31
CA LYS A 35 -21.26 -7.77 -8.71
C LYS A 35 -20.17 -6.99 -9.45
N LYS A 36 -20.21 -5.66 -9.33
CA LYS A 36 -19.23 -4.81 -9.99
C LYS A 36 -17.93 -4.77 -9.19
N TYR A 37 -17.99 -4.18 -8.00
CA TYR A 37 -16.81 -4.06 -7.14
C TYR A 37 -17.21 -3.67 -5.72
N GLY A 38 -16.27 -3.82 -4.79
CA GLY A 38 -16.54 -3.46 -3.40
C GLY A 38 -15.28 -3.34 -2.58
N ASN A 39 -15.29 -2.44 -1.61
CA ASN A 39 -14.13 -2.22 -0.74
C ASN A 39 -12.90 -1.88 -1.57
N CYS A 40 -13.05 -0.96 -2.51
CA CYS A 40 -11.96 -0.54 -3.37
C CYS A 40 -11.46 0.85 -2.98
N PHE A 41 -10.19 1.11 -3.23
CA PHE A 41 -9.58 2.40 -2.90
C PHE A 41 -8.75 2.92 -4.07
N THR A 42 -8.99 4.17 -4.44
CA THR A 42 -8.26 4.79 -5.55
C THR A 42 -6.78 4.94 -5.21
N ALA A 43 -5.92 4.50 -6.13
CA ALA A 43 -4.48 4.59 -5.95
C ALA A 43 -4.10 5.88 -5.24
N GLY A 44 -4.60 7.00 -5.75
CA GLY A 44 -4.29 8.30 -5.16
C GLY A 44 -4.58 8.33 -3.67
N GLU A 45 -5.80 7.97 -3.29
CA GLU A 45 -6.20 7.96 -1.90
C GLU A 45 -5.14 7.29 -1.03
N ALA A 46 -4.70 6.10 -1.46
CA ALA A 46 -3.68 5.36 -0.73
C ALA A 46 -2.42 6.18 -0.55
N VAL A 47 -1.99 6.84 -1.63
CA VAL A 47 -0.79 7.66 -1.60
C VAL A 47 -0.74 8.52 -0.34
N ASP A 48 -1.90 8.99 0.09
CA ASP A 48 -2.00 9.82 1.28
C ASP A 48 -1.95 8.97 2.54
N TRP A 49 -2.86 8.01 2.64
CA TRP A 49 -2.92 7.12 3.81
C TRP A 49 -1.54 6.55 4.11
N LEU A 50 -0.92 5.93 3.13
CA LEU A 50 0.40 5.33 3.30
C LEU A 50 1.46 6.41 3.55
N TYR A 51 1.35 7.51 2.81
CA TYR A 51 2.30 8.62 2.95
C TYR A 51 2.42 9.04 4.41
N ASP A 52 1.32 9.51 4.98
CA ASP A 52 1.30 9.95 6.37
C ASP A 52 2.03 8.96 7.27
N LEU A 53 1.75 7.67 7.05
CA LEU A 53 2.39 6.62 7.84
C LEU A 53 3.90 6.61 7.64
N LEU A 54 4.32 6.82 6.40
CA LEU A 54 5.74 6.84 6.07
C LEU A 54 6.45 7.97 6.80
N ARG A 55 5.92 9.18 6.68
CA ARG A 55 6.50 10.35 7.34
C ARG A 55 6.47 10.19 8.85
N ASN A 56 5.39 9.61 9.35
CA ASN A 56 5.22 9.41 10.79
C ASN A 56 6.36 8.55 11.34
N ASN A 57 6.77 7.55 10.57
CA ASN A 57 7.85 6.67 10.98
C ASN A 57 9.13 7.45 11.28
N SER A 58 10.08 6.80 11.94
CA SER A 58 11.35 7.44 12.29
C SER A 58 12.42 7.09 11.28
N ASN A 59 12.39 5.84 10.80
CA ASN A 59 13.37 5.38 9.82
C ASN A 59 13.39 6.28 8.60
N PHE A 60 12.21 6.67 8.13
CA PHE A 60 12.09 7.55 6.97
C PHE A 60 12.12 9.02 7.38
N GLY A 61 11.17 9.41 8.22
CA GLY A 61 11.09 10.78 8.66
C GLY A 61 10.14 11.62 7.83
N PRO A 62 9.94 12.87 8.25
CA PRO A 62 9.05 13.81 7.55
C PRO A 62 9.62 14.24 6.19
N GLU A 63 10.82 13.76 5.87
CA GLU A 63 11.46 14.09 4.61
C GLU A 63 10.84 13.32 3.46
N VAL A 64 10.24 12.18 3.78
CA VAL A 64 9.60 11.34 2.76
C VAL A 64 8.45 12.08 2.08
N THR A 65 8.49 12.12 0.76
CA THR A 65 7.45 12.80 -0.01
C THR A 65 6.69 11.82 -0.89
N ARG A 66 5.58 12.28 -1.47
CA ARG A 66 4.76 11.43 -2.33
C ARG A 66 5.63 10.58 -3.25
N GLN A 67 6.60 11.22 -3.91
CA GLN A 67 7.50 10.52 -4.82
C GLN A 67 7.98 9.21 -4.20
N GLN A 68 8.42 9.27 -2.95
CA GLN A 68 8.91 8.09 -2.25
C GLN A 68 7.78 7.09 -2.01
N THR A 69 6.61 7.61 -1.64
CA THR A 69 5.46 6.77 -1.37
C THR A 69 5.11 5.92 -2.59
N ILE A 70 4.88 6.59 -3.71
CA ILE A 70 4.53 5.89 -4.95
C ILE A 70 5.55 4.80 -5.26
N GLN A 71 6.82 5.11 -5.07
CA GLN A 71 7.89 4.15 -5.34
C GLN A 71 7.70 2.88 -4.53
N LEU A 72 7.42 3.05 -3.23
CA LEU A 72 7.21 1.91 -2.33
C LEU A 72 5.93 1.17 -2.70
N LEU A 73 4.89 1.92 -3.03
CA LEU A 73 3.60 1.33 -3.40
C LEU A 73 3.78 0.22 -4.42
N ARG A 74 4.75 0.40 -5.31
CA ARG A 74 5.03 -0.58 -6.34
C ARG A 74 5.36 -1.95 -5.73
N LYS A 75 6.24 -1.94 -4.73
CA LYS A 75 6.64 -3.16 -4.05
C LYS A 75 5.42 -3.94 -3.57
N PHE A 76 4.64 -3.33 -2.69
CA PHE A 76 3.45 -3.97 -2.15
C PHE A 76 2.72 -4.74 -3.22
N LEU A 77 2.31 -4.06 -4.29
CA LEU A 77 1.61 -4.68 -5.39
C LEU A 77 2.30 -5.97 -5.83
N LYS A 78 3.60 -5.87 -6.06
CA LYS A 78 4.39 -7.03 -6.49
C LYS A 78 4.47 -8.06 -5.37
N ASN A 79 4.38 -7.60 -4.13
CA ASN A 79 4.45 -8.50 -2.98
C ASN A 79 3.08 -9.11 -2.70
N HIS A 80 2.18 -9.03 -3.67
CA HIS A 80 0.84 -9.57 -3.52
C HIS A 80 0.14 -8.99 -2.30
N VAL A 81 0.47 -7.75 -1.98
CA VAL A 81 -0.13 -7.07 -0.84
C VAL A 81 -1.43 -6.37 -1.22
N ILE A 82 -1.46 -5.82 -2.42
CA ILE A 82 -2.66 -5.12 -2.91
C ILE A 82 -2.89 -5.41 -4.39
N GLU A 83 -4.03 -6.02 -4.70
CA GLU A 83 -4.37 -6.34 -6.07
C GLU A 83 -5.29 -5.28 -6.67
N ASP A 84 -5.18 -5.10 -7.98
CA ASP A 84 -6.00 -4.10 -8.68
C ASP A 84 -7.43 -4.61 -8.85
N ILE A 85 -8.28 -3.78 -9.45
CA ILE A 85 -9.67 -4.13 -9.67
C ILE A 85 -9.79 -5.19 -10.78
N LYS A 86 -8.81 -5.21 -11.67
CA LYS A 86 -8.81 -6.17 -12.77
C LYS A 86 -8.23 -7.50 -12.33
N GLY A 87 -7.07 -7.45 -11.66
CA GLY A 87 -6.43 -8.67 -11.19
C GLY A 87 -4.96 -8.71 -11.54
N ARG A 88 -4.25 -7.62 -11.27
CA ARG A 88 -2.83 -7.53 -11.55
C ARG A 88 -2.04 -7.20 -10.28
N TRP A 89 -1.25 -8.15 -9.80
CA TRP A 89 -0.46 -7.95 -8.61
C TRP A 89 1.03 -8.05 -8.93
N GLY A 90 1.38 -8.94 -9.85
CA GLY A 90 2.77 -9.12 -10.22
C GLY A 90 3.23 -8.08 -11.23
N SER A 91 3.38 -6.84 -10.75
CA SER A 91 3.82 -5.75 -11.62
C SER A 91 4.31 -4.57 -10.79
N GLU A 92 5.07 -3.69 -11.43
CA GLU A 92 5.61 -2.51 -10.74
C GLU A 92 5.08 -1.23 -11.38
N ASN A 93 4.00 -1.35 -12.14
CA ASN A 93 3.40 -0.20 -12.81
C ASN A 93 2.19 0.30 -12.03
N VAL A 94 2.37 1.40 -11.29
CA VAL A 94 1.29 1.98 -10.50
C VAL A 94 1.37 3.50 -10.50
N ASP A 95 0.23 4.15 -10.75
CA ASP A 95 0.17 5.61 -10.78
C ASP A 95 -0.84 6.12 -9.76
N ASP A 96 -0.79 7.42 -9.51
CA ASP A 96 -1.71 8.06 -8.56
C ASP A 96 -3.05 8.35 -9.21
N ASN A 97 -3.30 7.72 -10.36
CA ASN A 97 -4.56 7.92 -11.07
C ASN A 97 -5.74 7.41 -10.26
N ASN A 98 -6.94 7.57 -10.81
CA ASN A 98 -8.16 7.14 -10.13
C ASN A 98 -8.33 5.63 -10.24
N GLN A 99 -7.30 4.95 -10.72
CA GLN A 99 -7.33 3.50 -10.88
C GLN A 99 -7.74 2.83 -9.58
N LEU A 100 -8.87 2.13 -9.61
CA LEU A 100 -9.38 1.43 -8.43
C LEU A 100 -8.44 0.30 -8.03
N PHE A 101 -8.45 -0.04 -6.74
CA PHE A 101 -7.61 -1.12 -6.22
C PHE A 101 -8.35 -1.93 -5.16
N ARG A 102 -7.73 -3.03 -4.74
CA ARG A 102 -8.33 -3.90 -3.74
C ARG A 102 -7.27 -4.79 -3.08
N PHE A 103 -7.66 -5.50 -2.03
CA PHE A 103 -6.75 -6.37 -1.32
C PHE A 103 -7.02 -7.84 -1.68
N PRO A 104 -5.93 -8.60 -1.85
CA PRO A 104 -6.01 -10.03 -2.19
C PRO A 104 -6.56 -10.87 -1.05
N ALA A 105 -6.69 -12.18 -1.29
CA ALA A 105 -7.20 -13.09 -0.28
C ALA A 105 -6.07 -13.68 0.55
N GLY A 1 20.74 -20.67 10.67
CA GLY A 1 21.76 -19.72 10.27
C GLY A 1 22.26 -19.96 8.86
N SER A 2 23.07 -19.03 8.36
CA SER A 2 23.62 -19.14 7.02
C SER A 2 22.51 -19.17 5.97
N SER A 3 21.52 -18.30 6.15
CA SER A 3 20.40 -18.22 5.23
C SER A 3 20.59 -17.08 4.24
N GLY A 4 19.88 -17.16 3.11
CA GLY A 4 19.99 -16.14 2.10
C GLY A 4 19.18 -14.89 2.44
N SER A 5 19.26 -14.47 3.70
CA SER A 5 18.54 -13.29 4.16
C SER A 5 19.50 -12.17 4.51
N SER A 6 19.29 -11.00 3.92
CA SER A 6 20.13 -9.84 4.18
C SER A 6 19.43 -8.84 5.10
N GLY A 7 20.15 -8.38 6.11
CA GLY A 7 19.59 -7.43 7.05
C GLY A 7 18.29 -7.92 7.66
N TYR A 8 18.39 -8.59 8.80
CA TYR A 8 17.21 -9.11 9.49
C TYR A 8 16.28 -7.99 9.92
N ARG A 9 16.80 -7.09 10.76
CA ARG A 9 16.02 -5.95 11.24
C ARG A 9 15.18 -5.36 10.12
N ALA A 10 15.81 -5.10 8.99
CA ALA A 10 15.11 -4.52 7.84
C ALA A 10 13.68 -5.05 7.74
N THR A 11 13.53 -6.37 7.84
CA THR A 11 12.22 -7.01 7.75
C THR A 11 11.24 -6.37 8.74
N LYS A 12 11.62 -6.34 10.01
CA LYS A 12 10.77 -5.76 11.04
C LYS A 12 10.07 -4.50 10.53
N LEU A 13 10.81 -3.65 9.84
CA LEU A 13 10.25 -2.43 9.29
C LEU A 13 9.16 -2.73 8.26
N TRP A 14 9.53 -3.42 7.20
CA TRP A 14 8.58 -3.78 6.15
C TRP A 14 7.34 -4.42 6.74
N ASN A 15 7.54 -5.34 7.68
CA ASN A 15 6.42 -6.03 8.33
C ASN A 15 5.53 -5.04 9.08
N GLU A 16 6.16 -4.07 9.73
CA GLU A 16 5.43 -3.06 10.48
C GLU A 16 4.59 -2.18 9.55
N VAL A 17 5.25 -1.59 8.56
CA VAL A 17 4.58 -0.72 7.61
C VAL A 17 3.51 -1.50 6.82
N THR A 18 3.82 -2.75 6.51
CA THR A 18 2.90 -3.60 5.77
C THR A 18 1.66 -3.93 6.60
N THR A 19 1.87 -4.25 7.88
CA THR A 19 0.77 -4.59 8.77
C THR A 19 -0.12 -3.38 9.03
N SER A 20 0.49 -2.21 9.16
CA SER A 20 -0.24 -0.97 9.41
C SER A 20 -1.09 -0.60 8.21
N PHE A 21 -0.47 -0.57 7.02
CA PHE A 21 -1.17 -0.23 5.80
C PHE A 21 -2.50 -0.95 5.71
N ARG A 22 -2.47 -2.28 5.68
CA ARG A 22 -3.68 -3.08 5.61
C ARG A 22 -4.72 -2.59 6.61
N ALA A 23 -4.40 -2.69 7.89
CA ALA A 23 -5.31 -2.25 8.94
C ALA A 23 -5.76 -0.81 8.71
N GLY A 24 -4.90 -0.02 8.08
CA GLY A 24 -5.22 1.37 7.80
C GLY A 24 -6.70 1.58 7.56
N MET A 25 -7.30 0.70 6.77
CA MET A 25 -8.73 0.79 6.46
C MET A 25 -9.03 2.08 5.68
N PRO A 26 -8.22 2.35 4.65
CA PRO A 26 -8.38 3.54 3.82
C PRO A 26 -9.63 3.48 2.95
N LEU A 27 -10.44 2.45 3.17
CA LEU A 27 -11.67 2.26 2.40
C LEU A 27 -12.88 2.79 3.18
N ARG A 28 -13.36 3.97 2.78
CA ARG A 28 -14.51 4.57 3.45
C ARG A 28 -15.80 4.29 2.67
N LYS A 29 -15.90 4.86 1.48
CA LYS A 29 -17.08 4.68 0.64
C LYS A 29 -16.73 4.87 -0.84
N HIS A 30 -17.69 4.60 -1.71
CA HIS A 30 -17.49 4.74 -3.14
C HIS A 30 -18.81 5.03 -3.86
N ARG A 31 -18.85 6.15 -4.57
CA ARG A 31 -20.05 6.55 -5.30
C ARG A 31 -20.78 5.33 -5.85
N GLN A 32 -20.09 4.57 -6.71
CA GLN A 32 -20.67 3.37 -7.30
C GLN A 32 -21.24 2.44 -6.24
N HIS A 33 -22.46 1.97 -6.46
CA HIS A 33 -23.11 1.06 -5.51
C HIS A 33 -22.29 -0.21 -5.33
N PHE A 34 -22.37 -0.79 -4.13
CA PHE A 34 -21.64 -2.01 -3.81
C PHE A 34 -21.89 -3.08 -4.88
N LYS A 35 -23.15 -3.23 -5.28
CA LYS A 35 -23.51 -4.21 -6.30
C LYS A 35 -22.41 -4.35 -7.34
N LYS A 36 -21.89 -3.21 -7.81
CA LYS A 36 -20.83 -3.21 -8.81
C LYS A 36 -19.47 -3.37 -8.16
N TYR A 37 -19.11 -2.42 -7.30
CA TYR A 37 -17.83 -2.45 -6.60
C TYR A 37 -17.80 -1.42 -5.48
N GLY A 38 -16.81 -1.55 -4.61
CA GLY A 38 -16.68 -0.63 -3.49
C GLY A 38 -15.52 -0.98 -2.57
N ASN A 39 -15.30 -2.27 -2.37
CA ASN A 39 -14.22 -2.74 -1.51
C ASN A 39 -12.88 -2.22 -2.00
N CYS A 40 -12.78 -1.95 -3.30
CA CYS A 40 -11.55 -1.45 -3.89
C CYS A 40 -11.46 0.07 -3.73
N PHE A 41 -10.26 0.55 -3.38
CA PHE A 41 -10.04 1.97 -3.19
C PHE A 41 -9.08 2.52 -4.25
N THR A 42 -9.30 3.76 -4.66
CA THR A 42 -8.46 4.39 -5.66
C THR A 42 -7.01 4.50 -5.18
N ALA A 43 -6.08 4.30 -6.11
CA ALA A 43 -4.66 4.37 -5.78
C ALA A 43 -4.31 5.71 -5.16
N GLY A 44 -4.77 6.79 -5.79
CA GLY A 44 -4.50 8.13 -5.29
C GLY A 44 -4.59 8.20 -3.77
N GLU A 45 -5.81 8.10 -3.25
CA GLU A 45 -6.03 8.17 -1.80
C GLU A 45 -4.94 7.41 -1.06
N ALA A 46 -4.75 6.14 -1.41
CA ALA A 46 -3.74 5.31 -0.78
C ALA A 46 -2.44 6.08 -0.59
N VAL A 47 -2.03 6.81 -1.61
CA VAL A 47 -0.80 7.59 -1.56
C VAL A 47 -0.72 8.39 -0.26
N ASP A 48 -1.83 9.00 0.13
CA ASP A 48 -1.88 9.79 1.36
C ASP A 48 -1.81 8.90 2.58
N TRP A 49 -2.76 7.98 2.70
CA TRP A 49 -2.81 7.06 3.83
C TRP A 49 -1.43 6.48 4.10
N LEU A 50 -0.75 6.04 3.05
CA LEU A 50 0.59 5.47 3.20
C LEU A 50 1.61 6.54 3.53
N TYR A 51 1.56 7.65 2.80
CA TYR A 51 2.49 8.76 3.02
C TYR A 51 2.44 9.23 4.46
N ASP A 52 1.28 9.74 4.88
CA ASP A 52 1.11 10.22 6.24
C ASP A 52 1.68 9.23 7.25
N LEU A 53 1.50 7.94 6.98
CA LEU A 53 2.00 6.89 7.87
C LEU A 53 3.52 6.85 7.85
N LEU A 54 4.10 6.94 6.66
CA LEU A 54 5.55 6.91 6.51
C LEU A 54 6.18 8.14 7.15
N ARG A 55 5.85 9.31 6.64
CA ARG A 55 6.38 10.57 7.17
C ARG A 55 6.39 10.55 8.70
N ASN A 56 5.35 9.95 9.28
CA ASN A 56 5.23 9.87 10.73
C ASN A 56 6.29 8.93 11.31
N ASN A 57 6.57 7.84 10.60
CA ASN A 57 7.56 6.87 11.04
C ASN A 57 8.95 7.50 11.11
N SER A 58 9.81 6.92 11.94
CA SER A 58 11.16 7.43 12.11
C SER A 58 12.03 7.06 10.91
N ASN A 59 12.15 5.76 10.65
CA ASN A 59 12.95 5.28 9.53
C ASN A 59 12.84 6.22 8.33
N PHE A 60 11.62 6.38 7.83
CA PHE A 60 11.38 7.25 6.69
C PHE A 60 11.47 8.72 7.10
N GLY A 61 10.83 9.06 8.21
CA GLY A 61 10.86 10.43 8.70
C GLY A 61 9.97 11.35 7.87
N PRO A 62 9.67 12.54 8.42
CA PRO A 62 8.82 13.52 7.75
C PRO A 62 9.51 14.15 6.53
N GLU A 63 10.71 13.68 6.24
CA GLU A 63 11.48 14.20 5.11
C GLU A 63 11.17 13.41 3.84
N VAL A 64 10.08 12.65 3.88
CA VAL A 64 9.67 11.85 2.73
C VAL A 64 8.73 12.63 1.81
N THR A 65 8.82 12.37 0.52
CA THR A 65 7.98 13.04 -0.45
C THR A 65 7.10 12.05 -1.22
N ARG A 66 6.03 12.56 -1.82
CA ARG A 66 5.11 11.70 -2.57
C ARG A 66 5.89 10.70 -3.42
N GLN A 67 6.74 11.21 -4.30
CA GLN A 67 7.55 10.36 -5.17
C GLN A 67 7.94 9.08 -4.45
N GLN A 68 8.59 9.22 -3.31
CA GLN A 68 9.04 8.07 -2.53
C GLN A 68 7.86 7.16 -2.20
N THR A 69 6.73 7.76 -1.85
CA THR A 69 5.53 7.01 -1.50
C THR A 69 5.08 6.13 -2.66
N ILE A 70 4.83 6.74 -3.81
CA ILE A 70 4.40 6.01 -5.00
C ILE A 70 5.34 4.85 -5.29
N GLN A 71 6.65 5.12 -5.23
CA GLN A 71 7.65 4.09 -5.50
C GLN A 71 7.43 2.88 -4.61
N LEU A 72 7.45 3.10 -3.31
CA LEU A 72 7.25 2.02 -2.34
C LEU A 72 5.97 1.25 -2.63
N LEU A 73 4.91 1.98 -2.94
CA LEU A 73 3.62 1.37 -3.24
C LEU A 73 3.77 0.25 -4.28
N ARG A 74 4.58 0.53 -5.30
CA ARG A 74 4.82 -0.46 -6.37
C ARG A 74 5.23 -1.80 -5.77
N LYS A 75 6.22 -1.77 -4.88
CA LYS A 75 6.70 -2.98 -4.24
C LYS A 75 5.56 -3.80 -3.68
N PHE A 76 4.78 -3.19 -2.78
CA PHE A 76 3.65 -3.87 -2.16
C PHE A 76 2.89 -4.71 -3.19
N LEU A 77 2.42 -4.05 -4.25
CA LEU A 77 1.67 -4.73 -5.29
C LEU A 77 2.48 -5.87 -5.89
N LYS A 78 3.80 -5.72 -5.89
CA LYS A 78 4.70 -6.74 -6.43
C LYS A 78 4.79 -7.93 -5.47
N ASN A 79 4.90 -7.65 -4.18
CA ASN A 79 4.99 -8.69 -3.18
C ASN A 79 3.62 -9.32 -2.91
N HIS A 80 2.66 -9.01 -3.77
CA HIS A 80 1.31 -9.54 -3.63
C HIS A 80 0.63 -8.98 -2.38
N VAL A 81 0.96 -7.74 -2.05
CA VAL A 81 0.38 -7.08 -0.87
C VAL A 81 -0.95 -6.42 -1.22
N ILE A 82 -1.09 -6.02 -2.47
CA ILE A 82 -2.31 -5.37 -2.93
C ILE A 82 -2.61 -5.71 -4.39
N GLU A 83 -3.77 -6.32 -4.62
CA GLU A 83 -4.18 -6.70 -5.97
C GLU A 83 -5.13 -5.67 -6.56
N ASP A 84 -4.99 -5.41 -7.86
CA ASP A 84 -5.84 -4.45 -8.55
C ASP A 84 -7.18 -5.08 -8.93
N ILE A 85 -8.18 -4.24 -9.17
CA ILE A 85 -9.50 -4.71 -9.54
C ILE A 85 -9.42 -5.89 -10.49
N LYS A 86 -8.41 -5.89 -11.35
CA LYS A 86 -8.21 -6.96 -12.31
C LYS A 86 -7.62 -8.19 -11.64
N GLY A 87 -6.55 -7.98 -10.85
CA GLY A 87 -5.91 -9.08 -10.16
C GLY A 87 -4.46 -9.23 -10.54
N ARG A 88 -3.77 -8.11 -10.73
CA ARG A 88 -2.37 -8.12 -11.10
C ARG A 88 -1.48 -7.82 -9.89
N TRP A 89 -0.84 -8.85 -9.36
CA TRP A 89 0.03 -8.69 -8.20
C TRP A 89 1.48 -8.95 -8.58
N GLY A 90 1.78 -8.91 -9.87
CA GLY A 90 3.13 -9.14 -10.34
C GLY A 90 3.64 -8.02 -11.21
N SER A 91 3.68 -6.81 -10.65
CA SER A 91 4.15 -5.65 -11.39
C SER A 91 4.51 -4.51 -10.43
N GLU A 92 5.34 -3.59 -10.90
CA GLU A 92 5.76 -2.45 -10.10
C GLU A 92 5.30 -1.13 -10.72
N ASN A 93 4.33 -1.23 -11.63
CA ASN A 93 3.80 -0.04 -12.29
C ASN A 93 2.50 0.41 -11.65
N VAL A 94 2.57 1.47 -10.85
CA VAL A 94 1.40 2.00 -10.17
C VAL A 94 1.42 3.52 -10.15
N ASP A 95 0.33 4.14 -10.58
CA ASP A 95 0.21 5.59 -10.62
C ASP A 95 -0.90 6.07 -9.70
N ASP A 96 -0.94 7.38 -9.46
CA ASP A 96 -1.96 7.97 -8.60
C ASP A 96 -3.28 8.14 -9.35
N ASN A 97 -3.37 7.51 -10.52
CA ASN A 97 -4.58 7.59 -11.34
C ASN A 97 -5.80 7.17 -10.53
N ASN A 98 -6.96 7.23 -11.17
CA ASN A 98 -8.21 6.86 -10.51
C ASN A 98 -8.38 5.35 -10.47
N GLN A 99 -7.30 4.63 -10.79
CA GLN A 99 -7.33 3.17 -10.79
C GLN A 99 -7.73 2.64 -9.42
N LEU A 100 -8.61 1.65 -9.42
CA LEU A 100 -9.10 1.05 -8.17
C LEU A 100 -8.18 -0.09 -7.74
N PHE A 101 -7.97 -0.21 -6.43
CA PHE A 101 -7.12 -1.26 -5.88
C PHE A 101 -7.83 -1.99 -4.75
N ARG A 102 -7.43 -3.24 -4.52
CA ARG A 102 -8.03 -4.05 -3.46
C ARG A 102 -6.97 -4.93 -2.80
N PHE A 103 -7.37 -5.64 -1.75
CA PHE A 103 -6.47 -6.52 -1.03
C PHE A 103 -6.68 -7.97 -1.44
N PRO A 104 -5.57 -8.72 -1.56
CA PRO A 104 -5.61 -10.14 -1.94
C PRO A 104 -6.21 -11.02 -0.84
N ALA A 105 -6.62 -12.23 -1.22
CA ALA A 105 -7.21 -13.16 -0.27
C ALA A 105 -6.13 -13.86 0.55
N GLY A 1 11.92 -22.36 6.64
CA GLY A 1 13.07 -21.96 7.44
C GLY A 1 12.68 -21.36 8.77
N SER A 2 13.18 -21.94 9.85
CA SER A 2 12.87 -21.45 11.19
C SER A 2 13.70 -20.22 11.52
N SER A 3 15.03 -20.35 11.42
CA SER A 3 15.94 -19.25 11.71
C SER A 3 16.86 -18.98 10.52
N GLY A 4 16.63 -17.84 9.86
CA GLY A 4 17.45 -17.48 8.72
C GLY A 4 16.67 -16.72 7.67
N SER A 5 16.51 -15.42 7.88
CA SER A 5 15.77 -14.57 6.95
C SER A 5 16.71 -13.61 6.22
N SER A 6 16.16 -12.88 5.25
CA SER A 6 16.96 -11.92 4.49
C SER A 6 16.64 -10.49 4.92
N GLY A 7 17.67 -9.65 4.96
CA GLY A 7 17.49 -8.26 5.34
C GLY A 7 16.63 -8.12 6.59
N TYR A 8 17.07 -8.74 7.68
CA TYR A 8 16.33 -8.69 8.94
C TYR A 8 16.01 -7.25 9.32
N ARG A 9 17.05 -6.44 9.50
CA ARG A 9 16.87 -5.04 9.86
C ARG A 9 15.65 -4.44 9.16
N ALA A 10 15.54 -4.70 7.87
CA ALA A 10 14.42 -4.19 7.08
C ALA A 10 13.13 -4.95 7.40
N THR A 11 13.23 -6.27 7.43
CA THR A 11 12.08 -7.12 7.73
C THR A 11 11.22 -6.52 8.84
N LYS A 12 11.84 -6.33 10.00
CA LYS A 12 11.14 -5.77 11.15
C LYS A 12 10.30 -4.56 10.75
N LEU A 13 10.87 -3.71 9.91
CA LEU A 13 10.17 -2.51 9.43
C LEU A 13 9.10 -2.88 8.43
N TRP A 14 9.51 -3.44 7.30
CA TRP A 14 8.58 -3.84 6.25
C TRP A 14 7.35 -4.51 6.86
N ASN A 15 7.55 -5.29 7.92
CA ASN A 15 6.46 -5.98 8.58
C ASN A 15 5.57 -5.00 9.34
N GLU A 16 6.19 -3.96 9.89
CA GLU A 16 5.47 -2.95 10.65
C GLU A 16 4.60 -2.10 9.72
N VAL A 17 5.22 -1.57 8.66
CA VAL A 17 4.51 -0.74 7.70
C VAL A 17 3.37 -1.51 7.03
N THR A 18 3.65 -2.76 6.66
CA THR A 18 2.65 -3.61 6.01
C THR A 18 1.46 -3.84 6.93
N THR A 19 1.74 -4.21 8.18
CA THR A 19 0.68 -4.48 9.14
C THR A 19 -0.22 -3.26 9.32
N SER A 20 0.39 -2.08 9.34
CA SER A 20 -0.38 -0.84 9.51
C SER A 20 -1.19 -0.54 8.26
N PHE A 21 -0.51 -0.44 7.12
CA PHE A 21 -1.17 -0.14 5.86
C PHE A 21 -2.30 -1.14 5.60
N ARG A 22 -2.00 -2.42 5.72
CA ARG A 22 -2.99 -3.47 5.50
C ARG A 22 -4.31 -3.11 6.15
N ALA A 23 -4.28 -2.88 7.46
CA ALA A 23 -5.49 -2.53 8.21
C ALA A 23 -5.99 -1.15 7.81
N GLY A 24 -5.18 -0.13 8.08
CA GLY A 24 -5.57 1.23 7.75
C GLY A 24 -7.06 1.46 7.89
N MET A 25 -7.66 2.01 6.84
CA MET A 25 -9.10 2.28 6.85
C MET A 25 -9.86 1.20 6.09
N PRO A 26 -11.13 1.00 6.47
CA PRO A 26 -12.00 0.00 5.84
C PRO A 26 -12.38 0.38 4.42
N LEU A 27 -12.87 1.60 4.25
CA LEU A 27 -13.28 2.10 2.93
C LEU A 27 -13.52 3.60 2.97
N ARG A 28 -13.57 4.21 1.79
CA ARG A 28 -13.80 5.64 1.67
C ARG A 28 -14.86 5.95 0.62
N LYS A 29 -15.62 7.02 0.84
CA LYS A 29 -16.67 7.42 -0.08
C LYS A 29 -16.08 7.85 -1.42
N HIS A 30 -16.58 7.25 -2.49
CA HIS A 30 -16.10 7.56 -3.84
C HIS A 30 -17.21 8.21 -4.67
N ARG A 31 -16.82 8.80 -5.79
CA ARG A 31 -17.79 9.46 -6.68
C ARG A 31 -18.92 8.50 -7.05
N GLN A 32 -18.57 7.38 -7.66
CA GLN A 32 -19.55 6.39 -8.07
C GLN A 32 -19.92 5.47 -6.91
N HIS A 33 -21.04 4.78 -7.04
CA HIS A 33 -21.50 3.87 -6.00
C HIS A 33 -20.52 2.72 -5.80
N PHE A 34 -20.02 2.59 -4.58
CA PHE A 34 -19.06 1.53 -4.26
C PHE A 34 -19.37 0.25 -5.04
N LYS A 35 -20.61 -0.21 -4.92
CA LYS A 35 -21.04 -1.42 -5.61
C LYS A 35 -20.34 -1.55 -6.97
N LYS A 36 -20.51 -0.54 -7.80
CA LYS A 36 -19.89 -0.53 -9.12
C LYS A 36 -18.50 -1.15 -9.08
N TYR A 37 -17.63 -0.60 -8.24
CA TYR A 37 -16.27 -1.10 -8.09
C TYR A 37 -16.24 -2.40 -7.29
N GLY A 38 -16.64 -2.30 -6.02
CA GLY A 38 -16.65 -3.47 -5.16
C GLY A 38 -15.69 -3.35 -4.00
N ASN A 39 -15.84 -2.29 -3.20
CA ASN A 39 -14.98 -2.07 -2.06
C ASN A 39 -13.54 -1.77 -2.50
N CYS A 40 -13.41 -0.96 -3.54
CA CYS A 40 -12.10 -0.60 -4.07
C CYS A 40 -11.79 0.87 -3.79
N PHE A 41 -10.54 1.14 -3.43
CA PHE A 41 -10.11 2.51 -3.14
C PHE A 41 -9.15 3.02 -4.21
N THR A 42 -9.27 4.30 -4.53
CA THR A 42 -8.42 4.91 -5.54
C THR A 42 -6.98 5.02 -5.05
N ALA A 43 -6.03 4.76 -5.94
CA ALA A 43 -4.61 4.82 -5.60
C ALA A 43 -4.28 6.16 -4.95
N GLY A 44 -4.77 7.24 -5.53
CA GLY A 44 -4.50 8.57 -5.00
C GLY A 44 -4.69 8.63 -3.50
N GLU A 45 -5.90 8.28 -3.04
CA GLU A 45 -6.21 8.31 -1.62
C GLU A 45 -5.20 7.48 -0.83
N ALA A 46 -4.86 6.30 -1.35
CA ALA A 46 -3.90 5.42 -0.69
C ALA A 46 -2.55 6.11 -0.53
N VAL A 47 -2.06 6.70 -1.61
CA VAL A 47 -0.78 7.40 -1.59
C VAL A 47 -0.64 8.25 -0.33
N ASP A 48 -1.69 8.97 0.01
CA ASP A 48 -1.69 9.83 1.19
C ASP A 48 -1.74 9.00 2.46
N TRP A 49 -2.56 7.95 2.46
CA TRP A 49 -2.70 7.09 3.61
C TRP A 49 -1.36 6.44 3.98
N LEU A 50 -0.61 6.03 2.96
CA LEU A 50 0.68 5.40 3.17
C LEU A 50 1.76 6.45 3.46
N TYR A 51 1.72 7.55 2.70
CA TYR A 51 2.68 8.62 2.87
C TYR A 51 2.59 9.23 4.27
N ASP A 52 1.37 9.43 4.74
CA ASP A 52 1.14 9.99 6.07
C ASP A 52 1.56 9.01 7.15
N LEU A 53 1.59 7.73 6.81
CA LEU A 53 1.97 6.69 7.76
C LEU A 53 3.48 6.51 7.79
N LEU A 54 4.13 6.82 6.68
CA LEU A 54 5.58 6.69 6.57
C LEU A 54 6.28 7.90 7.20
N ARG A 55 5.76 9.09 6.90
CA ARG A 55 6.34 10.32 7.43
C ARG A 55 6.43 10.26 8.96
N ASN A 56 5.42 9.67 9.58
CA ASN A 56 5.40 9.55 11.04
C ASN A 56 6.52 8.64 11.53
N ASN A 57 6.79 7.58 10.78
CA ASN A 57 7.84 6.63 11.13
C ASN A 57 9.21 7.32 11.15
N SER A 58 10.12 6.79 11.95
CA SER A 58 11.46 7.34 12.07
C SER A 58 12.34 6.88 10.91
N ASN A 59 12.33 5.58 10.65
CA ASN A 59 13.13 5.01 9.57
C ASN A 59 13.08 5.91 8.33
N PHE A 60 11.89 6.14 7.82
CA PHE A 60 11.71 6.98 6.64
C PHE A 60 11.76 8.46 7.01
N GLY A 61 10.97 8.84 8.01
CA GLY A 61 10.94 10.22 8.45
C GLY A 61 10.00 11.07 7.61
N PRO A 62 9.79 12.32 8.05
CA PRO A 62 8.90 13.26 7.35
C PRO A 62 9.48 13.71 6.02
N GLU A 63 10.73 13.32 5.75
CA GLU A 63 11.40 13.70 4.50
C GLU A 63 10.73 13.02 3.32
N VAL A 64 10.04 11.92 3.57
CA VAL A 64 9.36 11.17 2.52
C VAL A 64 8.35 12.06 1.78
N THR A 65 8.34 11.96 0.47
CA THR A 65 7.43 12.75 -0.35
C THR A 65 6.62 11.85 -1.28
N ARG A 66 5.53 12.40 -1.82
CA ARG A 66 4.67 11.65 -2.74
C ARG A 66 5.50 10.76 -3.65
N GLN A 67 6.43 11.38 -4.38
CA GLN A 67 7.29 10.64 -5.30
C GLN A 67 7.74 9.32 -4.68
N GLN A 68 8.50 9.41 -3.60
CA GLN A 68 9.00 8.22 -2.91
C GLN A 68 7.86 7.25 -2.61
N THR A 69 6.75 7.79 -2.11
CA THR A 69 5.59 6.97 -1.78
C THR A 69 5.17 6.11 -2.96
N ILE A 70 5.01 6.74 -4.12
CA ILE A 70 4.61 6.03 -5.32
C ILE A 70 5.53 4.86 -5.61
N GLN A 71 6.84 5.10 -5.53
CA GLN A 71 7.83 4.07 -5.77
C GLN A 71 7.67 2.91 -4.79
N LEU A 72 7.53 3.24 -3.52
CA LEU A 72 7.36 2.23 -2.47
C LEU A 72 6.10 1.40 -2.72
N LEU A 73 4.97 2.09 -2.82
CA LEU A 73 3.69 1.42 -3.04
C LEU A 73 3.86 0.24 -4.00
N ARG A 74 4.62 0.45 -5.07
CA ARG A 74 4.86 -0.59 -6.06
C ARG A 74 5.23 -1.91 -5.38
N LYS A 75 6.24 -1.87 -4.53
CA LYS A 75 6.68 -3.06 -3.82
C LYS A 75 5.50 -3.87 -3.30
N PHE A 76 4.60 -3.20 -2.60
CA PHE A 76 3.42 -3.86 -2.05
C PHE A 76 2.71 -4.70 -3.12
N LEU A 77 2.33 -4.05 -4.22
CA LEU A 77 1.66 -4.73 -5.32
C LEU A 77 2.50 -5.90 -5.84
N LYS A 78 3.81 -5.68 -5.91
CA LYS A 78 4.73 -6.71 -6.38
C LYS A 78 4.69 -7.93 -5.46
N ASN A 79 4.67 -7.69 -4.16
CA ASN A 79 4.63 -8.76 -3.18
C ASN A 79 3.22 -9.33 -3.03
N HIS A 80 2.35 -8.95 -3.96
CA HIS A 80 0.96 -9.41 -3.92
C HIS A 80 0.25 -8.94 -2.65
N VAL A 81 0.64 -7.77 -2.18
CA VAL A 81 0.05 -7.21 -0.96
C VAL A 81 -1.27 -6.50 -1.27
N ILE A 82 -1.38 -5.98 -2.49
CA ILE A 82 -2.58 -5.28 -2.91
C ILE A 82 -2.84 -5.46 -4.40
N GLU A 83 -4.06 -5.83 -4.74
CA GLU A 83 -4.44 -6.05 -6.14
C GLU A 83 -5.25 -4.87 -6.67
N ASP A 84 -5.45 -4.84 -7.98
CA ASP A 84 -6.22 -3.78 -8.62
C ASP A 84 -7.69 -4.17 -8.74
N ILE A 85 -8.51 -3.21 -9.16
CA ILE A 85 -9.94 -3.45 -9.32
C ILE A 85 -10.21 -4.86 -9.85
N LYS A 86 -9.51 -5.22 -10.92
CA LYS A 86 -9.67 -6.53 -11.53
C LYS A 86 -9.12 -7.62 -10.62
N GLY A 87 -7.91 -7.39 -10.09
CA GLY A 87 -7.30 -8.36 -9.20
C GLY A 87 -6.05 -8.98 -9.80
N ARG A 88 -5.30 -8.18 -10.54
CA ARG A 88 -4.07 -8.65 -11.17
C ARG A 88 -2.84 -8.15 -10.41
N TRP A 89 -2.11 -9.09 -9.80
CA TRP A 89 -0.92 -8.74 -9.04
C TRP A 89 0.34 -9.02 -9.84
N GLY A 90 1.49 -8.69 -9.27
CA GLY A 90 2.75 -8.91 -9.95
C GLY A 90 2.96 -7.96 -11.12
N SER A 91 2.65 -6.69 -10.90
CA SER A 91 2.80 -5.68 -11.94
C SER A 91 3.84 -4.63 -11.54
N GLU A 92 3.98 -4.41 -10.24
CA GLU A 92 4.94 -3.44 -9.73
C GLU A 92 4.81 -2.11 -10.47
N ASN A 93 3.59 -1.79 -10.90
CA ASN A 93 3.34 -0.55 -11.63
C ASN A 93 2.12 0.18 -11.06
N VAL A 94 2.37 1.25 -10.31
CA VAL A 94 1.30 2.02 -9.71
C VAL A 94 1.59 3.52 -9.79
N ASP A 95 0.61 4.33 -9.46
CA ASP A 95 0.75 5.78 -9.47
C ASP A 95 -0.32 6.46 -8.63
N ASP A 96 -0.22 7.78 -8.51
CA ASP A 96 -1.17 8.54 -7.72
C ASP A 96 -2.45 8.80 -8.52
N ASN A 97 -2.59 8.11 -9.65
CA ASN A 97 -3.76 8.26 -10.51
C ASN A 97 -5.01 7.75 -9.80
N ASN A 98 -6.15 7.88 -10.48
CA ASN A 98 -7.42 7.43 -9.92
C ASN A 98 -7.59 5.92 -10.08
N GLN A 99 -6.49 5.25 -10.45
CA GLN A 99 -6.52 3.80 -10.63
C GLN A 99 -7.03 3.10 -9.38
N LEU A 100 -8.28 2.66 -9.43
CA LEU A 100 -8.90 1.98 -8.31
C LEU A 100 -8.09 0.75 -7.90
N PHE A 101 -8.08 0.44 -6.62
CA PHE A 101 -7.34 -0.71 -6.10
C PHE A 101 -8.18 -1.50 -5.09
N ARG A 102 -7.64 -2.63 -4.64
CA ARG A 102 -8.34 -3.47 -3.67
C ARG A 102 -7.41 -4.52 -3.10
N PHE A 103 -7.74 -5.03 -1.92
CA PHE A 103 -6.93 -6.05 -1.26
C PHE A 103 -7.34 -7.44 -1.73
N PRO A 104 -6.33 -8.31 -1.93
CA PRO A 104 -6.55 -9.69 -2.37
C PRO A 104 -7.22 -10.55 -1.29
N ALA A 105 -7.84 -11.64 -1.71
CA ALA A 105 -8.51 -12.54 -0.78
C ALA A 105 -7.68 -12.74 0.48
N GLY A 1 9.09 -18.35 5.66
CA GLY A 1 10.03 -18.91 4.72
C GLY A 1 11.45 -18.95 5.25
N SER A 2 12.06 -17.78 5.38
CA SER A 2 13.42 -17.68 5.88
C SER A 2 13.60 -16.44 6.74
N SER A 3 14.45 -16.54 7.76
CA SER A 3 14.71 -15.42 8.66
C SER A 3 15.63 -14.40 8.00
N GLY A 4 15.25 -13.13 8.09
CA GLY A 4 16.07 -12.07 7.51
C GLY A 4 17.54 -12.30 7.71
N SER A 5 18.25 -12.62 6.64
CA SER A 5 19.69 -12.87 6.71
C SER A 5 20.47 -11.56 6.52
N SER A 6 20.04 -10.77 5.54
CA SER A 6 20.70 -9.50 5.26
C SER A 6 20.52 -8.52 6.41
N GLY A 7 19.29 -8.40 6.89
CA GLY A 7 18.99 -7.50 7.99
C GLY A 7 17.89 -8.02 8.89
N TYR A 8 18.26 -8.85 9.84
CA TYR A 8 17.29 -9.42 10.78
C TYR A 8 16.26 -8.38 11.20
N ARG A 9 16.74 -7.16 11.48
CA ARG A 9 15.86 -6.08 11.89
C ARG A 9 15.36 -5.30 10.68
N ALA A 10 16.19 -5.20 9.66
CA ALA A 10 15.83 -4.49 8.45
C ALA A 10 14.51 -4.98 7.88
N THR A 11 14.35 -6.30 7.85
CA THR A 11 13.13 -6.92 7.33
C THR A 11 11.93 -6.56 8.20
N LYS A 12 12.09 -6.66 9.51
CA LYS A 12 11.03 -6.34 10.46
C LYS A 12 10.28 -5.09 10.01
N LEU A 13 10.97 -4.18 9.35
CA LEU A 13 10.36 -2.94 8.88
C LEU A 13 9.30 -3.22 7.82
N TRP A 14 9.70 -3.90 6.75
CA TRP A 14 8.78 -4.24 5.68
C TRP A 14 7.51 -4.89 6.22
N ASN A 15 7.69 -5.81 7.17
CA ASN A 15 6.56 -6.51 7.77
C ASN A 15 5.70 -5.55 8.59
N GLU A 16 6.36 -4.59 9.23
CA GLU A 16 5.65 -3.60 10.05
C GLU A 16 4.79 -2.68 9.18
N VAL A 17 5.44 -1.99 8.25
CA VAL A 17 4.75 -1.07 7.35
C VAL A 17 3.51 -1.73 6.76
N THR A 18 3.70 -2.88 6.12
CA THR A 18 2.58 -3.60 5.52
C THR A 18 1.41 -3.71 6.47
N THR A 19 1.69 -4.08 7.71
CA THR A 19 0.64 -4.22 8.72
C THR A 19 -0.14 -2.93 8.89
N SER A 20 0.56 -1.86 9.27
CA SER A 20 -0.07 -0.56 9.47
C SER A 20 -1.01 -0.23 8.32
N PHE A 21 -0.47 -0.26 7.09
CA PHE A 21 -1.26 0.03 5.91
C PHE A 21 -2.60 -0.71 5.94
N ARG A 22 -2.52 -2.04 5.95
CA ARG A 22 -3.72 -2.87 5.98
C ARG A 22 -4.65 -2.45 7.11
N ALA A 23 -4.14 -2.48 8.34
CA ALA A 23 -4.92 -2.10 9.51
C ALA A 23 -5.41 -0.66 9.38
N GLY A 24 -4.71 0.14 8.59
CA GLY A 24 -5.09 1.53 8.40
C GLY A 24 -6.59 1.71 8.32
N MET A 25 -7.13 1.58 7.12
CA MET A 25 -8.57 1.74 6.89
C MET A 25 -9.11 0.62 6.02
N PRO A 26 -10.14 -0.08 6.52
CA PRO A 26 -10.78 -1.18 5.80
C PRO A 26 -11.56 -0.71 4.57
N LEU A 27 -12.13 -1.66 3.84
CA LEU A 27 -12.90 -1.34 2.64
C LEU A 27 -14.11 -0.48 2.99
N ARG A 28 -14.24 0.65 2.29
CA ARG A 28 -15.35 1.57 2.52
C ARG A 28 -15.99 2.00 1.20
N LYS A 29 -17.20 2.54 1.28
CA LYS A 29 -17.92 2.99 0.09
C LYS A 29 -17.14 4.09 -0.62
N HIS A 30 -17.69 4.56 -1.74
CA HIS A 30 -17.05 5.61 -2.51
C HIS A 30 -18.09 6.53 -3.14
N ARG A 31 -17.65 7.72 -3.55
CA ARG A 31 -18.55 8.70 -4.16
C ARG A 31 -18.86 8.31 -5.61
N GLN A 32 -17.96 7.57 -6.22
CA GLN A 32 -18.14 7.12 -7.60
C GLN A 32 -19.38 6.24 -7.73
N HIS A 33 -19.89 6.13 -8.95
CA HIS A 33 -21.07 5.31 -9.22
C HIS A 33 -20.88 3.89 -8.67
N PHE A 34 -21.97 3.14 -8.61
CA PHE A 34 -21.92 1.77 -8.11
C PHE A 34 -21.45 0.80 -9.19
N LYS A 35 -22.04 0.93 -10.37
CA LYS A 35 -21.68 0.06 -11.50
C LYS A 35 -20.20 0.16 -11.80
N LYS A 36 -19.58 -0.98 -12.10
CA LYS A 36 -18.16 -1.03 -12.41
C LYS A 36 -17.31 -0.69 -11.18
N TYR A 37 -17.64 -1.32 -10.06
CA TYR A 37 -16.92 -1.08 -8.82
C TYR A 37 -17.04 -2.27 -7.87
N GLY A 38 -16.13 -2.36 -6.91
CA GLY A 38 -16.16 -3.45 -5.96
C GLY A 38 -15.29 -3.19 -4.74
N ASN A 39 -15.72 -2.26 -3.90
CA ASN A 39 -14.98 -1.91 -2.70
C ASN A 39 -13.53 -1.56 -3.03
N CYS A 40 -13.32 -0.98 -4.20
CA CYS A 40 -11.99 -0.60 -4.65
C CYS A 40 -11.76 0.90 -4.45
N PHE A 41 -10.53 1.26 -4.09
CA PHE A 41 -10.17 2.65 -3.86
C PHE A 41 -9.09 3.10 -4.82
N THR A 42 -9.26 4.30 -5.40
CA THR A 42 -8.29 4.84 -6.34
C THR A 42 -6.90 4.90 -5.72
N ALA A 43 -5.92 4.41 -6.45
CA ALA A 43 -4.53 4.42 -5.98
C ALA A 43 -4.18 5.76 -5.35
N GLY A 44 -4.71 6.84 -5.92
CA GLY A 44 -4.44 8.16 -5.39
C GLY A 44 -4.67 8.25 -3.90
N GLU A 45 -5.81 7.77 -3.45
CA GLU A 45 -6.15 7.80 -2.02
C GLU A 45 -5.03 7.18 -1.19
N ALA A 46 -4.66 5.95 -1.54
CA ALA A 46 -3.60 5.25 -0.82
C ALA A 46 -2.36 6.12 -0.66
N VAL A 47 -1.98 6.80 -1.74
CA VAL A 47 -0.81 7.68 -1.72
C VAL A 47 -0.78 8.52 -0.44
N ASP A 48 -1.94 9.05 -0.07
CA ASP A 48 -2.05 9.87 1.13
C ASP A 48 -1.96 9.02 2.39
N TRP A 49 -2.90 8.08 2.52
CA TRP A 49 -2.93 7.19 3.69
C TRP A 49 -1.53 6.68 4.01
N LEU A 50 -0.91 6.00 3.05
CA LEU A 50 0.43 5.45 3.24
C LEU A 50 1.43 6.56 3.56
N TYR A 51 1.44 7.59 2.72
CA TYR A 51 2.36 8.71 2.90
C TYR A 51 2.37 9.16 4.36
N ASP A 52 1.24 9.68 4.82
CA ASP A 52 1.12 10.16 6.20
C ASP A 52 1.81 9.20 7.16
N LEU A 53 1.61 7.90 6.95
CA LEU A 53 2.22 6.88 7.79
C LEU A 53 3.73 6.90 7.67
N LEU A 54 4.22 6.95 6.43
CA LEU A 54 5.65 6.97 6.18
C LEU A 54 6.31 8.17 6.87
N ARG A 55 5.78 9.36 6.62
CA ARG A 55 6.31 10.57 7.22
C ARG A 55 6.19 10.53 8.74
N ASN A 56 5.07 9.99 9.22
CA ASN A 56 4.84 9.89 10.65
C ASN A 56 5.95 9.10 11.34
N ASN A 57 6.58 8.20 10.60
CA ASN A 57 7.66 7.39 11.12
C ASN A 57 8.97 8.18 11.16
N SER A 58 9.93 7.69 11.94
CA SER A 58 11.22 8.34 12.07
C SER A 58 12.16 7.89 10.95
N ASN A 59 12.39 6.60 10.86
CA ASN A 59 13.27 6.04 9.85
C ASN A 59 13.17 6.83 8.55
N PHE A 60 11.94 7.13 8.14
CA PHE A 60 11.71 7.88 6.91
C PHE A 60 11.62 9.38 7.21
N GLY A 61 10.97 9.72 8.31
CA GLY A 61 10.83 11.12 8.68
C GLY A 61 9.93 11.88 7.73
N PRO A 62 9.71 13.17 8.02
CA PRO A 62 8.86 14.04 7.20
C PRO A 62 9.50 14.35 5.84
N GLU A 63 10.70 13.82 5.62
CA GLU A 63 11.42 14.04 4.36
C GLU A 63 10.74 13.30 3.21
N VAL A 64 10.15 12.15 3.52
CA VAL A 64 9.47 11.34 2.51
C VAL A 64 8.35 12.14 1.84
N THR A 65 8.38 12.17 0.51
CA THR A 65 7.37 12.89 -0.25
C THR A 65 6.58 11.95 -1.16
N ARG A 66 5.47 12.45 -1.71
CA ARG A 66 4.64 11.65 -2.59
C ARG A 66 5.49 10.73 -3.46
N GLN A 67 6.46 11.31 -4.16
CA GLN A 67 7.34 10.53 -5.01
C GLN A 67 7.84 9.28 -4.31
N GLN A 68 8.47 9.48 -3.15
CA GLN A 68 9.00 8.36 -2.38
C GLN A 68 7.90 7.39 -2.00
N THR A 69 6.74 7.93 -1.62
CA THR A 69 5.60 7.12 -1.23
C THR A 69 5.20 6.16 -2.35
N ILE A 70 5.04 6.69 -3.55
CA ILE A 70 4.66 5.88 -4.70
C ILE A 70 5.68 4.78 -4.95
N GLN A 71 6.95 5.09 -4.72
CA GLN A 71 8.03 4.12 -4.93
C GLN A 71 7.78 2.86 -4.12
N LEU A 72 7.38 3.04 -2.86
CA LEU A 72 7.11 1.91 -1.97
C LEU A 72 5.82 1.20 -2.37
N LEU A 73 4.86 1.97 -2.87
CA LEU A 73 3.57 1.42 -3.29
C LEU A 73 3.77 0.30 -4.31
N ARG A 74 4.70 0.51 -5.24
CA ARG A 74 4.98 -0.48 -6.27
C ARG A 74 5.33 -1.83 -5.65
N LYS A 75 6.26 -1.82 -4.69
CA LYS A 75 6.68 -3.04 -4.02
C LYS A 75 5.48 -3.85 -3.56
N PHE A 76 4.63 -3.23 -2.75
CA PHE A 76 3.43 -3.89 -2.23
C PHE A 76 2.77 -4.72 -3.32
N LEU A 77 2.34 -4.05 -4.39
CA LEU A 77 1.67 -4.73 -5.50
C LEU A 77 2.44 -5.98 -5.92
N LYS A 78 3.77 -5.88 -5.91
CA LYS A 78 4.62 -7.00 -6.29
C LYS A 78 4.60 -8.08 -5.21
N ASN A 79 4.49 -7.65 -3.96
CA ASN A 79 4.45 -8.58 -2.84
C ASN A 79 3.04 -9.12 -2.63
N HIS A 80 2.18 -8.94 -3.62
CA HIS A 80 0.80 -9.41 -3.53
C HIS A 80 0.11 -8.83 -2.31
N VAL A 81 0.44 -7.60 -1.97
CA VAL A 81 -0.15 -6.94 -0.81
C VAL A 81 -1.43 -6.21 -1.19
N ILE A 82 -1.49 -5.75 -2.44
CA ILE A 82 -2.66 -5.05 -2.94
C ILE A 82 -2.97 -5.44 -4.38
N GLU A 83 -4.22 -5.81 -4.63
CA GLU A 83 -4.65 -6.20 -5.96
C GLU A 83 -5.64 -5.19 -6.54
N ASP A 84 -5.66 -5.07 -7.86
CA ASP A 84 -6.56 -4.14 -8.53
C ASP A 84 -7.99 -4.66 -8.51
N ILE A 85 -8.91 -3.87 -9.06
CA ILE A 85 -10.32 -4.25 -9.09
C ILE A 85 -10.50 -5.65 -9.64
N LYS A 86 -9.74 -5.97 -10.69
CA LYS A 86 -9.81 -7.29 -11.31
C LYS A 86 -9.23 -8.36 -10.38
N GLY A 87 -8.09 -8.06 -9.78
CA GLY A 87 -7.46 -9.01 -8.87
C GLY A 87 -6.22 -9.64 -9.48
N ARG A 88 -5.53 -8.90 -10.33
CA ARG A 88 -4.32 -9.39 -10.98
C ARG A 88 -3.07 -8.80 -10.32
N TRP A 89 -2.24 -9.68 -9.77
CA TRP A 89 -1.01 -9.23 -9.11
C TRP A 89 0.22 -9.72 -9.87
N GLY A 90 1.39 -9.19 -9.51
CA GLY A 90 2.61 -9.58 -10.17
C GLY A 90 3.19 -8.47 -11.03
N SER A 91 2.97 -7.23 -10.61
CA SER A 91 3.46 -6.07 -11.35
C SER A 91 3.85 -4.95 -10.40
N GLU A 92 4.56 -3.95 -10.93
CA GLU A 92 5.00 -2.81 -10.13
C GLU A 92 4.38 -1.52 -10.65
N ASN A 93 3.84 -1.56 -11.86
CA ASN A 93 3.22 -0.39 -12.47
C ASN A 93 2.09 0.14 -11.60
N VAL A 94 2.35 1.22 -10.88
CA VAL A 94 1.35 1.83 -10.01
C VAL A 94 1.40 3.34 -10.08
N ASP A 95 0.27 3.95 -10.43
CA ASP A 95 0.19 5.41 -10.53
C ASP A 95 -0.93 5.95 -9.66
N ASP A 96 -0.88 7.25 -9.38
CA ASP A 96 -1.88 7.90 -8.55
C ASP A 96 -3.17 8.13 -9.33
N ASN A 97 -3.24 7.58 -10.54
CA ASN A 97 -4.40 7.73 -11.39
C ASN A 97 -5.67 7.24 -10.68
N ASN A 98 -6.80 7.35 -11.36
CA ASN A 98 -8.08 6.92 -10.78
C ASN A 98 -8.19 5.40 -10.81
N GLN A 99 -7.10 4.73 -11.18
CA GLN A 99 -7.07 3.28 -11.24
C GLN A 99 -7.56 2.67 -9.93
N LEU A 100 -8.69 1.96 -9.98
CA LEU A 100 -9.25 1.33 -8.80
C LEU A 100 -8.29 0.29 -8.22
N PHE A 101 -8.26 0.18 -6.89
CA PHE A 101 -7.40 -0.77 -6.22
C PHE A 101 -8.12 -1.46 -5.08
N ARG A 102 -7.60 -2.59 -4.63
CA ARG A 102 -8.20 -3.36 -3.55
C ARG A 102 -7.18 -4.29 -2.90
N PHE A 103 -7.55 -4.88 -1.78
CA PHE A 103 -6.67 -5.79 -1.06
C PHE A 103 -7.04 -7.24 -1.35
N PRO A 104 -6.02 -8.08 -1.62
CA PRO A 104 -6.21 -9.49 -1.91
C PRO A 104 -6.67 -10.29 -0.69
N ALA A 105 -7.46 -11.33 -0.93
CA ALA A 105 -7.96 -12.17 0.15
C ALA A 105 -7.66 -13.64 -0.12
N GLY A 1 21.98 -25.49 7.17
CA GLY A 1 22.31 -24.26 6.48
C GLY A 1 21.25 -23.20 6.65
N SER A 2 21.66 -22.00 7.05
CA SER A 2 20.74 -20.90 7.25
C SER A 2 20.79 -19.92 6.08
N SER A 3 19.63 -19.59 5.53
CA SER A 3 19.55 -18.67 4.40
C SER A 3 20.41 -17.42 4.65
N GLY A 4 20.25 -16.84 5.84
CA GLY A 4 21.01 -15.65 6.19
C GLY A 4 20.23 -14.71 7.08
N SER A 5 20.93 -13.77 7.71
CA SER A 5 20.29 -12.81 8.60
C SER A 5 20.83 -11.40 8.35
N SER A 6 20.03 -10.59 7.66
CA SER A 6 20.43 -9.22 7.36
C SER A 6 19.44 -8.22 7.95
N GLY A 7 19.96 -7.05 8.34
CA GLY A 7 19.11 -6.04 8.92
C GLY A 7 18.05 -6.61 9.84
N TYR A 8 18.47 -7.26 10.90
CA TYR A 8 17.54 -7.88 11.85
C TYR A 8 16.35 -6.95 12.12
N ARG A 9 16.64 -5.68 12.39
CA ARG A 9 15.59 -4.70 12.67
C ARG A 9 15.14 -4.03 11.37
N ALA A 10 16.10 -3.66 10.53
CA ALA A 10 15.79 -3.00 9.27
C ALA A 10 14.59 -3.66 8.59
N THR A 11 14.66 -4.96 8.39
CA THR A 11 13.58 -5.70 7.76
C THR A 11 12.26 -5.47 8.47
N LYS A 12 12.29 -5.59 9.80
CA LYS A 12 11.09 -5.39 10.60
C LYS A 12 10.28 -4.19 10.10
N LEU A 13 10.98 -3.21 9.55
CA LEU A 13 10.34 -2.00 9.03
C LEU A 13 9.20 -2.36 8.08
N TRP A 14 9.51 -3.14 7.06
CA TRP A 14 8.51 -3.57 6.09
C TRP A 14 7.32 -4.23 6.77
N ASN A 15 7.61 -5.21 7.61
CA ASN A 15 6.56 -5.92 8.34
C ASN A 15 5.68 -4.95 9.13
N GLU A 16 6.32 -3.97 9.77
CA GLU A 16 5.60 -2.98 10.56
C GLU A 16 4.64 -2.19 9.69
N VAL A 17 5.17 -1.54 8.66
CA VAL A 17 4.36 -0.74 7.75
C VAL A 17 3.22 -1.57 7.17
N THR A 18 3.57 -2.62 6.43
CA THR A 18 2.58 -3.50 5.82
C THR A 18 1.47 -3.85 6.80
N THR A 19 1.84 -3.95 8.08
CA THR A 19 0.87 -4.29 9.13
C THR A 19 -0.09 -3.14 9.37
N SER A 20 0.45 -1.93 9.47
CA SER A 20 -0.37 -0.74 9.71
C SER A 20 -1.24 -0.43 8.49
N PHE A 21 -0.70 -0.69 7.31
CA PHE A 21 -1.43 -0.44 6.07
C PHE A 21 -2.63 -1.36 5.95
N ARG A 22 -2.39 -2.67 6.07
CA ARG A 22 -3.45 -3.66 5.97
C ARG A 22 -4.70 -3.20 6.72
N ALA A 23 -4.49 -2.66 7.92
CA ALA A 23 -5.59 -2.18 8.75
C ALA A 23 -5.97 -0.75 8.38
N GLY A 24 -5.02 0.16 8.56
CA GLY A 24 -5.27 1.56 8.24
C GLY A 24 -6.65 2.01 8.67
N MET A 25 -7.31 2.79 7.81
CA MET A 25 -8.64 3.30 8.11
C MET A 25 -9.67 2.75 7.12
N PRO A 26 -10.93 2.67 7.55
CA PRO A 26 -12.02 2.18 6.71
C PRO A 26 -12.36 3.12 5.57
N LEU A 27 -13.11 2.62 4.59
CA LEU A 27 -13.50 3.42 3.44
C LEU A 27 -14.55 4.45 3.82
N ARG A 28 -14.33 5.70 3.40
CA ARG A 28 -15.25 6.78 3.71
C ARG A 28 -16.36 6.86 2.67
N LYS A 29 -15.96 7.06 1.41
CA LYS A 29 -16.92 7.15 0.32
C LYS A 29 -16.24 6.88 -1.03
N HIS A 30 -17.03 6.55 -2.03
CA HIS A 30 -16.51 6.27 -3.36
C HIS A 30 -17.03 7.28 -4.38
N ARG A 31 -16.25 7.50 -5.43
CA ARG A 31 -16.64 8.45 -6.47
C ARG A 31 -18.01 8.10 -7.04
N GLN A 32 -18.24 6.82 -7.28
CA GLN A 32 -19.51 6.36 -7.83
C GLN A 32 -20.66 6.69 -6.89
N HIS A 33 -21.43 7.71 -7.24
CA HIS A 33 -22.57 8.12 -6.42
C HIS A 33 -23.30 6.92 -5.84
N PHE A 34 -23.85 6.09 -6.71
CA PHE A 34 -24.57 4.89 -6.28
C PHE A 34 -23.65 3.69 -6.23
N LYS A 35 -24.10 2.64 -5.56
CA LYS A 35 -23.31 1.41 -5.43
C LYS A 35 -23.22 0.68 -6.77
N LYS A 36 -22.05 0.74 -7.40
CA LYS A 36 -21.83 0.08 -8.68
C LYS A 36 -20.76 -1.00 -8.57
N TYR A 37 -19.74 -0.72 -7.77
CA TYR A 37 -18.64 -1.67 -7.58
C TYR A 37 -18.35 -1.87 -6.10
N GLY A 38 -17.75 -3.01 -5.77
CA GLY A 38 -17.43 -3.30 -4.38
C GLY A 38 -16.60 -2.21 -3.74
N ASN A 39 -16.58 -2.20 -2.40
CA ASN A 39 -15.83 -1.19 -1.66
C ASN A 39 -14.35 -1.23 -2.04
N CYS A 40 -13.91 -0.24 -2.79
CA CYS A 40 -12.52 -0.15 -3.22
C CYS A 40 -11.95 1.23 -2.97
N PHE A 41 -10.63 1.37 -3.10
CA PHE A 41 -9.96 2.64 -2.88
C PHE A 41 -8.96 2.93 -4.00
N THR A 42 -9.10 4.11 -4.61
CA THR A 42 -8.22 4.51 -5.70
C THR A 42 -6.76 4.56 -5.24
N ALA A 43 -5.84 4.47 -6.19
CA ALA A 43 -4.42 4.50 -5.89
C ALA A 43 -4.03 5.82 -5.23
N GLY A 44 -4.62 6.91 -5.73
CA GLY A 44 -4.31 8.22 -5.18
C GLY A 44 -4.52 8.29 -3.68
N GLU A 45 -5.77 8.09 -3.25
CA GLU A 45 -6.09 8.13 -1.83
C GLU A 45 -5.07 7.36 -1.01
N ALA A 46 -4.77 6.13 -1.43
CA ALA A 46 -3.81 5.30 -0.74
C ALA A 46 -2.48 6.03 -0.54
N VAL A 47 -2.06 6.73 -1.58
CA VAL A 47 -0.80 7.48 -1.52
C VAL A 47 -0.72 8.33 -0.26
N ASP A 48 -1.82 8.99 0.07
CA ASP A 48 -1.87 9.84 1.26
C ASP A 48 -1.84 8.99 2.52
N TRP A 49 -2.81 8.08 2.65
CA TRP A 49 -2.90 7.21 3.82
C TRP A 49 -1.54 6.58 4.13
N LEU A 50 -0.89 6.06 3.10
CA LEU A 50 0.42 5.43 3.26
C LEU A 50 1.49 6.47 3.56
N TYR A 51 1.60 7.47 2.69
CA TYR A 51 2.58 8.54 2.86
C TYR A 51 2.59 9.05 4.29
N ASP A 52 1.47 9.62 4.71
CA ASP A 52 1.34 10.16 6.07
C ASP A 52 1.87 9.15 7.09
N LEU A 53 1.49 7.89 6.93
CA LEU A 53 1.93 6.84 7.84
C LEU A 53 3.45 6.72 7.85
N LEU A 54 4.04 6.65 6.66
CA LEU A 54 5.49 6.53 6.53
C LEU A 54 6.19 7.72 7.19
N ARG A 55 5.96 8.90 6.63
CA ARG A 55 6.57 10.12 7.15
C ARG A 55 6.45 10.19 8.67
N ASN A 56 5.36 9.64 9.20
CA ASN A 56 5.11 9.63 10.64
C ASN A 56 6.26 8.94 11.38
N ASN A 57 6.69 7.80 10.86
CA ASN A 57 7.78 7.05 11.47
C ASN A 57 9.10 7.79 11.31
N SER A 58 10.13 7.31 12.01
CA SER A 58 11.44 7.92 11.94
C SER A 58 12.21 7.42 10.72
N ASN A 59 12.14 6.11 10.47
CA ASN A 59 12.83 5.51 9.34
C ASN A 59 12.74 6.41 8.11
N PHE A 60 11.53 6.85 7.79
CA PHE A 60 11.32 7.72 6.63
C PHE A 60 11.41 9.19 7.03
N GLY A 61 10.63 9.58 8.03
CA GLY A 61 10.65 10.96 8.49
C GLY A 61 9.82 11.88 7.61
N PRO A 62 9.64 13.13 8.05
CA PRO A 62 8.85 14.12 7.32
C PRO A 62 9.55 14.57 6.03
N GLU A 63 10.70 13.97 5.75
CA GLU A 63 11.46 14.31 4.55
C GLU A 63 10.87 13.62 3.32
N VAL A 64 10.47 12.37 3.48
CA VAL A 64 9.89 11.60 2.39
C VAL A 64 8.73 12.35 1.75
N THR A 65 8.69 12.32 0.42
CA THR A 65 7.62 13.00 -0.32
C THR A 65 6.83 12.01 -1.17
N ARG A 66 5.65 12.44 -1.60
CA ARG A 66 4.78 11.59 -2.42
C ARG A 66 5.61 10.74 -3.39
N GLN A 67 6.46 11.39 -4.16
CA GLN A 67 7.31 10.69 -5.12
C GLN A 67 7.80 9.37 -4.55
N GLN A 68 8.52 9.43 -3.43
CA GLN A 68 9.04 8.23 -2.79
C GLN A 68 7.91 7.27 -2.43
N THR A 69 6.82 7.81 -1.90
CA THR A 69 5.66 7.00 -1.52
C THR A 69 5.20 6.13 -2.69
N ILE A 70 4.96 6.75 -3.83
CA ILE A 70 4.51 6.03 -5.02
C ILE A 70 5.50 4.94 -5.40
N GLN A 71 6.78 5.29 -5.41
CA GLN A 71 7.83 4.34 -5.76
C GLN A 71 7.77 3.10 -4.87
N LEU A 72 7.54 3.32 -3.58
CA LEU A 72 7.45 2.21 -2.63
C LEU A 72 6.25 1.33 -2.93
N LEU A 73 5.09 1.95 -3.13
CA LEU A 73 3.87 1.21 -3.43
C LEU A 73 4.13 0.10 -4.45
N ARG A 74 4.80 0.46 -5.54
CA ARG A 74 5.13 -0.51 -6.58
C ARG A 74 5.51 -1.86 -5.98
N LYS A 75 6.30 -1.82 -4.91
CA LYS A 75 6.75 -3.03 -4.24
C LYS A 75 5.57 -3.75 -3.59
N PHE A 76 4.68 -2.98 -2.96
CA PHE A 76 3.52 -3.55 -2.30
C PHE A 76 2.72 -4.43 -3.26
N LEU A 77 2.34 -3.87 -4.40
CA LEU A 77 1.58 -4.60 -5.40
C LEU A 77 2.31 -5.87 -5.83
N LYS A 78 3.64 -5.80 -5.84
CA LYS A 78 4.46 -6.93 -6.22
C LYS A 78 4.50 -7.98 -5.11
N ASN A 79 4.56 -7.51 -3.87
CA ASN A 79 4.61 -8.41 -2.73
C ASN A 79 3.23 -9.00 -2.45
N HIS A 80 2.28 -8.71 -3.33
CA HIS A 80 0.92 -9.21 -3.17
C HIS A 80 0.23 -8.59 -1.96
N VAL A 81 0.59 -7.35 -1.67
CA VAL A 81 0.02 -6.63 -0.54
C VAL A 81 -1.35 -6.04 -0.89
N ILE A 82 -1.49 -5.63 -2.14
CA ILE A 82 -2.75 -5.05 -2.61
C ILE A 82 -3.07 -5.51 -4.02
N GLU A 83 -4.32 -5.94 -4.23
CA GLU A 83 -4.75 -6.41 -5.53
C GLU A 83 -5.74 -5.42 -6.16
N ASP A 84 -5.66 -5.27 -7.48
CA ASP A 84 -6.54 -4.37 -8.20
C ASP A 84 -7.99 -4.81 -8.10
N ILE A 85 -8.92 -3.89 -8.31
CA ILE A 85 -10.34 -4.19 -8.24
C ILE A 85 -10.67 -5.44 -9.06
N LYS A 86 -10.10 -5.53 -10.25
CA LYS A 86 -10.34 -6.67 -11.12
C LYS A 86 -9.67 -7.93 -10.57
N GLY A 87 -8.39 -7.81 -10.21
CA GLY A 87 -7.67 -8.95 -9.67
C GLY A 87 -6.31 -9.12 -10.31
N ARG A 88 -5.57 -8.01 -10.43
CA ARG A 88 -4.24 -8.05 -11.03
C ARG A 88 -3.16 -7.85 -9.97
N TRP A 89 -2.28 -8.84 -9.84
CA TRP A 89 -1.20 -8.77 -8.86
C TRP A 89 0.08 -9.36 -9.44
N GLY A 90 1.22 -8.92 -8.91
CA GLY A 90 2.50 -9.41 -9.37
C GLY A 90 3.26 -8.38 -10.19
N SER A 91 2.55 -7.37 -10.66
CA SER A 91 3.16 -6.31 -11.47
C SER A 91 3.66 -5.17 -10.59
N GLU A 92 4.48 -4.31 -11.16
CA GLU A 92 5.04 -3.18 -10.43
C GLU A 92 4.58 -1.85 -11.04
N ASN A 93 3.54 -1.91 -11.86
CA ASN A 93 3.00 -0.72 -12.51
C ASN A 93 1.85 -0.12 -11.70
N VAL A 94 2.16 0.95 -10.97
CA VAL A 94 1.15 1.62 -10.15
C VAL A 94 1.41 3.12 -10.07
N ASP A 95 0.36 3.91 -10.22
CA ASP A 95 0.47 5.36 -10.17
C ASP A 95 -0.83 6.00 -9.69
N ASP A 96 -0.71 7.12 -9.00
CA ASP A 96 -1.89 7.83 -8.49
C ASP A 96 -2.91 8.07 -9.60
N ASN A 97 -3.96 7.25 -9.62
CA ASN A 97 -4.99 7.37 -10.63
C ASN A 97 -6.34 6.87 -10.10
N ASN A 98 -7.38 6.98 -10.92
CA ASN A 98 -8.71 6.54 -10.53
C ASN A 98 -8.76 5.02 -10.42
N GLN A 99 -7.70 4.36 -10.85
CA GLN A 99 -7.62 2.90 -10.80
C GLN A 99 -7.93 2.38 -9.41
N LEU A 100 -9.14 1.88 -9.21
CA LEU A 100 -9.55 1.35 -7.92
C LEU A 100 -8.70 0.15 -7.53
N PHE A 101 -8.81 -0.25 -6.26
CA PHE A 101 -8.04 -1.39 -5.76
C PHE A 101 -8.86 -2.20 -4.77
N ARG A 102 -8.29 -3.29 -4.27
CA ARG A 102 -8.97 -4.15 -3.31
C ARG A 102 -7.97 -5.03 -2.56
N PHE A 103 -8.40 -5.56 -1.42
CA PHE A 103 -7.54 -6.42 -0.61
C PHE A 103 -7.90 -7.89 -0.81
N PRO A 104 -6.88 -8.75 -0.90
CA PRO A 104 -7.06 -10.19 -1.09
C PRO A 104 -7.65 -10.86 0.14
N ALA A 105 -7.81 -12.18 0.07
CA ALA A 105 -8.36 -12.95 1.18
C ALA A 105 -7.26 -13.67 1.96
N GLY A 1 8.82 -19.24 12.36
CA GLY A 1 9.27 -18.94 11.02
C GLY A 1 10.31 -17.84 10.99
N SER A 2 11.44 -18.12 10.33
CA SER A 2 12.52 -17.15 10.23
C SER A 2 12.84 -16.84 8.77
N SER A 3 12.74 -15.57 8.40
CA SER A 3 13.01 -15.15 7.03
C SER A 3 14.25 -14.25 6.98
N GLY A 4 14.99 -14.33 5.89
CA GLY A 4 16.20 -13.53 5.73
C GLY A 4 17.27 -13.90 6.74
N SER A 5 18.44 -14.28 6.25
CA SER A 5 19.55 -14.66 7.11
C SER A 5 20.11 -13.44 7.84
N SER A 6 20.39 -12.38 7.09
CA SER A 6 20.93 -11.16 7.66
C SER A 6 20.20 -9.94 7.13
N GLY A 7 19.50 -9.23 8.01
CA GLY A 7 18.76 -8.05 7.61
C GLY A 7 17.39 -7.97 8.24
N TYR A 8 17.31 -8.31 9.53
CA TYR A 8 16.06 -8.28 10.25
C TYR A 8 15.61 -6.84 10.52
N ARG A 9 16.53 -6.02 11.02
CA ARG A 9 16.23 -4.63 11.30
C ARG A 9 15.41 -4.01 10.18
N ALA A 10 15.80 -4.28 8.94
CA ALA A 10 15.09 -3.74 7.78
C ALA A 10 13.79 -4.49 7.54
N THR A 11 13.86 -5.82 7.60
CA THR A 11 12.69 -6.66 7.38
C THR A 11 11.53 -6.24 8.29
N LYS A 12 11.80 -6.22 9.60
CA LYS A 12 10.79 -5.83 10.58
C LYS A 12 10.07 -4.57 10.14
N LEU A 13 10.85 -3.57 9.71
CA LEU A 13 10.28 -2.29 9.27
C LEU A 13 9.20 -2.52 8.21
N TRP A 14 9.58 -3.18 7.13
CA TRP A 14 8.64 -3.46 6.04
C TRP A 14 7.37 -4.09 6.56
N ASN A 15 7.52 -5.21 7.28
CA ASN A 15 6.37 -5.91 7.84
C ASN A 15 5.53 -4.99 8.71
N GLU A 16 6.20 -4.17 9.52
CA GLU A 16 5.52 -3.23 10.40
C GLU A 16 4.62 -2.29 9.60
N VAL A 17 5.18 -1.70 8.54
CA VAL A 17 4.42 -0.79 7.69
C VAL A 17 3.21 -1.48 7.06
N THR A 18 3.49 -2.52 6.27
CA THR A 18 2.43 -3.26 5.61
C THR A 18 1.28 -3.56 6.56
N THR A 19 1.61 -3.99 7.78
CA THR A 19 0.61 -4.30 8.78
C THR A 19 -0.33 -3.11 9.01
N SER A 20 0.24 -1.98 9.40
CA SER A 20 -0.54 -0.78 9.65
C SER A 20 -1.32 -0.37 8.41
N PHE A 21 -0.67 -0.45 7.26
CA PHE A 21 -1.30 -0.08 5.99
C PHE A 21 -2.59 -0.85 5.78
N ARG A 22 -2.50 -2.18 5.87
CA ARG A 22 -3.67 -3.03 5.70
C ARG A 22 -4.92 -2.39 6.30
N ALA A 23 -4.86 -2.10 7.60
CA ALA A 23 -5.98 -1.49 8.29
C ALA A 23 -6.13 -0.02 7.90
N GLY A 24 -5.12 0.77 8.24
CA GLY A 24 -5.16 2.19 7.91
C GLY A 24 -6.56 2.77 7.99
N MET A 25 -6.85 3.74 7.13
CA MET A 25 -8.16 4.37 7.10
C MET A 25 -9.20 3.43 6.50
N PRO A 26 -10.47 3.66 6.87
CA PRO A 26 -11.59 2.84 6.37
C PRO A 26 -11.87 3.06 4.89
N LEU A 27 -12.93 2.44 4.39
CA LEU A 27 -13.30 2.57 2.99
C LEU A 27 -13.82 3.97 2.69
N ARG A 28 -13.79 4.35 1.41
CA ARG A 28 -14.25 5.67 1.00
C ARG A 28 -14.76 5.65 -0.44
N LYS A 29 -15.94 6.19 -0.65
CA LYS A 29 -16.54 6.24 -1.98
C LYS A 29 -16.10 7.49 -2.73
N HIS A 30 -15.54 7.30 -3.93
CA HIS A 30 -15.09 8.41 -4.75
C HIS A 30 -16.19 8.87 -5.70
N ARG A 31 -16.58 7.99 -6.61
CA ARG A 31 -17.63 8.31 -7.58
C ARG A 31 -18.28 7.03 -8.11
N GLN A 32 -19.46 6.72 -7.60
CA GLN A 32 -20.20 5.53 -8.02
C GLN A 32 -21.69 5.68 -7.75
N HIS A 33 -22.45 5.89 -8.81
CA HIS A 33 -23.90 6.06 -8.69
C HIS A 33 -24.45 5.17 -7.58
N PHE A 34 -24.37 3.86 -7.78
CA PHE A 34 -24.87 2.91 -6.80
C PHE A 34 -24.15 3.07 -5.47
N LYS A 35 -24.54 2.27 -4.48
CA LYS A 35 -23.94 2.33 -3.16
C LYS A 35 -22.41 2.23 -3.25
N LYS A 36 -21.74 2.64 -2.19
CA LYS A 36 -20.28 2.58 -2.15
C LYS A 36 -19.76 1.20 -2.53
N TYR A 37 -18.44 1.07 -2.62
CA TYR A 37 -17.83 -0.21 -2.98
C TYR A 37 -17.59 -1.05 -1.74
N GLY A 38 -17.15 -2.29 -1.95
CA GLY A 38 -16.88 -3.19 -0.84
C GLY A 38 -15.76 -2.70 0.05
N ASN A 39 -14.61 -3.34 -0.04
CA ASN A 39 -13.45 -2.97 0.77
C ASN A 39 -12.32 -2.44 -0.12
N CYS A 40 -12.66 -2.07 -1.34
CA CYS A 40 -11.67 -1.55 -2.28
C CYS A 40 -11.48 -0.05 -2.10
N PHE A 41 -10.36 0.46 -2.57
CA PHE A 41 -10.05 1.88 -2.46
C PHE A 41 -9.10 2.32 -3.57
N THR A 42 -9.32 3.52 -4.11
CA THR A 42 -8.48 4.06 -5.17
C THR A 42 -7.02 4.10 -4.74
N ALA A 43 -6.12 3.99 -5.71
CA ALA A 43 -4.69 4.03 -5.43
C ALA A 43 -4.26 5.40 -4.93
N GLY A 44 -4.75 6.45 -5.57
CA GLY A 44 -4.40 7.80 -5.18
C GLY A 44 -4.50 8.00 -3.68
N GLU A 45 -5.64 7.63 -3.10
CA GLU A 45 -5.86 7.78 -1.67
C GLU A 45 -4.76 7.08 -0.88
N ALA A 46 -4.41 5.87 -1.30
CA ALA A 46 -3.37 5.10 -0.63
C ALA A 46 -2.08 5.91 -0.49
N VAL A 47 -1.75 6.66 -1.53
CA VAL A 47 -0.55 7.49 -1.52
C VAL A 47 -0.48 8.34 -0.26
N ASP A 48 -1.57 9.05 0.04
CA ASP A 48 -1.63 9.89 1.22
C ASP A 48 -1.66 9.05 2.49
N TRP A 49 -2.54 8.06 2.51
CA TRP A 49 -2.67 7.18 3.67
C TRP A 49 -1.31 6.64 4.11
N LEU A 50 -0.62 5.98 3.18
CA LEU A 50 0.69 5.41 3.48
C LEU A 50 1.71 6.52 3.74
N TYR A 51 1.71 7.53 2.88
CA TYR A 51 2.63 8.65 3.02
C TYR A 51 2.65 9.17 4.45
N ASP A 52 1.48 9.50 4.98
CA ASP A 52 1.36 10.00 6.33
C ASP A 52 1.93 9.01 7.34
N LEU A 53 1.69 7.72 7.08
CA LEU A 53 2.18 6.66 7.96
C LEU A 53 3.70 6.61 7.95
N LEU A 54 4.29 6.72 6.76
CA LEU A 54 5.74 6.68 6.61
C LEU A 54 6.39 7.88 7.31
N ARG A 55 6.11 9.07 6.82
CA ARG A 55 6.67 10.28 7.39
C ARG A 55 6.57 10.26 8.91
N ASN A 56 5.40 9.88 9.41
CA ASN A 56 5.18 9.81 10.85
C ASN A 56 6.35 9.13 11.56
N ASN A 57 6.81 8.02 10.99
CA ASN A 57 7.93 7.28 11.57
C ASN A 57 9.23 8.05 11.40
N SER A 58 10.20 7.77 12.28
CA SER A 58 11.49 8.44 12.24
C SER A 58 12.31 7.95 11.04
N ASN A 59 12.31 6.63 10.83
CA ASN A 59 13.06 6.03 9.73
C ASN A 59 13.00 6.92 8.49
N PHE A 60 11.79 7.16 7.99
CA PHE A 60 11.60 7.99 6.81
C PHE A 60 11.58 9.47 7.19
N GLY A 61 10.74 9.81 8.17
CA GLY A 61 10.64 11.19 8.61
C GLY A 61 9.84 12.05 7.64
N PRO A 62 9.60 13.31 8.03
CA PRO A 62 8.85 14.26 7.20
C PRO A 62 9.60 14.67 5.94
N GLU A 63 10.81 14.14 5.78
CA GLU A 63 11.65 14.46 4.62
C GLU A 63 11.12 13.75 3.38
N VAL A 64 10.53 12.58 3.57
CA VAL A 64 9.98 11.82 2.45
C VAL A 64 8.84 12.56 1.78
N THR A 65 8.78 12.46 0.45
CA THR A 65 7.73 13.13 -0.32
C THR A 65 6.86 12.12 -1.05
N ARG A 66 5.70 12.57 -1.50
CA ARG A 66 4.77 11.69 -2.22
C ARG A 66 5.51 10.84 -3.24
N GLN A 67 6.22 11.49 -4.14
CA GLN A 67 6.98 10.79 -5.17
C GLN A 67 7.53 9.47 -4.65
N GLN A 68 8.23 9.54 -3.53
CA GLN A 68 8.81 8.34 -2.92
C GLN A 68 7.72 7.34 -2.54
N THR A 69 6.63 7.85 -1.99
CA THR A 69 5.51 7.00 -1.58
C THR A 69 5.03 6.13 -2.74
N ILE A 70 4.72 6.77 -3.86
CA ILE A 70 4.24 6.06 -5.03
C ILE A 70 5.22 4.97 -5.44
N GLN A 71 6.50 5.30 -5.45
CA GLN A 71 7.54 4.33 -5.82
C GLN A 71 7.48 3.09 -4.93
N LEU A 72 7.37 3.31 -3.63
CA LEU A 72 7.29 2.21 -2.67
C LEU A 72 6.02 1.40 -2.87
N LEU A 73 4.89 2.09 -3.04
CA LEU A 73 3.61 1.43 -3.24
C LEU A 73 3.75 0.27 -4.23
N ARG A 74 4.53 0.48 -5.28
CA ARG A 74 4.74 -0.54 -6.29
C ARG A 74 5.16 -1.86 -5.64
N LYS A 75 6.19 -1.81 -4.80
CA LYS A 75 6.68 -3.00 -4.13
C LYS A 75 5.53 -3.82 -3.55
N PHE A 76 4.75 -3.20 -2.68
CA PHE A 76 3.60 -3.88 -2.07
C PHE A 76 2.90 -4.80 -3.07
N LEU A 77 2.73 -4.30 -4.28
CA LEU A 77 2.07 -5.06 -5.33
C LEU A 77 2.96 -6.22 -5.80
N LYS A 78 4.26 -5.94 -5.92
CA LYS A 78 5.21 -6.95 -6.35
C LYS A 78 5.23 -8.13 -5.39
N ASN A 79 5.03 -7.85 -4.12
CA ASN A 79 5.03 -8.89 -3.09
C ASN A 79 3.63 -9.51 -2.96
N HIS A 80 2.71 -9.08 -3.81
CA HIS A 80 1.35 -9.59 -3.79
C HIS A 80 0.64 -9.16 -2.51
N VAL A 81 0.97 -7.98 -2.02
CA VAL A 81 0.37 -7.46 -0.80
C VAL A 81 -1.01 -6.87 -1.08
N ILE A 82 -1.17 -6.28 -2.26
CA ILE A 82 -2.43 -5.68 -2.65
C ILE A 82 -2.84 -6.12 -4.07
N GLU A 83 -4.09 -6.55 -4.21
CA GLU A 83 -4.60 -7.00 -5.50
C GLU A 83 -5.57 -5.98 -6.07
N ASP A 84 -5.66 -5.93 -7.40
CA ASP A 84 -6.56 -5.01 -8.07
C ASP A 84 -8.02 -5.42 -7.85
N ILE A 85 -8.94 -4.50 -8.16
CA ILE A 85 -10.35 -4.76 -8.00
C ILE A 85 -10.84 -5.82 -8.98
N LYS A 86 -10.09 -5.99 -10.07
CA LYS A 86 -10.45 -6.97 -11.09
C LYS A 86 -9.81 -8.33 -10.79
N GLY A 87 -8.53 -8.31 -10.44
CA GLY A 87 -7.82 -9.54 -10.14
C GLY A 87 -6.44 -9.60 -10.77
N ARG A 88 -5.69 -8.52 -10.63
CA ARG A 88 -4.34 -8.46 -11.19
C ARG A 88 -3.29 -8.32 -10.08
N TRP A 89 -2.41 -9.30 -10.00
CA TRP A 89 -1.35 -9.29 -8.98
C TRP A 89 -0.04 -9.79 -9.56
N GLY A 90 1.07 -9.30 -9.02
CA GLY A 90 2.37 -9.70 -9.50
C GLY A 90 2.95 -8.73 -10.50
N SER A 91 2.84 -7.44 -10.21
CA SER A 91 3.35 -6.41 -11.10
C SER A 91 3.86 -5.20 -10.31
N GLU A 92 4.66 -4.37 -10.96
CA GLU A 92 5.22 -3.19 -10.32
C GLU A 92 4.71 -1.92 -10.99
N ASN A 93 3.62 -2.04 -11.74
CA ASN A 93 3.03 -0.90 -12.44
C ASN A 93 1.76 -0.44 -11.74
N VAL A 94 1.86 0.64 -10.98
CA VAL A 94 0.72 1.19 -10.26
C VAL A 94 0.81 2.71 -10.14
N ASP A 95 -0.18 3.40 -10.69
CA ASP A 95 -0.22 4.86 -10.64
C ASP A 95 -1.24 5.35 -9.63
N ASP A 96 -1.31 6.66 -9.46
CA ASP A 96 -2.26 7.26 -8.52
C ASP A 96 -3.63 7.43 -9.16
N ASN A 97 -3.84 6.75 -10.27
CA ASN A 97 -5.11 6.83 -10.99
C ASN A 97 -6.28 6.53 -10.07
N ASN A 98 -7.49 6.60 -10.60
CA ASN A 98 -8.70 6.35 -9.81
C ASN A 98 -8.98 4.85 -9.74
N GLN A 99 -7.98 4.05 -10.09
CA GLN A 99 -8.12 2.59 -10.07
C GLN A 99 -8.31 2.09 -8.64
N LEU A 100 -9.38 1.35 -8.41
CA LEU A 100 -9.67 0.81 -7.09
C LEU A 100 -8.81 -0.42 -6.80
N PHE A 101 -8.36 -0.53 -5.56
CA PHE A 101 -7.52 -1.66 -5.15
C PHE A 101 -8.08 -2.34 -3.91
N ARG A 102 -7.72 -3.61 -3.72
CA ARG A 102 -8.19 -4.37 -2.57
C ARG A 102 -7.05 -5.16 -1.94
N PHE A 103 -7.35 -5.85 -0.84
CA PHE A 103 -6.35 -6.65 -0.13
C PHE A 103 -6.73 -8.12 -0.14
N PRO A 104 -5.71 -8.98 -0.32
CA PRO A 104 -5.92 -10.44 -0.36
C PRO A 104 -6.28 -11.00 1.01
N ALA A 105 -6.86 -12.19 1.02
CA ALA A 105 -7.26 -12.85 2.26
C ALA A 105 -6.05 -13.43 2.99
N GLY A 1 10.93 -28.23 17.63
CA GLY A 1 11.65 -27.55 16.56
C GLY A 1 10.95 -26.28 16.11
N SER A 2 11.70 -25.18 16.08
CA SER A 2 11.15 -23.89 15.67
C SER A 2 12.00 -23.26 14.57
N SER A 3 11.34 -22.62 13.61
CA SER A 3 12.04 -21.98 12.50
C SER A 3 11.93 -20.46 12.60
N GLY A 4 12.66 -19.76 11.73
CA GLY A 4 12.63 -18.31 11.75
C GLY A 4 13.26 -17.72 10.50
N SER A 5 13.38 -16.39 10.47
CA SER A 5 13.95 -15.70 9.33
C SER A 5 15.38 -15.23 9.65
N SER A 6 16.20 -15.10 8.60
CA SER A 6 17.57 -14.66 8.77
C SER A 6 17.64 -13.15 8.99
N GLY A 7 17.04 -12.39 8.08
CA GLY A 7 17.05 -10.95 8.20
C GLY A 7 15.86 -10.42 8.98
N TYR A 8 15.56 -11.07 10.10
CA TYR A 8 14.44 -10.67 10.94
C TYR A 8 14.54 -9.20 11.34
N ARG A 9 15.75 -8.79 11.73
CA ARG A 9 16.00 -7.42 12.13
C ARG A 9 15.43 -6.43 11.12
N ALA A 10 15.82 -6.59 9.86
CA ALA A 10 15.34 -5.72 8.79
C ALA A 10 13.88 -6.01 8.46
N THR A 11 13.60 -7.28 8.15
CA THR A 11 12.24 -7.70 7.80
C THR A 11 11.21 -7.02 8.71
N LYS A 12 11.45 -7.09 10.02
CA LYS A 12 10.55 -6.48 10.99
C LYS A 12 9.98 -5.16 10.46
N LEU A 13 10.87 -4.25 10.11
CA LEU A 13 10.46 -2.95 9.59
C LEU A 13 9.39 -3.09 8.51
N TRP A 14 9.75 -3.75 7.42
CA TRP A 14 8.82 -3.97 6.31
C TRP A 14 7.48 -4.47 6.83
N ASN A 15 7.51 -5.55 7.62
CA ASN A 15 6.30 -6.12 8.18
C ASN A 15 5.41 -5.03 8.79
N GLU A 16 6.00 -4.21 9.65
CA GLU A 16 5.26 -3.14 10.30
C GLU A 16 4.47 -2.32 9.28
N VAL A 17 5.16 -1.86 8.25
CA VAL A 17 4.51 -1.06 7.20
C VAL A 17 3.31 -1.79 6.62
N THR A 18 3.54 -2.98 6.09
CA THR A 18 2.47 -3.79 5.51
C THR A 18 1.33 -3.97 6.49
N THR A 19 1.67 -4.22 7.75
CA THR A 19 0.66 -4.42 8.79
C THR A 19 -0.18 -3.17 8.98
N SER A 20 0.46 -2.08 9.40
CA SER A 20 -0.23 -0.83 9.64
C SER A 20 -1.02 -0.40 8.41
N PHE A 21 -0.36 -0.42 7.25
CA PHE A 21 -1.00 -0.05 6.00
C PHE A 21 -2.30 -0.83 5.79
N ARG A 22 -2.23 -2.14 5.99
CA ARG A 22 -3.39 -3.00 5.82
C ARG A 22 -4.64 -2.35 6.40
N ALA A 23 -4.61 -2.08 7.70
CA ALA A 23 -5.74 -1.46 8.38
C ALA A 23 -5.97 -0.03 7.87
N GLY A 24 -4.98 0.84 8.10
CA GLY A 24 -5.09 2.21 7.66
C GLY A 24 -6.51 2.73 7.71
N MET A 25 -6.96 3.36 6.64
CA MET A 25 -8.31 3.90 6.57
C MET A 25 -9.32 2.82 6.21
N PRO A 26 -10.57 3.00 6.63
CA PRO A 26 -11.65 2.05 6.36
C PRO A 26 -12.06 2.03 4.89
N LEU A 27 -12.92 1.09 4.53
CA LEU A 27 -13.38 0.97 3.15
C LEU A 27 -14.31 2.13 2.78
N ARG A 28 -13.89 2.94 1.82
CA ARG A 28 -14.68 4.08 1.38
C ARG A 28 -15.14 3.89 -0.07
N LYS A 29 -16.30 4.46 -0.40
CA LYS A 29 -16.85 4.36 -1.74
C LYS A 29 -16.36 5.52 -2.61
N HIS A 30 -16.19 5.23 -3.91
CA HIS A 30 -15.73 6.25 -4.85
C HIS A 30 -16.82 6.59 -5.86
N ARG A 31 -16.52 7.52 -6.75
CA ARG A 31 -17.49 7.94 -7.76
C ARG A 31 -17.50 6.95 -8.93
N GLN A 32 -18.65 6.32 -9.14
CA GLN A 32 -18.80 5.35 -10.21
C GLN A 32 -20.26 5.23 -10.64
N HIS A 33 -20.47 4.80 -11.88
CA HIS A 33 -21.83 4.64 -12.41
C HIS A 33 -21.93 3.38 -13.27
N PHE A 34 -22.66 2.39 -12.77
CA PHE A 34 -22.84 1.14 -13.49
C PHE A 34 -21.49 0.52 -13.86
N LYS A 35 -20.59 0.47 -12.89
CA LYS A 35 -19.26 -0.09 -13.12
C LYS A 35 -18.84 -1.00 -11.96
N LYS A 36 -17.70 -1.66 -12.11
CA LYS A 36 -17.19 -2.56 -11.09
C LYS A 36 -16.62 -1.78 -9.91
N TYR A 37 -17.38 -1.69 -8.83
CA TYR A 37 -16.95 -0.97 -7.64
C TYR A 37 -17.48 -1.64 -6.38
N GLY A 38 -17.08 -1.11 -5.23
CA GLY A 38 -17.53 -1.67 -3.96
C GLY A 38 -16.48 -1.57 -2.88
N ASN A 39 -15.88 -2.71 -2.53
CA ASN A 39 -14.85 -2.75 -1.50
C ASN A 39 -13.49 -2.34 -2.07
N CYS A 40 -13.51 -1.75 -3.26
CA CYS A 40 -12.29 -1.32 -3.92
C CYS A 40 -11.93 0.11 -3.50
N PHE A 41 -10.66 0.47 -3.67
CA PHE A 41 -10.18 1.80 -3.31
C PHE A 41 -9.13 2.28 -4.30
N THR A 42 -9.21 3.56 -4.67
CA THR A 42 -8.27 4.15 -5.62
C THR A 42 -6.88 4.25 -5.01
N ALA A 43 -5.87 4.28 -5.87
CA ALA A 43 -4.49 4.37 -5.41
C ALA A 43 -4.19 5.75 -4.83
N GLY A 44 -4.62 6.79 -5.55
CA GLY A 44 -4.39 8.16 -5.08
C GLY A 44 -4.62 8.30 -3.59
N GLU A 45 -5.80 7.89 -3.13
CA GLU A 45 -6.13 7.98 -1.72
C GLU A 45 -5.10 7.26 -0.85
N ALA A 46 -4.66 6.09 -1.32
CA ALA A 46 -3.68 5.30 -0.60
C ALA A 46 -2.40 6.10 -0.38
N VAL A 47 -1.96 6.80 -1.43
CA VAL A 47 -0.74 7.60 -1.35
C VAL A 47 -0.72 8.45 -0.08
N ASP A 48 -1.84 9.10 0.21
CA ASP A 48 -1.95 9.95 1.39
C ASP A 48 -1.90 9.11 2.67
N TRP A 49 -2.67 8.03 2.69
CA TRP A 49 -2.70 7.15 3.85
C TRP A 49 -1.31 6.63 4.18
N LEU A 50 -0.71 5.93 3.23
CA LEU A 50 0.63 5.38 3.43
C LEU A 50 1.64 6.48 3.72
N TYR A 51 1.57 7.55 2.94
CA TYR A 51 2.48 8.68 3.12
C TYR A 51 2.42 9.21 4.55
N ASP A 52 1.21 9.44 5.04
CA ASP A 52 1.02 9.95 6.39
C ASP A 52 1.60 8.99 7.42
N LEU A 53 1.72 7.73 7.04
CA LEU A 53 2.27 6.70 7.93
C LEU A 53 3.79 6.73 7.90
N LEU A 54 4.36 7.07 6.75
CA LEU A 54 5.81 7.13 6.61
C LEU A 54 6.36 8.43 7.18
N ARG A 55 5.79 9.55 6.73
CA ARG A 55 6.23 10.86 7.20
C ARG A 55 6.27 10.92 8.72
N ASN A 56 5.18 10.48 9.35
CA ASN A 56 5.08 10.48 10.80
C ASN A 56 6.18 9.60 11.42
N ASN A 57 6.44 8.46 10.80
CA ASN A 57 7.45 7.54 11.28
C ASN A 57 8.81 8.23 11.37
N SER A 58 9.70 7.68 12.20
CA SER A 58 11.03 8.24 12.39
C SER A 58 11.99 7.73 11.32
N ASN A 59 11.95 6.42 11.08
CA ASN A 59 12.82 5.80 10.09
C ASN A 59 12.86 6.63 8.81
N PHE A 60 11.71 6.81 8.19
CA PHE A 60 11.62 7.59 6.95
C PHE A 60 11.62 9.08 7.26
N GLY A 61 10.80 9.48 8.22
CA GLY A 61 10.72 10.88 8.58
C GLY A 61 9.86 11.69 7.62
N PRO A 62 9.63 12.97 7.96
CA PRO A 62 8.82 13.87 7.13
C PRO A 62 9.51 14.22 5.81
N GLU A 63 10.81 13.98 5.75
CA GLU A 63 11.58 14.28 4.55
C GLU A 63 11.00 13.56 3.34
N VAL A 64 10.29 12.47 3.58
CA VAL A 64 9.68 11.69 2.52
C VAL A 64 8.67 12.53 1.74
N THR A 65 8.69 12.39 0.41
CA THR A 65 7.78 13.13 -0.44
C THR A 65 6.81 12.20 -1.15
N ARG A 66 5.79 12.77 -1.79
CA ARG A 66 4.80 12.00 -2.50
C ARG A 66 5.46 10.96 -3.41
N GLN A 67 6.32 11.43 -4.31
CA GLN A 67 7.01 10.54 -5.23
C GLN A 67 7.50 9.29 -4.52
N GLN A 68 8.28 9.49 -3.47
CA GLN A 68 8.81 8.37 -2.69
C GLN A 68 7.74 7.31 -2.45
N THR A 69 6.54 7.75 -2.08
CA THR A 69 5.43 6.84 -1.82
C THR A 69 5.17 5.94 -3.01
N ILE A 70 4.78 6.54 -4.13
CA ILE A 70 4.50 5.78 -5.35
C ILE A 70 5.54 4.67 -5.55
N GLN A 71 6.81 5.01 -5.35
CA GLN A 71 7.89 4.05 -5.51
C GLN A 71 7.67 2.83 -4.61
N LEU A 72 7.56 3.07 -3.32
CA LEU A 72 7.36 2.00 -2.35
C LEU A 72 6.09 1.22 -2.67
N LEU A 73 5.00 1.94 -2.95
CA LEU A 73 3.73 1.32 -3.27
C LEU A 73 3.91 0.16 -4.24
N ARG A 74 4.80 0.35 -5.22
CA ARG A 74 5.07 -0.68 -6.21
C ARG A 74 5.40 -2.01 -5.53
N LYS A 75 6.36 -1.99 -4.63
CA LYS A 75 6.77 -3.19 -3.91
C LYS A 75 5.56 -4.00 -3.46
N PHE A 76 4.68 -3.35 -2.70
CA PHE A 76 3.47 -4.01 -2.21
C PHE A 76 2.87 -4.92 -3.28
N LEU A 77 2.40 -4.32 -4.37
CA LEU A 77 1.80 -5.07 -5.46
C LEU A 77 2.76 -6.15 -5.97
N LYS A 78 4.05 -5.79 -6.06
CA LYS A 78 5.07 -6.72 -6.53
C LYS A 78 5.15 -7.94 -5.62
N ASN A 79 4.93 -7.73 -4.33
CA ASN A 79 4.97 -8.81 -3.36
C ASN A 79 3.59 -9.42 -3.15
N HIS A 80 2.68 -9.16 -4.08
CA HIS A 80 1.33 -9.68 -4.00
C HIS A 80 0.65 -9.23 -2.71
N VAL A 81 1.00 -8.04 -2.24
CA VAL A 81 0.43 -7.51 -1.01
C VAL A 81 -0.95 -6.91 -1.26
N ILE A 82 -1.12 -6.32 -2.44
CA ILE A 82 -2.40 -5.71 -2.80
C ILE A 82 -2.77 -6.03 -4.24
N GLU A 83 -3.98 -6.55 -4.44
CA GLU A 83 -4.44 -6.89 -5.78
C GLU A 83 -5.44 -5.85 -6.29
N ASP A 84 -5.56 -5.75 -7.61
CA ASP A 84 -6.48 -4.80 -8.22
C ASP A 84 -7.93 -5.25 -8.05
N ILE A 85 -8.87 -4.37 -8.38
CA ILE A 85 -10.28 -4.68 -8.26
C ILE A 85 -10.59 -6.08 -8.76
N LYS A 86 -9.90 -6.48 -9.83
CA LYS A 86 -10.09 -7.80 -10.41
C LYS A 86 -9.54 -8.89 -9.48
N GLY A 87 -8.30 -8.71 -9.04
CA GLY A 87 -7.68 -9.68 -8.14
C GLY A 87 -6.41 -10.25 -8.73
N ARG A 88 -5.69 -9.45 -9.50
CA ARG A 88 -4.44 -9.88 -10.12
C ARG A 88 -3.23 -9.24 -9.42
N TRP A 89 -2.15 -10.00 -9.32
CA TRP A 89 -0.93 -9.50 -8.68
C TRP A 89 0.29 -9.86 -9.50
N GLY A 90 1.41 -9.20 -9.21
CA GLY A 90 2.64 -9.46 -9.94
C GLY A 90 3.02 -8.33 -10.87
N SER A 91 3.01 -7.11 -10.35
CA SER A 91 3.35 -5.94 -11.15
C SER A 91 3.93 -4.83 -10.28
N GLU A 92 4.84 -4.05 -10.86
CA GLU A 92 5.48 -2.95 -10.13
C GLU A 92 5.08 -1.60 -10.72
N ASN A 93 4.00 -1.61 -11.50
CA ASN A 93 3.51 -0.38 -12.12
C ASN A 93 2.26 0.14 -11.39
N VAL A 94 2.46 1.17 -10.57
CA VAL A 94 1.35 1.76 -9.82
C VAL A 94 1.65 3.22 -9.49
N ASP A 95 0.81 4.11 -10.02
CA ASP A 95 0.97 5.54 -9.79
C ASP A 95 -0.15 6.07 -8.90
N ASP A 96 -0.08 7.36 -8.58
CA ASP A 96 -1.09 7.99 -7.73
C ASP A 96 -2.32 8.39 -8.55
N ASN A 97 -2.41 7.85 -9.77
CA ASN A 97 -3.52 8.16 -10.65
C ASN A 97 -4.78 7.39 -10.23
N ASN A 98 -5.87 7.62 -10.95
CA ASN A 98 -7.13 6.96 -10.65
C ASN A 98 -7.07 5.49 -11.04
N GLN A 99 -6.98 4.61 -10.03
CA GLN A 99 -6.92 3.18 -10.27
C GLN A 99 -7.48 2.40 -9.08
N LEU A 100 -8.60 1.73 -9.29
CA LEU A 100 -9.24 0.96 -8.24
C LEU A 100 -8.33 -0.18 -7.78
N PHE A 101 -8.42 -0.52 -6.50
CA PHE A 101 -7.62 -1.59 -5.93
C PHE A 101 -8.37 -2.31 -4.81
N ARG A 102 -7.80 -3.42 -4.35
CA ARG A 102 -8.42 -4.20 -3.28
C ARG A 102 -7.40 -5.12 -2.62
N PHE A 103 -7.77 -5.69 -1.48
CA PHE A 103 -6.89 -6.59 -0.74
C PHE A 103 -7.27 -8.04 -0.98
N PRO A 104 -6.25 -8.91 -1.14
CA PRO A 104 -6.46 -10.33 -1.38
C PRO A 104 -7.01 -11.06 -0.16
N ALA A 105 -7.08 -12.38 -0.23
CA ALA A 105 -7.58 -13.18 0.87
C ALA A 105 -6.43 -13.82 1.65
N GLY A 1 13.20 -18.74 7.20
CA GLY A 1 13.01 -18.60 8.64
C GLY A 1 12.24 -17.35 9.00
N SER A 2 12.14 -17.08 10.30
CA SER A 2 11.43 -15.89 10.78
C SER A 2 12.33 -14.67 10.77
N SER A 3 13.55 -14.82 11.28
CA SER A 3 14.50 -13.73 11.33
C SER A 3 15.01 -13.38 9.93
N GLY A 4 15.11 -12.09 9.64
CA GLY A 4 15.58 -11.65 8.34
C GLY A 4 17.01 -12.08 8.07
N SER A 5 17.17 -13.17 7.33
CA SER A 5 18.49 -13.69 7.00
C SER A 5 19.36 -12.60 6.37
N SER A 6 18.80 -11.91 5.38
CA SER A 6 19.51 -10.84 4.69
C SER A 6 18.61 -9.64 4.45
N GLY A 7 18.95 -8.52 5.08
CA GLY A 7 18.16 -7.30 4.92
C GLY A 7 17.12 -7.15 6.02
N TYR A 8 17.53 -7.42 7.25
CA TYR A 8 16.63 -7.30 8.39
C TYR A 8 16.24 -5.86 8.63
N ARG A 9 17.24 -5.00 8.80
CA ARG A 9 17.00 -3.58 9.04
C ARG A 9 15.78 -3.09 8.28
N ALA A 10 15.76 -3.35 6.97
CA ALA A 10 14.64 -2.95 6.13
C ALA A 10 13.39 -3.76 6.44
N THR A 11 13.54 -5.08 6.50
CA THR A 11 12.43 -5.96 6.79
C THR A 11 11.63 -5.47 7.99
N LYS A 12 12.34 -5.03 9.02
CA LYS A 12 11.70 -4.53 10.23
C LYS A 12 10.63 -3.50 9.89
N LEU A 13 10.99 -2.52 9.07
CA LEU A 13 10.06 -1.48 8.67
C LEU A 13 8.97 -2.04 7.76
N TRP A 14 9.38 -2.61 6.63
CA TRP A 14 8.44 -3.19 5.69
C TRP A 14 7.33 -3.95 6.41
N ASN A 15 7.72 -4.78 7.37
CA ASN A 15 6.75 -5.55 8.14
C ASN A 15 5.83 -4.65 8.93
N GLU A 16 6.37 -3.55 9.45
CA GLU A 16 5.59 -2.60 10.23
C GLU A 16 4.64 -1.81 9.33
N VAL A 17 5.20 -1.12 8.35
CA VAL A 17 4.40 -0.32 7.43
C VAL A 17 3.32 -1.18 6.77
N THR A 18 3.67 -2.40 6.42
CA THR A 18 2.73 -3.31 5.78
C THR A 18 1.56 -3.63 6.70
N THR A 19 1.87 -3.94 7.96
CA THR A 19 0.84 -4.27 8.94
C THR A 19 -0.13 -3.11 9.13
N SER A 20 0.42 -1.92 9.35
CA SER A 20 -0.41 -0.73 9.55
C SER A 20 -1.24 -0.43 8.30
N PHE A 21 -0.57 -0.22 7.18
CA PHE A 21 -1.26 0.07 5.93
C PHE A 21 -2.35 -0.96 5.66
N ARG A 22 -2.01 -2.23 5.78
CA ARG A 22 -2.97 -3.31 5.56
C ARG A 22 -4.30 -3.00 6.23
N ALA A 23 -4.26 -2.73 7.53
CA ALA A 23 -5.47 -2.42 8.29
C ALA A 23 -5.99 -1.03 7.92
N GLY A 24 -5.21 -0.01 8.24
CA GLY A 24 -5.62 1.36 7.95
C GLY A 24 -7.11 1.53 8.02
N MET A 25 -7.75 1.73 6.86
CA MET A 25 -9.19 1.92 6.81
C MET A 25 -9.83 0.95 5.82
N PRO A 26 -11.13 0.71 6.00
CA PRO A 26 -11.89 -0.20 5.13
C PRO A 26 -12.08 0.35 3.73
N LEU A 27 -12.57 1.59 3.65
CA LEU A 27 -12.80 2.23 2.36
C LEU A 27 -12.27 3.66 2.38
N ARG A 28 -12.34 4.32 1.22
CA ARG A 28 -11.86 5.69 1.09
C ARG A 28 -12.95 6.59 0.53
N LYS A 29 -12.66 7.89 0.46
CA LYS A 29 -13.61 8.87 -0.06
C LYS A 29 -13.40 9.08 -1.56
N HIS A 30 -14.35 8.61 -2.36
CA HIS A 30 -14.27 8.75 -3.81
C HIS A 30 -15.63 8.48 -4.45
N ARG A 31 -15.79 8.95 -5.68
CA ARG A 31 -17.05 8.77 -6.41
C ARG A 31 -17.30 7.29 -6.69
N GLN A 32 -18.55 6.94 -6.97
CA GLN A 32 -18.93 5.57 -7.25
C GLN A 32 -18.65 4.67 -6.04
N HIS A 33 -18.94 5.17 -4.84
CA HIS A 33 -18.71 4.42 -3.62
C HIS A 33 -19.36 3.04 -3.71
N PHE A 34 -20.68 3.02 -3.88
CA PHE A 34 -21.41 1.76 -3.97
C PHE A 34 -22.07 1.62 -5.34
N LYS A 35 -21.59 2.40 -6.30
CA LYS A 35 -22.14 2.36 -7.66
C LYS A 35 -21.76 1.06 -8.35
N LYS A 36 -20.47 0.88 -8.61
CA LYS A 36 -19.98 -0.33 -9.26
C LYS A 36 -19.21 -1.22 -8.28
N TYR A 37 -18.46 -0.58 -7.38
CA TYR A 37 -17.68 -1.30 -6.40
C TYR A 37 -18.09 -0.92 -4.97
N GLY A 38 -17.48 -1.56 -3.99
CA GLY A 38 -17.80 -1.26 -2.60
C GLY A 38 -16.57 -1.24 -1.72
N ASN A 39 -15.84 -2.35 -1.67
CA ASN A 39 -14.64 -2.44 -0.86
C ASN A 39 -13.41 -2.00 -1.65
N CYS A 40 -13.64 -1.49 -2.85
CA CYS A 40 -12.55 -1.02 -3.71
C CYS A 40 -12.23 0.44 -3.43
N PHE A 41 -11.04 0.87 -3.81
CA PHE A 41 -10.60 2.24 -3.61
C PHE A 41 -9.58 2.66 -4.65
N THR A 42 -9.43 3.97 -4.84
CA THR A 42 -8.47 4.50 -5.82
C THR A 42 -7.06 4.52 -5.24
N ALA A 43 -6.06 4.39 -6.11
CA ALA A 43 -4.67 4.40 -5.69
C ALA A 43 -4.29 5.74 -5.06
N GLY A 44 -4.55 6.82 -5.79
CA GLY A 44 -4.22 8.14 -5.30
C GLY A 44 -4.45 8.27 -3.80
N GLU A 45 -5.71 8.17 -3.38
CA GLU A 45 -6.05 8.28 -1.97
C GLU A 45 -5.04 7.51 -1.10
N ALA A 46 -4.74 6.28 -1.51
CA ALA A 46 -3.80 5.44 -0.77
C ALA A 46 -2.49 6.19 -0.51
N VAL A 47 -1.96 6.82 -1.55
CA VAL A 47 -0.72 7.58 -1.43
C VAL A 47 -0.69 8.38 -0.12
N ASP A 48 -1.76 9.12 0.13
CA ASP A 48 -1.85 9.92 1.34
C ASP A 48 -1.85 9.04 2.58
N TRP A 49 -2.73 8.04 2.59
CA TRP A 49 -2.83 7.12 3.72
C TRP A 49 -1.47 6.54 4.08
N LEU A 50 -0.80 5.96 3.10
CA LEU A 50 0.51 5.37 3.31
C LEU A 50 1.55 6.44 3.66
N TYR A 51 1.72 7.39 2.76
CA TYR A 51 2.68 8.48 2.97
C TYR A 51 2.65 8.95 4.42
N ASP A 52 1.50 9.45 4.86
CA ASP A 52 1.34 9.93 6.22
C ASP A 52 1.87 8.91 7.22
N LEU A 53 1.48 7.65 7.06
CA LEU A 53 1.93 6.59 7.94
C LEU A 53 3.44 6.46 7.94
N LEU A 54 4.02 6.51 6.74
CA LEU A 54 5.47 6.41 6.60
C LEU A 54 6.18 7.55 7.32
N ARG A 55 5.89 8.78 6.91
CA ARG A 55 6.49 9.95 7.52
C ARG A 55 6.32 9.92 9.04
N ASN A 56 5.13 9.56 9.49
CA ASN A 56 4.84 9.50 10.92
C ASN A 56 5.97 8.78 11.67
N ASN A 57 6.47 7.69 11.08
CA ASN A 57 7.54 6.92 11.69
C ASN A 57 8.87 7.65 11.55
N SER A 58 9.76 7.44 12.53
CA SER A 58 11.07 8.08 12.52
C SER A 58 11.91 7.55 11.36
N ASN A 59 11.99 6.23 11.25
CA ASN A 59 12.77 5.60 10.19
C ASN A 59 12.73 6.43 8.91
N PHE A 60 11.53 6.63 8.38
CA PHE A 60 11.36 7.41 7.15
C PHE A 60 11.40 8.91 7.46
N GLY A 61 10.63 9.32 8.46
CA GLY A 61 10.59 10.72 8.83
C GLY A 61 9.83 11.57 7.84
N PRO A 62 9.66 12.87 8.15
CA PRO A 62 8.94 13.80 7.29
C PRO A 62 9.69 14.09 5.99
N GLU A 63 10.98 13.76 5.97
CA GLU A 63 11.80 14.00 4.79
C GLU A 63 11.19 13.33 3.55
N VAL A 64 10.64 12.14 3.75
CA VAL A 64 10.02 11.40 2.66
C VAL A 64 8.92 12.22 1.98
N THR A 65 8.96 12.27 0.65
CA THR A 65 7.96 13.01 -0.11
C THR A 65 7.01 12.08 -0.85
N ARG A 66 5.88 12.61 -1.27
CA ARG A 66 4.89 11.82 -1.99
C ARG A 66 5.56 10.90 -3.01
N GLN A 67 6.40 11.47 -3.85
CA GLN A 67 7.11 10.69 -4.87
C GLN A 67 7.57 9.35 -4.31
N GLN A 68 8.44 9.40 -3.30
CA GLN A 68 8.96 8.19 -2.68
C GLN A 68 7.86 7.16 -2.50
N THR A 69 6.67 7.62 -2.11
CA THR A 69 5.54 6.74 -1.89
C THR A 69 5.24 5.91 -3.14
N ILE A 70 4.84 6.60 -4.21
CA ILE A 70 4.54 5.93 -5.47
C ILE A 70 5.51 4.79 -5.75
N GLN A 71 6.79 5.04 -5.50
CA GLN A 71 7.83 4.04 -5.72
C GLN A 71 7.67 2.88 -4.75
N LEU A 72 7.46 3.20 -3.48
CA LEU A 72 7.30 2.17 -2.45
C LEU A 72 6.05 1.34 -2.71
N LEU A 73 4.91 2.01 -2.85
CA LEU A 73 3.65 1.32 -3.11
C LEU A 73 3.84 0.16 -4.08
N ARG A 74 4.59 0.41 -5.15
CA ARG A 74 4.86 -0.62 -6.15
C ARG A 74 5.17 -1.96 -5.49
N LYS A 75 6.12 -1.94 -4.56
CA LYS A 75 6.52 -3.14 -3.85
C LYS A 75 5.30 -3.93 -3.37
N PHE A 76 4.44 -3.27 -2.60
CA PHE A 76 3.24 -3.89 -2.08
C PHE A 76 2.59 -4.78 -3.14
N LEU A 77 2.20 -4.18 -4.25
CA LEU A 77 1.57 -4.92 -5.35
C LEU A 77 2.46 -6.07 -5.80
N LYS A 78 3.77 -5.85 -5.80
CA LYS A 78 4.72 -6.86 -6.21
C LYS A 78 4.66 -8.08 -5.28
N ASN A 79 4.66 -7.83 -3.98
CA ASN A 79 4.60 -8.90 -3.00
C ASN A 79 3.19 -9.47 -2.89
N HIS A 80 2.31 -9.02 -3.78
CA HIS A 80 0.93 -9.48 -3.79
C HIS A 80 0.19 -8.98 -2.56
N VAL A 81 0.56 -7.80 -2.08
CA VAL A 81 -0.08 -7.21 -0.92
C VAL A 81 -1.43 -6.60 -1.27
N ILE A 82 -1.56 -6.15 -2.52
CA ILE A 82 -2.81 -5.56 -2.99
C ILE A 82 -3.02 -5.82 -4.47
N GLU A 83 -4.20 -6.33 -4.80
CA GLU A 83 -4.54 -6.63 -6.19
C GLU A 83 -5.42 -5.54 -6.79
N ASP A 84 -5.62 -5.61 -8.10
CA ASP A 84 -6.45 -4.63 -8.79
C ASP A 84 -7.93 -4.91 -8.58
N ILE A 85 -8.75 -3.87 -8.69
CA ILE A 85 -10.19 -4.02 -8.50
C ILE A 85 -10.70 -5.31 -9.13
N LYS A 86 -10.09 -5.71 -10.23
CA LYS A 86 -10.48 -6.93 -10.93
C LYS A 86 -9.72 -8.14 -10.37
N GLY A 87 -8.42 -7.96 -10.11
CA GLY A 87 -7.61 -9.04 -9.58
C GLY A 87 -6.33 -9.24 -10.36
N ARG A 88 -5.59 -8.16 -10.57
CA ARG A 88 -4.33 -8.22 -11.32
C ARG A 88 -3.15 -7.97 -10.40
N TRP A 89 -2.09 -8.75 -10.58
CA TRP A 89 -0.89 -8.61 -9.77
C TRP A 89 0.37 -8.87 -10.60
N GLY A 90 1.52 -8.59 -10.01
CA GLY A 90 2.78 -8.80 -10.72
C GLY A 90 3.01 -7.77 -11.81
N SER A 91 2.69 -6.51 -11.52
CA SER A 91 2.87 -5.44 -12.49
C SER A 91 3.86 -4.40 -11.98
N GLU A 92 3.96 -4.29 -10.66
CA GLU A 92 4.87 -3.33 -10.05
C GLU A 92 4.72 -1.95 -10.68
N ASN A 93 3.50 -1.63 -11.10
CA ASN A 93 3.22 -0.35 -11.73
C ASN A 93 2.00 0.32 -11.09
N VAL A 94 2.25 1.30 -10.23
CA VAL A 94 1.18 2.01 -9.55
C VAL A 94 1.54 3.47 -9.33
N ASP A 95 0.68 4.37 -9.82
CA ASP A 95 0.92 5.80 -9.68
C ASP A 95 -0.15 6.44 -8.79
N ASP A 96 0.01 7.73 -8.52
CA ASP A 96 -0.93 8.45 -7.67
C ASP A 96 -2.16 8.89 -8.48
N ASN A 97 -2.30 8.34 -9.68
CA ASN A 97 -3.42 8.67 -10.55
C ASN A 97 -4.66 7.86 -10.18
N ASN A 98 -5.76 8.11 -10.88
CA ASN A 98 -7.00 7.40 -10.62
C ASN A 98 -6.89 5.93 -11.02
N GLN A 99 -6.72 5.06 -10.03
CA GLN A 99 -6.60 3.63 -10.28
C GLN A 99 -7.15 2.83 -9.10
N LEU A 100 -8.31 2.21 -9.33
CA LEU A 100 -8.96 1.40 -8.30
C LEU A 100 -8.06 0.25 -7.86
N PHE A 101 -8.25 -0.21 -6.63
CA PHE A 101 -7.45 -1.32 -6.09
C PHE A 101 -8.18 -2.00 -4.94
N ARG A 102 -7.82 -3.25 -4.68
CA ARG A 102 -8.43 -4.01 -3.60
C ARG A 102 -7.44 -5.01 -3.01
N PHE A 103 -7.60 -5.29 -1.71
CA PHE A 103 -6.72 -6.22 -1.03
C PHE A 103 -7.19 -7.67 -1.23
N PRO A 104 -6.24 -8.56 -1.55
CA PRO A 104 -6.53 -9.98 -1.78
C PRO A 104 -6.92 -10.70 -0.49
N ALA A 105 -7.23 -11.98 -0.62
CA ALA A 105 -7.61 -12.79 0.53
C ALA A 105 -6.98 -14.18 0.47
N GLY A 1 16.02 -24.19 18.24
CA GLY A 1 14.91 -24.65 17.43
C GLY A 1 14.42 -23.59 16.46
N SER A 2 14.38 -23.95 15.18
CA SER A 2 13.93 -23.03 14.15
C SER A 2 14.81 -21.79 14.11
N SER A 3 16.13 -21.99 14.23
CA SER A 3 17.08 -20.89 14.21
C SER A 3 17.89 -20.89 12.91
N GLY A 4 17.66 -19.89 12.08
CA GLY A 4 18.38 -19.79 10.82
C GLY A 4 17.84 -18.67 9.94
N SER A 5 18.05 -17.44 10.36
CA SER A 5 17.59 -16.28 9.60
C SER A 5 18.55 -15.10 9.76
N SER A 6 18.46 -14.15 8.85
CA SER A 6 19.32 -12.97 8.88
C SER A 6 18.62 -11.77 8.26
N GLY A 7 19.02 -10.57 8.69
CA GLY A 7 18.41 -9.36 8.17
C GLY A 7 17.05 -9.08 8.76
N TYR A 8 16.93 -9.25 10.07
CA TYR A 8 15.67 -9.02 10.77
C TYR A 8 15.36 -7.53 10.84
N ARG A 9 16.31 -6.76 11.35
CA ARG A 9 16.13 -5.32 11.49
C ARG A 9 15.30 -4.76 10.33
N ALA A 10 15.73 -5.04 9.10
CA ALA A 10 15.03 -4.57 7.93
C ALA A 10 13.64 -5.19 7.83
N THR A 11 13.58 -6.52 7.94
CA THR A 11 12.31 -7.23 7.86
C THR A 11 11.26 -6.61 8.77
N LYS A 12 11.69 -6.25 9.98
CA LYS A 12 10.79 -5.63 10.95
C LYS A 12 10.03 -4.46 10.33
N LEU A 13 10.77 -3.45 9.89
CA LEU A 13 10.16 -2.27 9.27
C LEU A 13 9.07 -2.69 8.28
N TRP A 14 9.47 -3.38 7.23
CA TRP A 14 8.52 -3.84 6.22
C TRP A 14 7.28 -4.45 6.85
N ASN A 15 7.49 -5.28 7.87
CA ASN A 15 6.39 -5.94 8.56
C ASN A 15 5.53 -4.91 9.29
N GLU A 16 6.15 -3.82 9.72
CA GLU A 16 5.44 -2.76 10.43
C GLU A 16 4.60 -1.93 9.46
N VAL A 17 5.27 -1.28 8.52
CA VAL A 17 4.58 -0.45 7.53
C VAL A 17 3.47 -1.21 6.85
N THR A 18 3.75 -2.47 6.51
CA THR A 18 2.76 -3.31 5.84
C THR A 18 1.55 -3.56 6.74
N THR A 19 1.81 -3.89 8.00
CA THR A 19 0.74 -4.15 8.96
C THR A 19 -0.10 -2.90 9.20
N SER A 20 0.57 -1.77 9.39
CA SER A 20 -0.12 -0.51 9.63
C SER A 20 -0.97 -0.11 8.43
N PHE A 21 -0.39 -0.24 7.24
CA PHE A 21 -1.09 0.11 6.00
C PHE A 21 -2.33 -0.76 5.82
N ARG A 22 -2.11 -2.07 5.76
CA ARG A 22 -3.22 -3.02 5.57
C ARG A 22 -4.46 -2.54 6.31
N ALA A 23 -4.35 -2.39 7.62
CA ALA A 23 -5.48 -1.94 8.44
C ALA A 23 -5.81 -0.48 8.16
N GLY A 24 -4.78 0.31 7.85
CA GLY A 24 -4.99 1.72 7.57
C GLY A 24 -6.30 1.98 6.85
N MET A 25 -6.33 1.68 5.55
CA MET A 25 -7.53 1.88 4.76
C MET A 25 -8.74 1.22 5.41
N PRO A 26 -9.63 2.06 5.97
CA PRO A 26 -10.85 1.58 6.64
C PRO A 26 -11.86 0.99 5.66
N LEU A 27 -11.45 0.87 4.40
CA LEU A 27 -12.32 0.32 3.36
C LEU A 27 -13.48 1.26 3.08
N ARG A 28 -13.17 2.54 2.88
CA ARG A 28 -14.18 3.55 2.61
C ARG A 28 -15.06 3.11 1.44
N LYS A 29 -16.26 3.68 1.36
CA LYS A 29 -17.19 3.36 0.29
C LYS A 29 -17.09 4.36 -0.86
N HIS A 30 -17.64 4.00 -2.01
CA HIS A 30 -17.61 4.88 -3.19
C HIS A 30 -19.00 5.01 -3.80
N ARG A 31 -19.12 5.89 -4.78
CA ARG A 31 -20.39 6.11 -5.45
C ARG A 31 -20.59 5.11 -6.59
N GLN A 32 -21.55 4.22 -6.42
CA GLN A 32 -21.84 3.20 -7.42
C GLN A 32 -23.28 2.71 -7.30
N HIS A 33 -24.02 2.78 -8.40
CA HIS A 33 -25.42 2.34 -8.42
C HIS A 33 -25.60 1.08 -7.56
N PHE A 34 -24.85 0.03 -7.90
CA PHE A 34 -24.93 -1.22 -7.17
C PHE A 34 -23.57 -1.59 -6.57
N LYS A 35 -23.60 -2.27 -5.43
CA LYS A 35 -22.38 -2.68 -4.75
C LYS A 35 -21.54 -3.59 -5.63
N LYS A 36 -20.49 -3.03 -6.23
CA LYS A 36 -19.61 -3.79 -7.11
C LYS A 36 -18.19 -3.85 -6.53
N TYR A 37 -17.75 -2.76 -5.93
CA TYR A 37 -16.42 -2.68 -5.34
C TYR A 37 -16.37 -3.48 -4.04
N GLY A 38 -17.18 -3.08 -3.07
CA GLY A 38 -17.20 -3.77 -1.78
C GLY A 38 -16.25 -3.14 -0.78
N ASN A 39 -15.05 -3.69 -0.68
CA ASN A 39 -14.06 -3.18 0.26
C ASN A 39 -12.85 -2.63 -0.48
N CYS A 40 -13.02 -2.35 -1.76
CA CYS A 40 -11.94 -1.82 -2.59
C CYS A 40 -11.78 -0.31 -2.36
N PHE A 41 -10.68 0.23 -2.86
CA PHE A 41 -10.39 1.66 -2.71
C PHE A 41 -9.50 2.16 -3.85
N THR A 42 -9.55 3.46 -4.09
CA THR A 42 -8.76 4.08 -5.14
C THR A 42 -7.30 4.20 -4.73
N ALA A 43 -6.40 4.05 -5.70
CA ALA A 43 -4.97 4.16 -5.43
C ALA A 43 -4.60 5.53 -4.87
N GLY A 44 -4.93 6.57 -5.62
CA GLY A 44 -4.62 7.92 -5.18
C GLY A 44 -4.74 8.08 -3.68
N GLU A 45 -5.95 7.91 -3.15
CA GLU A 45 -6.19 8.04 -1.73
C GLU A 45 -5.12 7.32 -0.93
N ALA A 46 -4.81 6.09 -1.34
CA ALA A 46 -3.80 5.28 -0.66
C ALA A 46 -2.47 6.03 -0.57
N VAL A 47 -2.14 6.78 -1.62
CA VAL A 47 -0.91 7.55 -1.66
C VAL A 47 -0.77 8.44 -0.44
N ASP A 48 -1.83 9.18 -0.13
CA ASP A 48 -1.83 10.07 1.03
C ASP A 48 -1.75 9.28 2.32
N TRP A 49 -2.60 8.26 2.45
CA TRP A 49 -2.62 7.44 3.65
C TRP A 49 -1.25 6.81 3.90
N LEU A 50 -0.80 5.99 2.97
CA LEU A 50 0.49 5.33 3.09
C LEU A 50 1.59 6.34 3.39
N TYR A 51 1.55 7.48 2.72
CA TYR A 51 2.54 8.54 2.92
C TYR A 51 2.49 9.06 4.35
N ASP A 52 1.30 9.36 4.83
CA ASP A 52 1.13 9.87 6.18
C ASP A 52 1.73 8.91 7.21
N LEU A 53 1.57 7.62 6.96
CA LEU A 53 2.10 6.61 7.86
C LEU A 53 3.62 6.59 7.83
N LEU A 54 4.19 6.67 6.63
CA LEU A 54 5.64 6.66 6.45
C LEU A 54 6.27 7.85 7.18
N ARG A 55 5.79 9.05 6.85
CA ARG A 55 6.32 10.27 7.46
C ARG A 55 6.17 10.22 8.97
N ASN A 56 5.03 9.72 9.44
CA ASN A 56 4.77 9.62 10.87
C ASN A 56 5.84 8.80 11.56
N ASN A 57 6.25 7.71 10.93
CA ASN A 57 7.28 6.82 11.48
C ASN A 57 8.56 7.61 11.76
N SER A 58 9.53 6.94 12.38
CA SER A 58 10.80 7.56 12.71
C SER A 58 11.86 7.23 11.67
N ASN A 59 11.97 5.94 11.33
CA ASN A 59 12.94 5.50 10.34
C ASN A 59 12.91 6.38 9.10
N PHE A 60 11.74 6.49 8.48
CA PHE A 60 11.57 7.31 7.29
C PHE A 60 11.53 8.79 7.64
N GLY A 61 10.86 9.11 8.75
CA GLY A 61 10.76 10.49 9.18
C GLY A 61 9.93 11.35 8.23
N PRO A 62 9.70 12.61 8.61
CA PRO A 62 8.92 13.55 7.79
C PRO A 62 9.65 13.95 6.51
N GLU A 63 10.91 13.54 6.40
CA GLU A 63 11.71 13.85 5.22
C GLU A 63 11.12 13.20 3.97
N VAL A 64 10.59 11.99 4.13
CA VAL A 64 10.00 11.27 3.02
C VAL A 64 8.91 12.08 2.35
N THR A 65 8.78 11.93 1.02
CA THR A 65 7.77 12.65 0.26
C THR A 65 6.99 11.71 -0.65
N ARG A 66 5.87 12.20 -1.17
CA ARG A 66 5.04 11.39 -2.06
C ARG A 66 5.89 10.51 -2.96
N GLN A 67 6.90 11.11 -3.58
CA GLN A 67 7.79 10.37 -4.47
C GLN A 67 8.07 8.97 -3.92
N GLN A 68 8.65 8.92 -2.72
CA GLN A 68 8.99 7.65 -2.09
C GLN A 68 7.74 6.78 -1.92
N THR A 69 6.63 7.42 -1.54
CA THR A 69 5.37 6.71 -1.34
C THR A 69 4.97 5.95 -2.60
N ILE A 70 4.82 6.69 -3.71
CA ILE A 70 4.44 6.08 -4.98
C ILE A 70 5.39 4.95 -5.36
N GLN A 71 6.69 5.21 -5.24
CA GLN A 71 7.70 4.21 -5.58
C GLN A 71 7.48 2.93 -4.78
N LEU A 72 7.19 3.08 -3.49
CA LEU A 72 6.95 1.94 -2.62
C LEU A 72 5.70 1.17 -3.04
N LEU A 73 4.62 1.91 -3.28
CA LEU A 73 3.36 1.31 -3.69
C LEU A 73 3.58 0.25 -4.76
N ARG A 74 4.46 0.55 -5.70
CA ARG A 74 4.77 -0.38 -6.79
C ARG A 74 5.30 -1.70 -6.23
N LYS A 75 6.19 -1.60 -5.25
CA LYS A 75 6.78 -2.78 -4.63
C LYS A 75 5.71 -3.67 -4.00
N PHE A 76 4.95 -3.10 -3.08
CA PHE A 76 3.88 -3.83 -2.40
C PHE A 76 3.17 -4.75 -3.37
N LEU A 77 2.58 -4.17 -4.41
CA LEU A 77 1.85 -4.94 -5.42
C LEU A 77 2.69 -6.13 -5.90
N LYS A 78 3.97 -5.89 -6.12
CA LYS A 78 4.88 -6.93 -6.58
C LYS A 78 4.99 -8.05 -5.54
N ASN A 79 5.07 -7.66 -4.28
CA ASN A 79 5.18 -8.63 -3.18
C ASN A 79 3.83 -9.29 -2.89
N HIS A 80 2.85 -9.01 -3.75
CA HIS A 80 1.51 -9.57 -3.59
C HIS A 80 0.85 -9.03 -2.33
N VAL A 81 1.16 -7.79 -1.99
CA VAL A 81 0.59 -7.16 -0.79
C VAL A 81 -0.79 -6.58 -1.09
N ILE A 82 -0.98 -6.14 -2.33
CA ILE A 82 -2.26 -5.57 -2.74
C ILE A 82 -2.67 -6.06 -4.13
N GLU A 83 -3.86 -6.65 -4.22
CA GLU A 83 -4.35 -7.16 -5.49
C GLU A 83 -5.37 -6.20 -6.10
N ASP A 84 -5.29 -6.01 -7.41
CA ASP A 84 -6.20 -5.12 -8.12
C ASP A 84 -7.62 -5.68 -8.11
N ILE A 85 -8.57 -4.84 -8.51
CA ILE A 85 -9.98 -5.25 -8.55
C ILE A 85 -10.18 -6.45 -9.45
N LYS A 86 -9.37 -6.53 -10.51
CA LYS A 86 -9.46 -7.63 -11.47
C LYS A 86 -8.46 -8.73 -11.11
N GLY A 87 -7.27 -8.33 -10.70
CA GLY A 87 -6.24 -9.29 -10.34
C GLY A 87 -4.98 -9.13 -11.16
N ARG A 88 -4.45 -7.90 -11.18
CA ARG A 88 -3.24 -7.61 -11.94
C ARG A 88 -2.00 -7.71 -11.05
N TRP A 89 -2.16 -8.37 -9.90
CA TRP A 89 -1.07 -8.53 -8.95
C TRP A 89 0.12 -9.24 -9.61
N GLY A 90 1.33 -8.89 -9.18
CA GLY A 90 2.52 -9.50 -9.74
C GLY A 90 3.37 -8.51 -10.51
N SER A 91 2.76 -7.39 -10.89
CA SER A 91 3.46 -6.36 -11.66
C SER A 91 3.77 -5.15 -10.77
N GLU A 92 4.47 -4.17 -11.34
CA GLU A 92 4.83 -2.96 -10.61
C GLU A 92 4.18 -1.73 -11.23
N ASN A 93 3.17 -1.97 -12.08
CA ASN A 93 2.47 -0.88 -12.75
C ASN A 93 1.38 -0.31 -11.84
N VAL A 94 1.67 0.84 -11.23
CA VAL A 94 0.71 1.49 -10.35
C VAL A 94 0.91 3.00 -10.33
N ASP A 95 -0.18 3.75 -10.38
CA ASP A 95 -0.12 5.21 -10.37
C ASP A 95 -1.05 5.79 -9.30
N ASP A 96 -0.86 7.06 -8.99
CA ASP A 96 -1.68 7.73 -7.99
C ASP A 96 -3.01 8.19 -8.59
N ASN A 97 -3.34 7.64 -9.76
CA ASN A 97 -4.58 8.00 -10.44
C ASN A 97 -5.75 7.19 -9.89
N ASN A 98 -6.95 7.45 -10.40
CA ASN A 98 -8.15 6.76 -9.96
C ASN A 98 -8.12 5.29 -10.38
N GLN A 99 -7.84 4.41 -9.42
CA GLN A 99 -7.78 2.98 -9.69
C GLN A 99 -8.19 2.17 -8.47
N LEU A 100 -9.30 1.46 -8.57
CA LEU A 100 -9.80 0.64 -7.48
C LEU A 100 -8.89 -0.55 -7.22
N PHE A 101 -8.60 -0.81 -5.95
CA PHE A 101 -7.74 -1.93 -5.57
C PHE A 101 -8.40 -2.78 -4.48
N ARG A 102 -7.76 -3.89 -4.14
CA ARG A 102 -8.27 -4.79 -3.13
C ARG A 102 -7.15 -5.59 -2.48
N PHE A 103 -7.50 -6.37 -1.46
CA PHE A 103 -6.51 -7.19 -0.76
C PHE A 103 -6.62 -8.65 -1.18
N PRO A 104 -5.46 -9.30 -1.40
CA PRO A 104 -5.39 -10.70 -1.82
C PRO A 104 -5.82 -11.65 -0.70
N ALA A 105 -5.95 -12.93 -1.03
CA ALA A 105 -6.33 -13.94 -0.06
C ALA A 105 -5.21 -14.22 0.93
N GLY A 1 11.03 -27.65 13.72
CA GLY A 1 10.90 -27.06 12.39
C GLY A 1 11.20 -25.57 12.39
N SER A 2 12.35 -25.21 12.93
CA SER A 2 12.76 -23.80 12.99
C SER A 2 13.05 -23.25 11.60
N SER A 3 12.44 -22.12 11.28
CA SER A 3 12.62 -21.49 9.98
C SER A 3 13.74 -20.46 10.03
N GLY A 4 13.64 -19.53 10.97
CA GLY A 4 14.66 -18.50 11.11
C GLY A 4 14.51 -17.41 10.07
N SER A 5 14.58 -16.16 10.52
CA SER A 5 14.44 -15.01 9.62
C SER A 5 15.80 -14.34 9.40
N SER A 6 15.85 -13.44 8.42
CA SER A 6 17.08 -12.72 8.11
C SER A 6 16.82 -11.24 7.97
N GLY A 7 17.59 -10.43 8.70
CA GLY A 7 17.42 -8.99 8.65
C GLY A 7 16.31 -8.50 9.54
N TYR A 8 16.28 -8.99 10.78
CA TYR A 8 15.26 -8.60 11.73
C TYR A 8 14.86 -7.13 11.54
N ARG A 9 15.85 -6.26 11.54
CA ARG A 9 15.61 -4.83 11.36
C ARG A 9 14.70 -4.57 10.17
N ALA A 10 15.07 -5.12 9.02
CA ALA A 10 14.28 -4.96 7.81
C ALA A 10 12.90 -5.60 7.95
N THR A 11 12.86 -6.76 8.60
CA THR A 11 11.61 -7.47 8.81
C THR A 11 10.61 -6.63 9.61
N LYS A 12 11.06 -6.13 10.75
CA LYS A 12 10.22 -5.32 11.61
C LYS A 12 9.71 -4.08 10.85
N LEU A 13 10.62 -3.40 10.16
CA LEU A 13 10.26 -2.21 9.41
C LEU A 13 9.19 -2.53 8.36
N TRP A 14 9.52 -3.43 7.44
CA TRP A 14 8.59 -3.83 6.39
C TRP A 14 7.28 -4.31 6.99
N ASN A 15 7.35 -5.33 7.84
CA ASN A 15 6.16 -5.88 8.48
C ASN A 15 5.32 -4.77 9.13
N GLU A 16 6.00 -3.75 9.64
CA GLU A 16 5.32 -2.63 10.29
C GLU A 16 4.52 -1.82 9.26
N VAL A 17 5.15 -1.51 8.14
CA VAL A 17 4.50 -0.75 7.09
C VAL A 17 3.33 -1.52 6.48
N THR A 18 3.48 -2.84 6.40
CA THR A 18 2.43 -3.69 5.86
C THR A 18 1.30 -3.89 6.85
N THR A 19 1.66 -4.20 8.10
CA THR A 19 0.66 -4.42 9.14
C THR A 19 -0.19 -3.17 9.36
N SER A 20 0.43 -2.00 9.23
CA SER A 20 -0.27 -0.74 9.41
C SER A 20 -1.08 -0.38 8.17
N PHE A 21 -0.38 -0.24 7.05
CA PHE A 21 -1.02 0.10 5.78
C PHE A 21 -2.15 -0.87 5.47
N ARG A 22 -1.89 -2.16 5.66
CA ARG A 22 -2.89 -3.19 5.39
C ARG A 22 -4.19 -2.89 6.13
N ALA A 23 -4.07 -2.60 7.42
CA ALA A 23 -5.23 -2.29 8.23
C ALA A 23 -5.73 -0.87 8.00
N GLY A 24 -4.89 0.10 8.33
CA GLY A 24 -5.25 1.50 8.15
C GLY A 24 -6.48 1.89 8.94
N MET A 25 -6.38 2.98 9.69
CA MET A 25 -7.50 3.46 10.49
C MET A 25 -8.67 3.87 9.61
N PRO A 26 -8.43 4.85 8.72
CA PRO A 26 -9.46 5.36 7.81
C PRO A 26 -9.82 4.33 6.73
N LEU A 27 -11.12 4.18 6.48
CA LEU A 27 -11.60 3.25 5.48
C LEU A 27 -13.02 3.59 5.05
N ARG A 28 -13.38 3.20 3.83
CA ARG A 28 -14.70 3.47 3.29
C ARG A 28 -14.95 4.96 3.19
N LYS A 29 -13.93 5.71 2.77
CA LYS A 29 -14.04 7.15 2.63
C LYS A 29 -14.82 7.52 1.38
N HIS A 30 -14.54 6.82 0.28
CA HIS A 30 -15.21 7.07 -0.99
C HIS A 30 -16.65 6.55 -0.95
N ARG A 31 -17.39 6.79 -2.03
CA ARG A 31 -18.77 6.35 -2.11
C ARG A 31 -18.97 5.40 -3.29
N GLN A 32 -19.85 4.42 -3.12
CA GLN A 32 -20.13 3.45 -4.17
C GLN A 32 -21.63 3.28 -4.37
N HIS A 33 -22.01 2.45 -5.34
CA HIS A 33 -23.41 2.20 -5.64
C HIS A 33 -24.03 1.29 -4.58
N PHE A 34 -23.58 0.04 -4.54
CA PHE A 34 -24.11 -0.92 -3.57
C PHE A 34 -23.05 -1.98 -3.25
N LYS A 35 -22.44 -1.85 -2.08
CA LYS A 35 -21.41 -2.79 -1.65
C LYS A 35 -20.36 -2.99 -2.74
N LYS A 36 -20.10 -1.93 -3.50
CA LYS A 36 -19.11 -1.98 -4.58
C LYS A 36 -17.83 -1.29 -4.16
N TYR A 37 -16.72 -2.04 -4.16
CA TYR A 37 -15.43 -1.50 -3.78
C TYR A 37 -15.54 -0.68 -2.50
N GLY A 38 -16.44 -1.09 -1.61
CA GLY A 38 -16.63 -0.38 -0.36
C GLY A 38 -15.38 -0.40 0.51
N ASN A 39 -14.88 -1.60 0.79
CA ASN A 39 -13.68 -1.75 1.61
C ASN A 39 -12.43 -1.57 0.79
N CYS A 40 -12.58 -1.05 -0.43
CA CYS A 40 -11.45 -0.83 -1.33
C CYS A 40 -10.96 0.61 -1.23
N PHE A 41 -9.73 0.84 -1.67
CA PHE A 41 -9.14 2.17 -1.63
C PHE A 41 -8.37 2.46 -2.92
N THR A 42 -8.70 3.57 -3.56
CA THR A 42 -8.04 3.96 -4.80
C THR A 42 -6.55 4.22 -4.58
N ALA A 43 -5.79 4.26 -5.66
CA ALA A 43 -4.35 4.49 -5.58
C ALA A 43 -4.06 5.90 -5.06
N GLY A 44 -4.75 6.89 -5.61
CA GLY A 44 -4.55 8.26 -5.18
C GLY A 44 -4.72 8.43 -3.68
N GLU A 45 -5.93 8.14 -3.19
CA GLU A 45 -6.23 8.27 -1.78
C GLU A 45 -5.20 7.54 -0.93
N ALA A 46 -4.92 6.28 -1.29
CA ALA A 46 -3.95 5.48 -0.57
C ALA A 46 -2.62 6.22 -0.42
N VAL A 47 -2.14 6.77 -1.52
CA VAL A 47 -0.88 7.51 -1.52
C VAL A 47 -0.74 8.35 -0.26
N ASP A 48 -1.82 9.06 0.09
CA ASP A 48 -1.82 9.91 1.27
C ASP A 48 -1.83 9.08 2.54
N TRP A 49 -2.68 8.06 2.58
CA TRP A 49 -2.78 7.19 3.74
C TRP A 49 -1.41 6.60 4.09
N LEU A 50 -0.70 6.11 3.09
CA LEU A 50 0.61 5.53 3.30
C LEU A 50 1.65 6.60 3.61
N TYR A 51 1.73 7.61 2.76
CA TYR A 51 2.67 8.70 2.96
C TYR A 51 2.62 9.21 4.40
N ASP A 52 1.45 9.65 4.82
CA ASP A 52 1.27 10.16 6.18
C ASP A 52 1.88 9.21 7.20
N LEU A 53 1.67 7.92 7.01
CA LEU A 53 2.19 6.90 7.91
C LEU A 53 3.71 6.85 7.85
N LEU A 54 4.25 6.87 6.63
CA LEU A 54 5.69 6.83 6.43
C LEU A 54 6.36 8.03 7.09
N ARG A 55 5.94 9.23 6.70
CA ARG A 55 6.51 10.46 7.25
C ARG A 55 6.43 10.46 8.78
N ASN A 56 5.32 9.93 9.30
CA ASN A 56 5.12 9.87 10.74
C ASN A 56 6.27 9.13 11.42
N ASN A 57 6.75 8.08 10.78
CA ASN A 57 7.85 7.29 11.32
C ASN A 57 9.16 8.07 11.29
N SER A 58 10.18 7.53 11.93
CA SER A 58 11.49 8.18 11.98
C SER A 58 12.32 7.80 10.76
N ASN A 59 12.40 6.50 10.48
CA ASN A 59 13.18 6.01 9.35
C ASN A 59 12.99 6.91 8.13
N PHE A 60 11.74 7.12 7.76
CA PHE A 60 11.42 7.96 6.61
C PHE A 60 11.38 9.43 7.00
N GLY A 61 10.80 9.71 8.17
CA GLY A 61 10.70 11.08 8.64
C GLY A 61 9.88 11.96 7.72
N PRO A 62 9.63 13.21 8.14
CA PRO A 62 8.85 14.17 7.36
C PRO A 62 9.59 14.63 6.11
N GLU A 63 10.77 14.07 5.88
CA GLU A 63 11.56 14.43 4.71
C GLU A 63 11.04 13.74 3.46
N VAL A 64 10.56 12.50 3.62
CA VAL A 64 10.03 11.74 2.51
C VAL A 64 8.93 12.50 1.79
N THR A 65 8.94 12.44 0.46
CA THR A 65 7.93 13.13 -0.35
C THR A 65 6.94 12.14 -0.94
N ARG A 66 5.88 12.66 -1.56
CA ARG A 66 4.87 11.82 -2.17
C ARG A 66 5.49 10.83 -3.15
N GLN A 67 6.43 11.33 -3.96
CA GLN A 67 7.11 10.49 -4.94
C GLN A 67 7.56 9.18 -4.32
N GLN A 68 8.33 9.28 -3.24
CA GLN A 68 8.84 8.11 -2.55
C GLN A 68 7.71 7.13 -2.21
N THR A 69 6.60 7.68 -1.73
CA THR A 69 5.44 6.87 -1.37
C THR A 69 5.01 5.98 -2.53
N ILE A 70 4.80 6.59 -3.69
CA ILE A 70 4.39 5.84 -4.87
C ILE A 70 5.36 4.70 -5.17
N GLN A 71 6.66 4.99 -5.09
CA GLN A 71 7.68 3.99 -5.35
C GLN A 71 7.44 2.74 -4.52
N LEU A 72 7.20 2.93 -3.22
CA LEU A 72 6.95 1.80 -2.32
C LEU A 72 5.72 1.02 -2.75
N LEU A 73 4.64 1.73 -3.02
CA LEU A 73 3.39 1.10 -3.44
C LEU A 73 3.66 0.00 -4.47
N ARG A 74 4.54 0.29 -5.43
CA ARG A 74 4.89 -0.67 -6.46
C ARG A 74 5.36 -1.98 -5.85
N LYS A 75 6.37 -1.90 -4.98
CA LYS A 75 6.90 -3.09 -4.31
C LYS A 75 5.79 -3.94 -3.72
N PHE A 76 5.03 -3.35 -2.80
CA PHE A 76 3.93 -4.05 -2.16
C PHE A 76 3.16 -4.90 -3.18
N LEU A 77 2.57 -4.24 -4.16
CA LEU A 77 1.80 -4.92 -5.20
C LEU A 77 2.62 -6.07 -5.81
N LYS A 78 3.90 -5.82 -6.02
CA LYS A 78 4.79 -6.83 -6.59
C LYS A 78 4.94 -8.02 -5.64
N ASN A 79 5.03 -7.73 -4.35
CA ASN A 79 5.19 -8.77 -3.34
C ASN A 79 3.85 -9.41 -3.00
N HIS A 80 2.84 -9.14 -3.84
CA HIS A 80 1.51 -9.69 -3.63
C HIS A 80 0.91 -9.19 -2.32
N VAL A 81 1.26 -7.96 -1.94
CA VAL A 81 0.76 -7.38 -0.71
C VAL A 81 -0.60 -6.73 -0.92
N ILE A 82 -0.84 -6.25 -2.14
CA ILE A 82 -2.11 -5.61 -2.48
C ILE A 82 -2.59 -6.05 -3.86
N GLU A 83 -3.83 -6.52 -3.92
CA GLU A 83 -4.41 -6.98 -5.18
C GLU A 83 -5.40 -5.94 -5.73
N ASP A 84 -5.36 -5.72 -7.03
CA ASP A 84 -6.25 -4.76 -7.68
C ASP A 84 -7.66 -5.34 -7.80
N ILE A 85 -8.64 -4.45 -7.86
CA ILE A 85 -10.03 -4.86 -7.99
C ILE A 85 -10.23 -5.78 -9.19
N LYS A 86 -9.33 -5.67 -10.17
CA LYS A 86 -9.41 -6.48 -11.37
C LYS A 86 -8.53 -7.72 -11.24
N GLY A 87 -7.33 -7.54 -10.69
CA GLY A 87 -6.42 -8.65 -10.51
C GLY A 87 -5.13 -8.47 -11.29
N ARG A 88 -4.48 -7.33 -11.10
CA ARG A 88 -3.23 -7.04 -11.80
C ARG A 88 -2.04 -7.17 -10.86
N TRP A 89 -2.26 -7.86 -9.73
CA TRP A 89 -1.20 -8.05 -8.75
C TRP A 89 0.00 -8.76 -9.37
N GLY A 90 1.19 -8.47 -8.85
CA GLY A 90 2.39 -9.08 -9.37
C GLY A 90 3.34 -8.08 -10.00
N SER A 91 2.77 -7.11 -10.71
CA SER A 91 3.56 -6.08 -11.37
C SER A 91 3.95 -4.98 -10.40
N GLU A 92 4.82 -4.08 -10.85
CA GLU A 92 5.28 -2.97 -10.01
C GLU A 92 4.85 -1.64 -10.60
N ASN A 93 3.87 -1.67 -11.51
CA ASN A 93 3.37 -0.46 -12.15
C ASN A 93 2.12 0.04 -11.45
N VAL A 94 2.27 1.13 -10.69
CA VAL A 94 1.14 1.71 -9.97
C VAL A 94 1.21 3.24 -10.00
N ASP A 95 0.14 3.86 -10.51
CA ASP A 95 0.07 5.31 -10.59
C ASP A 95 -0.90 5.86 -9.56
N ASP A 96 -1.00 7.19 -9.50
CA ASP A 96 -1.90 7.85 -8.56
C ASP A 96 -3.33 7.86 -9.08
N ASN A 97 -3.59 7.05 -10.11
CA ASN A 97 -4.91 6.96 -10.70
C ASN A 97 -5.95 6.57 -9.66
N ASN A 98 -7.22 6.60 -10.05
CA ASN A 98 -8.31 6.25 -9.15
C ASN A 98 -8.57 4.75 -9.17
N GLN A 99 -7.61 4.00 -9.69
CA GLN A 99 -7.73 2.54 -9.77
C GLN A 99 -7.96 1.93 -8.39
N LEU A 100 -9.18 1.47 -8.14
CA LEU A 100 -9.54 0.87 -6.86
C LEU A 100 -8.61 -0.30 -6.54
N PHE A 101 -8.34 -0.48 -5.25
CA PHE A 101 -7.45 -1.56 -4.81
C PHE A 101 -8.09 -2.35 -3.67
N ARG A 102 -7.56 -3.53 -3.40
CA ARG A 102 -8.07 -4.38 -2.33
C ARG A 102 -7.01 -5.37 -1.86
N PHE A 103 -6.86 -5.48 -0.54
CA PHE A 103 -5.87 -6.39 0.03
C PHE A 103 -6.35 -7.84 -0.08
N PRO A 104 -5.43 -8.73 -0.49
CA PRO A 104 -5.72 -10.16 -0.64
C PRO A 104 -5.96 -10.85 0.70
N ALA A 105 -6.40 -12.11 0.64
CA ALA A 105 -6.65 -12.88 1.85
C ALA A 105 -5.54 -13.91 2.09
N GLY A 1 8.15 -25.23 9.23
CA GLY A 1 8.28 -24.27 8.14
C GLY A 1 8.80 -22.92 8.61
N SER A 2 9.80 -22.95 9.49
CA SER A 2 10.38 -21.72 10.01
C SER A 2 11.39 -21.13 9.03
N SER A 3 11.19 -19.86 8.69
CA SER A 3 12.07 -19.17 7.76
C SER A 3 13.11 -18.34 8.51
N GLY A 4 14.39 -18.54 8.17
CA GLY A 4 15.45 -17.80 8.81
C GLY A 4 15.99 -16.68 7.94
N SER A 5 15.27 -15.56 7.91
CA SER A 5 15.69 -14.41 7.10
C SER A 5 16.87 -13.69 7.76
N SER A 6 17.98 -13.60 7.03
CA SER A 6 19.18 -12.94 7.53
C SER A 6 18.91 -11.46 7.80
N GLY A 7 18.37 -10.77 6.80
CA GLY A 7 18.08 -9.36 6.94
C GLY A 7 16.85 -9.11 7.80
N TYR A 8 16.97 -9.40 9.10
CA TYR A 8 15.87 -9.21 10.03
C TYR A 8 15.54 -7.73 10.18
N ARG A 9 16.53 -6.94 10.61
CA ARG A 9 16.34 -5.50 10.79
C ARG A 9 15.41 -4.93 9.72
N ALA A 10 15.66 -5.31 8.47
CA ALA A 10 14.84 -4.84 7.36
C ALA A 10 13.47 -5.49 7.36
N THR A 11 13.45 -6.80 7.60
CA THR A 11 12.20 -7.55 7.63
C THR A 11 11.22 -6.96 8.64
N LYS A 12 11.73 -6.62 9.82
CA LYS A 12 10.90 -6.04 10.87
C LYS A 12 10.19 -4.78 10.37
N LEU A 13 10.97 -3.79 9.96
CA LEU A 13 10.41 -2.53 9.46
C LEU A 13 9.30 -2.80 8.44
N TRP A 14 9.60 -3.66 7.47
CA TRP A 14 8.62 -4.00 6.44
C TRP A 14 7.35 -4.57 7.06
N ASN A 15 7.52 -5.49 8.00
CA ASN A 15 6.38 -6.12 8.67
C ASN A 15 5.51 -5.07 9.36
N GLU A 16 6.16 -4.18 10.12
CA GLU A 16 5.45 -3.13 10.84
C GLU A 16 4.61 -2.29 9.89
N VAL A 17 5.22 -1.84 8.80
CA VAL A 17 4.53 -1.04 7.81
C VAL A 17 3.38 -1.81 7.18
N THR A 18 3.69 -2.84 6.41
CA THR A 18 2.69 -3.66 5.76
C THR A 18 1.47 -3.86 6.66
N THR A 19 1.73 -4.18 7.93
CA THR A 19 0.66 -4.41 8.89
C THR A 19 -0.19 -3.14 9.07
N SER A 20 0.47 -2.03 9.37
CA SER A 20 -0.22 -0.76 9.57
C SER A 20 -1.04 -0.39 8.35
N PHE A 21 -0.36 -0.27 7.21
CA PHE A 21 -1.02 0.09 5.95
C PHE A 21 -2.28 -0.75 5.75
N ARG A 22 -2.13 -2.06 5.85
CA ARG A 22 -3.25 -2.98 5.68
C ARG A 22 -4.49 -2.47 6.40
N ALA A 23 -4.40 -2.38 7.73
CA ALA A 23 -5.52 -1.91 8.54
C ALA A 23 -5.71 -0.41 8.38
N GLY A 24 -4.71 0.37 8.79
CA GLY A 24 -4.79 1.81 8.68
C GLY A 24 -6.20 2.33 8.89
N MET A 25 -6.53 3.41 8.20
CA MET A 25 -7.86 4.01 8.31
C MET A 25 -8.95 2.99 7.97
N PRO A 26 -10.13 3.18 8.55
CA PRO A 26 -11.27 2.28 8.32
C PRO A 26 -11.84 2.41 6.91
N LEU A 27 -12.63 1.43 6.50
CA LEU A 27 -13.24 1.43 5.17
C LEU A 27 -14.42 2.39 5.12
N ARG A 28 -14.64 2.99 3.96
CA ARG A 28 -15.74 3.93 3.76
C ARG A 28 -16.66 3.47 2.63
N LYS A 29 -17.88 3.98 2.63
CA LYS A 29 -18.85 3.64 1.60
C LYS A 29 -18.69 4.54 0.38
N HIS A 30 -18.34 3.94 -0.76
CA HIS A 30 -18.16 4.68 -1.99
C HIS A 30 -19.51 5.02 -2.63
N ARG A 31 -19.49 5.91 -3.61
CA ARG A 31 -20.72 6.32 -4.29
C ARG A 31 -21.40 5.11 -4.94
N GLN A 32 -20.64 4.37 -5.75
CA GLN A 32 -21.17 3.20 -6.44
C GLN A 32 -21.80 2.23 -5.45
N HIS A 33 -23.13 2.14 -5.49
CA HIS A 33 -23.86 1.25 -4.59
C HIS A 33 -24.23 -0.05 -5.30
N PHE A 34 -24.45 0.04 -6.61
CA PHE A 34 -24.81 -1.12 -7.40
C PHE A 34 -23.81 -2.26 -7.20
N LYS A 35 -24.09 -3.40 -7.81
CA LYS A 35 -23.22 -4.57 -7.70
C LYS A 35 -21.92 -4.35 -8.48
N LYS A 36 -21.80 -3.18 -9.10
CA LYS A 36 -20.61 -2.85 -9.87
C LYS A 36 -19.36 -3.47 -9.24
N TYR A 37 -19.04 -3.03 -8.02
CA TYR A 37 -17.87 -3.53 -7.32
C TYR A 37 -18.03 -3.38 -5.81
N GLY A 38 -17.20 -4.09 -5.05
CA GLY A 38 -17.28 -4.01 -3.60
C GLY A 38 -16.42 -2.89 -3.05
N ASN A 39 -16.35 -2.82 -1.72
CA ASN A 39 -15.56 -1.77 -1.06
C ASN A 39 -14.13 -1.76 -1.59
N CYS A 40 -13.84 -0.77 -2.43
CA CYS A 40 -12.50 -0.63 -3.01
C CYS A 40 -12.06 0.82 -3.00
N PHE A 41 -10.77 1.03 -2.75
CA PHE A 41 -10.21 2.38 -2.71
C PHE A 41 -9.32 2.64 -3.93
N THR A 42 -9.17 3.91 -4.29
CA THR A 42 -8.34 4.29 -5.42
C THR A 42 -6.88 4.43 -5.03
N ALA A 43 -6.01 4.51 -6.02
CA ALA A 43 -4.57 4.64 -5.77
C ALA A 43 -4.26 5.97 -5.11
N GLY A 44 -4.61 7.06 -5.79
CA GLY A 44 -4.35 8.39 -5.25
C GLY A 44 -4.57 8.45 -3.74
N GLU A 45 -5.78 8.12 -3.31
CA GLU A 45 -6.12 8.16 -1.90
C GLU A 45 -5.09 7.39 -1.07
N ALA A 46 -4.86 6.13 -1.45
CA ALA A 46 -3.90 5.29 -0.74
C ALA A 46 -2.58 6.03 -0.54
N VAL A 47 -2.09 6.66 -1.59
CA VAL A 47 -0.84 7.41 -1.52
C VAL A 47 -0.78 8.27 -0.26
N ASP A 48 -1.89 8.89 0.07
CA ASP A 48 -1.97 9.74 1.25
C ASP A 48 -1.88 8.91 2.53
N TRP A 49 -2.83 8.00 2.71
CA TRP A 49 -2.87 7.14 3.87
C TRP A 49 -1.47 6.66 4.23
N LEU A 50 -0.83 5.96 3.30
CA LEU A 50 0.51 5.44 3.51
C LEU A 50 1.51 6.57 3.74
N TYR A 51 1.49 7.55 2.84
CA TYR A 51 2.39 8.69 2.92
C TYR A 51 2.47 9.21 4.36
N ASP A 52 1.31 9.37 4.98
CA ASP A 52 1.23 9.86 6.35
C ASP A 52 1.91 8.88 7.32
N LEU A 53 1.60 7.59 7.17
CA LEU A 53 2.17 6.56 8.02
C LEU A 53 3.70 6.61 7.97
N LEU A 54 4.24 6.91 6.79
CA LEU A 54 5.69 6.99 6.62
C LEU A 54 6.25 8.22 7.31
N ARG A 55 5.85 9.39 6.85
CA ARG A 55 6.32 10.65 7.43
C ARG A 55 6.13 10.66 8.94
N ASN A 56 4.97 10.19 9.39
CA ASN A 56 4.66 10.15 10.81
C ASN A 56 5.83 9.56 11.60
N ASN A 57 6.42 8.49 11.08
CA ASN A 57 7.54 7.83 11.73
C ASN A 57 8.81 8.68 11.60
N SER A 58 9.87 8.25 12.30
CA SER A 58 11.13 8.97 12.27
C SER A 58 11.99 8.50 11.09
N ASN A 59 12.09 7.19 10.92
CA ASN A 59 12.88 6.61 9.84
C ASN A 59 12.75 7.45 8.57
N PHE A 60 11.51 7.67 8.13
CA PHE A 60 11.24 8.45 6.93
C PHE A 60 11.21 9.94 7.25
N GLY A 61 10.34 10.31 8.19
CA GLY A 61 10.21 11.71 8.57
C GLY A 61 9.40 12.52 7.58
N PRO A 62 9.11 13.78 7.93
CA PRO A 62 8.32 14.68 7.08
C PRO A 62 9.09 15.09 5.82
N GLU A 63 10.29 14.55 5.66
CA GLU A 63 11.12 14.88 4.50
C GLU A 63 10.68 14.08 3.28
N VAL A 64 10.10 12.90 3.52
CA VAL A 64 9.63 12.05 2.44
C VAL A 64 8.55 12.75 1.62
N THR A 65 8.64 12.60 0.30
CA THR A 65 7.68 13.22 -0.61
C THR A 65 6.82 12.16 -1.29
N ARG A 66 5.73 12.60 -1.91
CA ARG A 66 4.81 11.70 -2.59
C ARG A 66 5.57 10.77 -3.54
N GLN A 67 6.46 11.36 -4.34
CA GLN A 67 7.25 10.59 -5.30
C GLN A 67 7.78 9.31 -4.66
N GLN A 68 8.47 9.46 -3.54
CA GLN A 68 9.03 8.31 -2.82
C GLN A 68 7.93 7.36 -2.39
N THR A 69 6.79 7.91 -1.98
CA THR A 69 5.66 7.10 -1.54
C THR A 69 5.18 6.16 -2.64
N ILE A 70 4.88 6.73 -3.80
CA ILE A 70 4.43 5.95 -4.95
C ILE A 70 5.41 4.84 -5.29
N GLN A 71 6.70 5.16 -5.17
CA GLN A 71 7.75 4.18 -5.48
C GLN A 71 7.55 2.90 -4.67
N LEU A 72 7.28 3.06 -3.38
CA LEU A 72 7.06 1.91 -2.50
C LEU A 72 5.85 1.10 -2.95
N LEU A 73 4.74 1.78 -3.15
CA LEU A 73 3.50 1.13 -3.59
C LEU A 73 3.80 0.06 -4.63
N ARG A 74 4.69 0.38 -5.56
CA ARG A 74 5.06 -0.55 -6.62
C ARG A 74 5.47 -1.90 -6.04
N LYS A 75 6.34 -1.86 -5.03
CA LYS A 75 6.81 -3.08 -4.39
C LYS A 75 5.64 -3.90 -3.85
N PHE A 76 4.88 -3.31 -2.93
CA PHE A 76 3.73 -4.00 -2.34
C PHE A 76 2.99 -4.81 -3.39
N LEU A 77 2.53 -4.15 -4.43
CA LEU A 77 1.80 -4.81 -5.51
C LEU A 77 2.57 -6.02 -6.03
N LYS A 78 3.90 -5.89 -6.07
CA LYS A 78 4.75 -6.98 -6.54
C LYS A 78 4.81 -8.11 -5.53
N ASN A 79 4.83 -7.74 -4.25
CA ASN A 79 4.88 -8.73 -3.18
C ASN A 79 3.51 -9.34 -2.93
N HIS A 80 2.56 -9.02 -3.79
CA HIS A 80 1.20 -9.53 -3.67
C HIS A 80 0.54 -9.02 -2.39
N VAL A 81 0.91 -7.82 -1.98
CA VAL A 81 0.35 -7.21 -0.78
C VAL A 81 -1.00 -6.57 -1.05
N ILE A 82 -1.16 -6.02 -2.25
CA ILE A 82 -2.40 -5.38 -2.64
C ILE A 82 -2.83 -5.82 -4.04
N GLU A 83 -4.12 -6.14 -4.17
CA GLU A 83 -4.66 -6.57 -5.45
C GLU A 83 -5.68 -5.57 -5.98
N ASP A 84 -5.87 -5.56 -7.30
CA ASP A 84 -6.81 -4.64 -7.94
C ASP A 84 -8.19 -5.29 -8.04
N ILE A 85 -9.19 -4.47 -8.36
CA ILE A 85 -10.56 -4.97 -8.51
C ILE A 85 -10.62 -6.15 -9.47
N LYS A 86 -9.82 -6.09 -10.52
CA LYS A 86 -9.78 -7.16 -11.51
C LYS A 86 -9.13 -8.42 -10.94
N GLY A 87 -7.96 -8.25 -10.33
CA GLY A 87 -7.26 -9.38 -9.74
C GLY A 87 -5.88 -9.58 -10.34
N ARG A 88 -5.26 -8.49 -10.77
CA ARG A 88 -3.93 -8.54 -11.35
C ARG A 88 -2.86 -8.26 -10.31
N TRP A 89 -2.21 -9.32 -9.83
CA TRP A 89 -1.17 -9.19 -8.83
C TRP A 89 0.16 -9.74 -9.35
N GLY A 90 1.17 -8.88 -9.43
CA GLY A 90 2.47 -9.31 -9.91
C GLY A 90 3.09 -8.31 -10.87
N SER A 91 2.86 -7.03 -10.62
CA SER A 91 3.40 -5.98 -11.48
C SER A 91 3.92 -4.81 -10.63
N GLU A 92 4.67 -3.92 -11.27
CA GLU A 92 5.25 -2.78 -10.59
C GLU A 92 4.73 -1.47 -11.18
N ASN A 93 3.65 -1.57 -11.97
CA ASN A 93 3.05 -0.41 -12.60
C ASN A 93 1.86 0.10 -11.79
N VAL A 94 2.08 1.18 -11.03
CA VAL A 94 1.03 1.76 -10.21
C VAL A 94 1.11 3.29 -10.21
N ASP A 95 0.12 3.91 -10.81
CA ASP A 95 0.07 5.37 -10.89
C ASP A 95 -0.85 5.95 -9.82
N ASP A 96 -0.72 7.24 -9.56
CA ASP A 96 -1.54 7.91 -8.56
C ASP A 96 -2.91 8.26 -9.12
N ASN A 97 -3.13 7.92 -10.39
CA ASN A 97 -4.39 8.20 -11.05
C ASN A 97 -5.52 7.40 -10.42
N ASN A 98 -6.74 7.65 -10.87
CA ASN A 98 -7.92 6.95 -10.35
C ASN A 98 -7.87 5.47 -10.70
N GLN A 99 -7.61 4.64 -9.69
CA GLN A 99 -7.53 3.19 -9.89
C GLN A 99 -7.92 2.45 -8.63
N LEU A 100 -9.09 1.81 -8.65
CA LEU A 100 -9.59 1.06 -7.51
C LEU A 100 -8.58 0.01 -7.08
N PHE A 101 -8.71 -0.46 -5.84
CA PHE A 101 -7.81 -1.47 -5.30
C PHE A 101 -8.49 -2.29 -4.21
N ARG A 102 -7.82 -3.34 -3.76
CA ARG A 102 -8.37 -4.20 -2.72
C ARG A 102 -7.29 -5.10 -2.13
N PHE A 103 -7.57 -5.68 -0.97
CA PHE A 103 -6.62 -6.55 -0.30
C PHE A 103 -7.07 -8.01 -0.38
N PRO A 104 -6.10 -8.92 -0.58
CA PRO A 104 -6.37 -10.35 -0.69
C PRO A 104 -6.79 -10.96 0.65
N ALA A 105 -7.62 -12.00 0.60
CA ALA A 105 -8.09 -12.66 1.80
C ALA A 105 -7.18 -13.83 2.17
N GLY A 1 4.51 -17.67 12.84
CA GLY A 1 5.20 -17.83 11.58
C GLY A 1 6.03 -16.61 11.22
N SER A 2 7.35 -16.76 11.25
CA SER A 2 8.25 -15.66 10.93
C SER A 2 8.54 -15.61 9.43
N SER A 3 9.15 -14.52 8.98
CA SER A 3 9.49 -14.35 7.57
C SER A 3 10.87 -13.73 7.42
N GLY A 4 11.36 -13.70 6.18
CA GLY A 4 12.67 -13.13 5.91
C GLY A 4 13.75 -13.69 6.81
N SER A 5 14.44 -14.72 6.35
CA SER A 5 15.50 -15.35 7.13
C SER A 5 16.59 -14.34 7.47
N SER A 6 17.16 -13.71 6.44
CA SER A 6 18.21 -12.73 6.64
C SER A 6 17.64 -11.32 6.72
N GLY A 7 18.51 -10.35 6.96
CA GLY A 7 18.07 -8.97 7.07
C GLY A 7 16.83 -8.82 7.93
N TYR A 8 16.84 -9.45 9.10
CA TYR A 8 15.71 -9.39 10.02
C TYR A 8 15.47 -7.96 10.48
N ARG A 9 16.55 -7.26 10.83
CA ARG A 9 16.44 -5.88 11.29
C ARG A 9 15.53 -5.07 10.39
N ALA A 10 15.82 -5.09 9.09
CA ALA A 10 15.02 -4.35 8.12
C ALA A 10 13.60 -4.91 8.03
N THR A 11 13.51 -6.23 7.88
CA THR A 11 12.22 -6.89 7.78
C THR A 11 11.19 -6.24 8.70
N LYS A 12 11.58 -6.08 9.97
CA LYS A 12 10.69 -5.48 10.96
C LYS A 12 9.99 -4.24 10.39
N LEU A 13 10.77 -3.37 9.74
CA LEU A 13 10.23 -2.15 9.15
C LEU A 13 9.11 -2.49 8.17
N TRP A 14 9.44 -3.26 7.14
CA TRP A 14 8.47 -3.66 6.13
C TRP A 14 7.23 -4.27 6.78
N ASN A 15 7.44 -5.17 7.73
CA ASN A 15 6.34 -5.84 8.42
C ASN A 15 5.49 -4.82 9.17
N GLU A 16 6.14 -3.83 9.77
CA GLU A 16 5.43 -2.79 10.52
C GLU A 16 4.56 -1.95 9.60
N VAL A 17 5.18 -1.39 8.56
CA VAL A 17 4.46 -0.56 7.61
C VAL A 17 3.38 -1.36 6.88
N THR A 18 3.72 -2.59 6.49
CA THR A 18 2.79 -3.46 5.80
C THR A 18 1.58 -3.79 6.68
N THR A 19 1.85 -4.15 7.93
CA THR A 19 0.79 -4.49 8.87
C THR A 19 -0.17 -3.32 9.07
N SER A 20 0.39 -2.15 9.36
CA SER A 20 -0.41 -0.95 9.57
C SER A 20 -1.14 -0.55 8.30
N PHE A 21 -0.37 -0.30 7.24
CA PHE A 21 -0.95 0.09 5.96
C PHE A 21 -2.16 -0.76 5.62
N ARG A 22 -2.00 -2.08 5.74
CA ARG A 22 -3.08 -3.01 5.44
C ARG A 22 -4.40 -2.54 6.07
N ALA A 23 -4.43 -2.51 7.40
CA ALA A 23 -5.62 -2.08 8.12
C ALA A 23 -5.86 -0.60 7.93
N GLY A 24 -4.94 0.23 8.41
CA GLY A 24 -5.08 1.66 8.29
C GLY A 24 -6.53 2.12 8.36
N MET A 25 -6.94 2.93 7.39
CA MET A 25 -8.30 3.43 7.35
C MET A 25 -9.27 2.36 6.84
N PRO A 26 -10.53 2.45 7.27
CA PRO A 26 -11.58 1.50 6.86
C PRO A 26 -11.95 1.64 5.40
N LEU A 27 -12.22 0.52 4.74
CA LEU A 27 -12.60 0.52 3.33
C LEU A 27 -13.96 1.17 3.13
N ARG A 28 -14.02 2.14 2.23
CA ARG A 28 -15.27 2.85 1.94
C ARG A 28 -15.63 2.72 0.47
N LYS A 29 -16.78 3.29 0.10
CA LYS A 29 -17.25 3.23 -1.28
C LYS A 29 -17.31 4.63 -1.88
N HIS A 30 -17.25 4.71 -3.21
CA HIS A 30 -17.29 5.98 -3.92
C HIS A 30 -18.61 6.15 -4.67
N ARG A 31 -18.83 7.33 -5.22
CA ARG A 31 -20.04 7.61 -5.96
C ARG A 31 -19.94 7.09 -7.39
N GLN A 32 -20.73 6.06 -7.69
CA GLN A 32 -20.73 5.46 -9.02
C GLN A 32 -22.15 5.15 -9.48
N HIS A 33 -22.48 5.56 -10.70
CA HIS A 33 -23.81 5.33 -11.26
C HIS A 33 -24.10 3.83 -11.36
N PHE A 34 -23.37 3.16 -12.24
CA PHE A 34 -23.55 1.72 -12.43
C PHE A 34 -22.51 0.93 -11.65
N LYS A 35 -22.94 -0.18 -11.05
CA LYS A 35 -22.05 -1.02 -10.26
C LYS A 35 -20.81 -1.39 -11.06
N LYS A 36 -19.71 -0.72 -10.78
CA LYS A 36 -18.44 -0.98 -11.47
C LYS A 36 -17.38 -1.46 -10.49
N TYR A 37 -17.37 -0.90 -9.29
CA TYR A 37 -16.41 -1.27 -8.27
C TYR A 37 -17.08 -1.44 -6.91
N GLY A 38 -16.51 -2.30 -6.07
CA GLY A 38 -17.07 -2.53 -4.75
C GLY A 38 -16.13 -2.12 -3.64
N ASN A 39 -15.34 -3.08 -3.15
CA ASN A 39 -14.40 -2.80 -2.08
C ASN A 39 -13.10 -2.22 -2.63
N CYS A 40 -13.15 -1.74 -3.86
CA CYS A 40 -11.98 -1.15 -4.50
C CYS A 40 -11.83 0.33 -4.14
N PHE A 41 -10.58 0.78 -4.03
CA PHE A 41 -10.31 2.16 -3.68
C PHE A 41 -9.22 2.74 -4.57
N THR A 42 -9.42 3.97 -5.04
CA THR A 42 -8.47 4.64 -5.91
C THR A 42 -7.09 4.72 -5.24
N ALA A 43 -6.05 4.62 -6.05
CA ALA A 43 -4.68 4.69 -5.54
C ALA A 43 -4.41 6.03 -4.86
N GLY A 44 -4.77 7.12 -5.54
CA GLY A 44 -4.56 8.44 -4.98
C GLY A 44 -4.87 8.49 -3.50
N GLU A 45 -6.04 7.98 -3.12
CA GLU A 45 -6.46 7.99 -1.73
C GLU A 45 -5.46 7.21 -0.86
N ALA A 46 -5.02 6.07 -1.36
CA ALA A 46 -4.07 5.23 -0.63
C ALA A 46 -2.75 5.97 -0.42
N VAL A 47 -2.30 6.67 -1.45
CA VAL A 47 -1.05 7.42 -1.37
C VAL A 47 -0.99 8.26 -0.10
N ASP A 48 -2.11 8.90 0.23
CA ASP A 48 -2.18 9.73 1.43
C ASP A 48 -2.08 8.88 2.69
N TRP A 49 -2.98 7.90 2.82
CA TRP A 49 -3.00 7.02 3.97
C TRP A 49 -1.59 6.57 4.33
N LEU A 50 -0.89 5.99 3.36
CA LEU A 50 0.47 5.51 3.57
C LEU A 50 1.42 6.67 3.84
N TYR A 51 1.53 7.58 2.88
CA TYR A 51 2.41 8.74 3.01
C TYR A 51 2.41 9.26 4.45
N ASP A 52 1.22 9.41 5.01
CA ASP A 52 1.07 9.90 6.38
C ASP A 52 1.82 8.99 7.36
N LEU A 53 1.60 7.68 7.23
CA LEU A 53 2.25 6.71 8.10
C LEU A 53 3.76 6.75 7.93
N LEU A 54 4.21 6.85 6.69
CA LEU A 54 5.63 6.89 6.38
C LEU A 54 6.29 8.11 7.02
N ARG A 55 5.78 9.29 6.68
CA ARG A 55 6.32 10.54 7.23
C ARG A 55 6.34 10.50 8.75
N ASN A 56 5.30 9.92 9.35
CA ASN A 56 5.22 9.82 10.80
C ASN A 56 6.40 9.05 11.36
N ASN A 57 6.64 7.86 10.82
CA ASN A 57 7.76 7.03 11.27
C ASN A 57 9.09 7.76 11.10
N SER A 58 10.12 7.26 11.79
CA SER A 58 11.44 7.87 11.71
C SER A 58 12.21 7.37 10.48
N ASN A 59 12.09 6.08 10.22
CA ASN A 59 12.77 5.48 9.07
C ASN A 59 12.72 6.41 7.86
N PHE A 60 11.51 6.66 7.37
CA PHE A 60 11.33 7.53 6.22
C PHE A 60 11.38 9.00 6.63
N GLY A 61 10.68 9.34 7.70
CA GLY A 61 10.67 10.71 8.18
C GLY A 61 9.82 11.62 7.31
N PRO A 62 9.58 12.85 7.80
CA PRO A 62 8.78 13.84 7.08
C PRO A 62 9.48 14.35 5.83
N GLU A 63 10.71 13.88 5.60
CA GLU A 63 11.49 14.30 4.45
C GLU A 63 11.14 13.44 3.23
N VAL A 64 10.00 12.77 3.28
CA VAL A 64 9.56 11.92 2.19
C VAL A 64 8.67 12.69 1.22
N THR A 65 8.80 12.39 -0.07
CA THR A 65 8.00 13.05 -1.10
C THR A 65 7.12 12.06 -1.83
N ARG A 66 5.97 12.54 -2.30
CA ARG A 66 5.03 11.69 -3.03
C ARG A 66 5.77 10.65 -3.87
N GLN A 67 6.82 11.09 -4.56
CA GLN A 67 7.61 10.21 -5.40
C GLN A 67 8.04 8.96 -4.62
N GLN A 68 8.72 9.18 -3.50
CA GLN A 68 9.20 8.08 -2.67
C GLN A 68 8.05 7.14 -2.31
N THR A 69 6.92 7.71 -1.92
CA THR A 69 5.76 6.92 -1.54
C THR A 69 5.32 6.00 -2.68
N ILE A 70 5.11 6.58 -3.86
CA ILE A 70 4.69 5.81 -5.03
C ILE A 70 5.67 4.67 -5.29
N GLN A 71 6.95 4.94 -5.14
CA GLN A 71 7.98 3.93 -5.37
C GLN A 71 7.76 2.72 -4.47
N LEU A 72 7.49 2.98 -3.20
CA LEU A 72 7.25 1.91 -2.23
C LEU A 72 6.00 1.11 -2.60
N LEU A 73 4.90 1.82 -2.85
CA LEU A 73 3.64 1.17 -3.22
C LEU A 73 3.87 0.11 -4.30
N ARG A 74 4.69 0.45 -5.28
CA ARG A 74 4.98 -0.47 -6.37
C ARG A 74 5.39 -1.85 -5.84
N LYS A 75 6.34 -1.86 -4.90
CA LYS A 75 6.82 -3.10 -4.31
C LYS A 75 5.65 -3.92 -3.78
N PHE A 76 4.88 -3.34 -2.87
CA PHE A 76 3.73 -4.02 -2.28
C PHE A 76 2.93 -4.76 -3.35
N LEU A 77 2.51 -4.03 -4.37
CA LEU A 77 1.73 -4.62 -5.46
C LEU A 77 2.49 -5.78 -6.10
N LYS A 78 3.81 -5.65 -6.18
CA LYS A 78 4.65 -6.68 -6.76
C LYS A 78 4.73 -7.90 -5.84
N ASN A 79 4.78 -7.65 -4.55
CA ASN A 79 4.86 -8.72 -3.55
C ASN A 79 3.48 -9.32 -3.28
N HIS A 80 2.54 -9.05 -4.18
CA HIS A 80 1.17 -9.56 -4.03
C HIS A 80 0.54 -9.03 -2.76
N VAL A 81 0.90 -7.81 -2.37
CA VAL A 81 0.36 -7.19 -1.17
C VAL A 81 -0.97 -6.50 -1.47
N ILE A 82 -1.10 -5.97 -2.67
CA ILE A 82 -2.33 -5.29 -3.08
C ILE A 82 -2.68 -5.61 -4.52
N GLU A 83 -3.83 -6.24 -4.72
CA GLU A 83 -4.28 -6.60 -6.06
C GLU A 83 -5.14 -5.49 -6.66
N ASP A 84 -5.09 -5.37 -7.99
CA ASP A 84 -5.85 -4.34 -8.69
C ASP A 84 -7.27 -4.83 -8.99
N ILE A 85 -8.16 -3.89 -9.27
CA ILE A 85 -9.54 -4.22 -9.58
C ILE A 85 -9.63 -5.34 -10.62
N LYS A 86 -8.64 -5.40 -11.50
CA LYS A 86 -8.60 -6.42 -12.54
C LYS A 86 -7.57 -7.50 -12.20
N GLY A 87 -6.47 -7.09 -11.58
CA GLY A 87 -5.44 -8.04 -11.21
C GLY A 87 -4.12 -7.75 -11.91
N ARG A 88 -3.48 -6.64 -11.54
CA ARG A 88 -2.21 -6.26 -12.14
C ARG A 88 -1.06 -6.44 -11.14
N TRP A 89 -1.32 -7.22 -10.10
CA TRP A 89 -0.31 -7.48 -9.07
C TRP A 89 0.95 -8.09 -9.69
N GLY A 90 2.00 -7.29 -9.82
CA GLY A 90 3.24 -7.77 -10.38
C GLY A 90 3.64 -7.01 -11.63
N SER A 91 3.34 -5.71 -11.65
CA SER A 91 3.68 -4.87 -12.79
C SER A 91 4.67 -3.78 -12.40
N GLU A 92 4.79 -3.55 -11.09
CA GLU A 92 5.71 -2.53 -10.58
C GLU A 92 5.44 -1.19 -11.23
N ASN A 93 4.16 -0.85 -11.39
CA ASN A 93 3.78 0.41 -12.01
C ASN A 93 2.51 0.96 -11.38
N VAL A 94 2.66 1.95 -10.51
CA VAL A 94 1.53 2.56 -9.83
C VAL A 94 1.67 4.08 -9.77
N ASP A 95 0.54 4.78 -9.84
CA ASP A 95 0.55 6.24 -9.80
C ASP A 95 -0.67 6.76 -9.03
N ASP A 96 -0.74 8.08 -8.88
CA ASP A 96 -1.85 8.70 -8.17
C ASP A 96 -3.09 8.76 -9.05
N ASN A 97 -3.05 8.07 -10.19
CA ASN A 97 -4.17 8.06 -11.11
C ASN A 97 -5.45 7.57 -10.43
N ASN A 98 -6.54 7.54 -11.17
CA ASN A 98 -7.83 7.09 -10.63
C ASN A 98 -7.91 5.57 -10.65
N GLN A 99 -6.77 4.92 -10.79
CA GLN A 99 -6.71 3.45 -10.82
C GLN A 99 -7.21 2.88 -9.50
N LEU A 100 -8.29 2.12 -9.56
CA LEU A 100 -8.87 1.49 -8.37
C LEU A 100 -8.09 0.24 -7.98
N PHE A 101 -7.87 0.07 -6.68
CA PHE A 101 -7.14 -1.08 -6.18
C PHE A 101 -7.97 -1.84 -5.15
N ARG A 102 -7.52 -3.04 -4.79
CA ARG A 102 -8.22 -3.87 -3.81
C ARG A 102 -7.25 -4.80 -3.09
N PHE A 103 -7.73 -5.45 -2.05
CA PHE A 103 -6.90 -6.37 -1.26
C PHE A 103 -7.37 -7.81 -1.45
N PRO A 104 -6.40 -8.73 -1.56
CA PRO A 104 -6.68 -10.15 -1.74
C PRO A 104 -7.29 -10.79 -0.50
N ALA A 105 -8.12 -11.80 -0.70
CA ALA A 105 -8.77 -12.50 0.41
C ALA A 105 -7.91 -13.64 0.92
N GLY A 1 14.22 -15.65 14.84
CA GLY A 1 14.86 -15.60 13.54
C GLY A 1 15.97 -16.61 13.40
N SER A 2 15.62 -17.89 13.45
CA SER A 2 16.60 -18.96 13.34
C SER A 2 17.65 -18.63 12.29
N SER A 3 17.19 -18.17 11.12
CA SER A 3 18.09 -17.82 10.03
C SER A 3 18.46 -16.34 10.10
N GLY A 4 17.47 -15.49 10.32
CA GLY A 4 17.72 -14.07 10.41
C GLY A 4 17.90 -13.42 9.05
N SER A 5 17.87 -12.10 9.00
CA SER A 5 18.02 -11.37 7.75
C SER A 5 19.13 -10.32 7.87
N SER A 6 19.93 -10.19 6.82
CA SER A 6 21.03 -9.23 6.80
C SER A 6 20.50 -7.81 6.99
N GLY A 7 19.32 -7.55 6.45
CA GLY A 7 18.72 -6.23 6.57
C GLY A 7 17.62 -6.18 7.61
N TYR A 8 17.89 -6.71 8.79
CA TYR A 8 16.91 -6.74 9.87
C TYR A 8 16.25 -5.37 10.03
N ARG A 9 17.06 -4.32 10.00
CA ARG A 9 16.55 -2.96 10.15
C ARG A 9 15.41 -2.69 9.17
N ALA A 10 15.70 -2.84 7.88
CA ALA A 10 14.70 -2.62 6.84
C ALA A 10 13.54 -3.61 6.98
N THR A 11 13.88 -4.89 7.08
CA THR A 11 12.87 -5.94 7.21
C THR A 11 11.73 -5.50 8.13
N LYS A 12 12.10 -4.92 9.27
CA LYS A 12 11.12 -4.45 10.24
C LYS A 12 10.27 -3.34 9.65
N LEU A 13 10.91 -2.33 9.09
CA LEU A 13 10.21 -1.20 8.49
C LEU A 13 9.11 -1.69 7.55
N TRP A 14 9.48 -2.54 6.61
CA TRP A 14 8.51 -3.08 5.65
C TRP A 14 7.37 -3.79 6.37
N ASN A 15 7.71 -4.56 7.41
CA ASN A 15 6.72 -5.30 8.17
C ASN A 15 5.74 -4.33 8.86
N GLU A 16 6.27 -3.20 9.32
CA GLU A 16 5.45 -2.20 10.00
C GLU A 16 4.53 -1.50 9.02
N VAL A 17 5.13 -0.82 8.04
CA VAL A 17 4.36 -0.10 7.03
C VAL A 17 3.30 -0.99 6.41
N THR A 18 3.61 -2.27 6.28
CA THR A 18 2.68 -3.23 5.70
C THR A 18 1.58 -3.60 6.68
N THR A 19 1.98 -4.02 7.87
CA THR A 19 1.03 -4.39 8.90
C THR A 19 0.08 -3.25 9.23
N SER A 20 0.61 -2.03 9.23
CA SER A 20 -0.18 -0.85 9.53
C SER A 20 -1.13 -0.53 8.38
N PHE A 21 -0.57 -0.35 7.20
CA PHE A 21 -1.37 -0.03 6.02
C PHE A 21 -2.61 -0.92 5.95
N ARG A 22 -2.39 -2.23 5.91
CA ARG A 22 -3.50 -3.18 5.84
C ARG A 22 -4.61 -2.80 6.83
N ALA A 23 -4.22 -2.42 8.03
CA ALA A 23 -5.18 -2.03 9.06
C ALA A 23 -5.90 -0.74 8.68
N GLY A 24 -5.19 0.14 7.96
CA GLY A 24 -5.78 1.40 7.55
C GLY A 24 -7.26 1.27 7.24
N MET A 25 -7.64 0.18 6.60
CA MET A 25 -9.03 -0.05 6.25
C MET A 25 -9.55 1.04 5.32
N PRO A 26 -8.78 1.35 4.27
CA PRO A 26 -9.14 2.38 3.29
C PRO A 26 -10.31 1.96 2.42
N LEU A 27 -10.87 0.79 2.72
CA LEU A 27 -12.00 0.28 1.96
C LEU A 27 -13.31 0.96 2.37
N ARG A 28 -14.40 0.63 1.69
CA ARG A 28 -15.69 1.21 1.99
C ARG A 28 -15.63 2.73 1.97
N LYS A 29 -14.95 3.27 0.95
CA LYS A 29 -14.81 4.71 0.81
C LYS A 29 -14.50 5.08 -0.64
N HIS A 30 -15.51 5.58 -1.35
CA HIS A 30 -15.34 5.97 -2.75
C HIS A 30 -16.45 6.93 -3.18
N ARG A 31 -16.19 7.66 -4.26
CA ARG A 31 -17.18 8.62 -4.77
C ARG A 31 -18.20 7.92 -5.66
N GLN A 32 -18.23 6.59 -5.59
CA GLN A 32 -19.16 5.81 -6.39
C GLN A 32 -20.60 6.08 -5.96
N HIS A 33 -21.40 6.58 -6.90
CA HIS A 33 -22.80 6.89 -6.63
C HIS A 33 -23.62 5.61 -6.52
N PHE A 34 -23.72 4.87 -7.62
CA PHE A 34 -24.48 3.63 -7.65
C PHE A 34 -23.57 2.42 -7.47
N LYS A 35 -24.05 1.42 -6.77
CA LYS A 35 -23.27 0.20 -6.53
C LYS A 35 -22.83 -0.43 -7.85
N LYS A 36 -21.57 -0.22 -8.21
CA LYS A 36 -21.03 -0.77 -9.44
C LYS A 36 -19.88 -1.74 -9.15
N TYR A 37 -19.07 -1.40 -8.15
CA TYR A 37 -17.93 -2.23 -7.77
C TYR A 37 -17.87 -2.41 -6.26
N GLY A 38 -17.29 -3.51 -5.81
CA GLY A 38 -17.16 -3.78 -4.39
C GLY A 38 -16.34 -2.72 -3.68
N ASN A 39 -15.65 -3.12 -2.61
CA ASN A 39 -14.82 -2.20 -1.84
C ASN A 39 -13.44 -2.04 -2.47
N CYS A 40 -13.21 -0.91 -3.11
CA CYS A 40 -11.92 -0.64 -3.75
C CYS A 40 -11.44 0.77 -3.42
N PHE A 41 -10.11 0.95 -3.44
CA PHE A 41 -9.52 2.25 -3.14
C PHE A 41 -8.59 2.69 -4.27
N THR A 42 -8.78 3.92 -4.73
CA THR A 42 -7.96 4.46 -5.81
C THR A 42 -6.53 4.72 -5.34
N ALA A 43 -5.56 4.36 -6.17
CA ALA A 43 -4.16 4.55 -5.84
C ALA A 43 -3.94 5.90 -5.15
N GLY A 44 -4.50 6.96 -5.72
CA GLY A 44 -4.35 8.28 -5.14
C GLY A 44 -4.60 8.29 -3.65
N GLU A 45 -5.81 7.91 -3.25
CA GLU A 45 -6.17 7.88 -1.83
C GLU A 45 -5.10 7.17 -1.01
N ALA A 46 -4.65 6.02 -1.52
CA ALA A 46 -3.62 5.25 -0.84
C ALA A 46 -2.35 6.06 -0.63
N VAL A 47 -1.90 6.72 -1.69
CA VAL A 47 -0.70 7.53 -1.62
C VAL A 47 -0.64 8.33 -0.31
N ASP A 48 -1.77 8.92 0.06
CA ASP A 48 -1.85 9.71 1.28
C ASP A 48 -1.81 8.81 2.51
N TRP A 49 -2.80 7.91 2.61
CA TRP A 49 -2.88 6.99 3.74
C TRP A 49 -1.51 6.39 4.05
N LEU A 50 -0.93 5.74 3.06
CA LEU A 50 0.39 5.11 3.22
C LEU A 50 1.45 6.15 3.55
N TYR A 51 1.41 7.27 2.82
CA TYR A 51 2.38 8.35 3.02
C TYR A 51 2.40 8.78 4.48
N ASP A 52 1.29 9.37 4.93
CA ASP A 52 1.18 9.83 6.31
C ASP A 52 1.77 8.81 7.28
N LEU A 53 1.48 7.54 7.04
CA LEU A 53 1.97 6.46 7.89
C LEU A 53 3.49 6.36 7.80
N LEU A 54 4.03 6.57 6.61
CA LEU A 54 5.47 6.51 6.39
C LEU A 54 6.18 7.63 7.12
N ARG A 55 5.85 8.88 6.77
CA ARG A 55 6.46 10.04 7.40
C ARG A 55 6.40 9.93 8.92
N ASN A 56 5.30 9.37 9.42
CA ASN A 56 5.11 9.22 10.86
C ASN A 56 6.33 8.56 11.50
N ASN A 57 6.90 7.58 10.80
CA ASN A 57 8.08 6.87 11.29
C ASN A 57 9.28 7.80 11.39
N SER A 58 10.39 7.27 11.89
CA SER A 58 11.61 8.05 12.03
C SER A 58 12.49 7.92 10.79
N ASN A 59 12.58 6.71 10.26
CA ASN A 59 13.39 6.45 9.08
C ASN A 59 12.95 7.31 7.91
N PHE A 60 11.64 7.33 7.66
CA PHE A 60 11.09 8.13 6.57
C PHE A 60 10.95 9.59 6.97
N GLY A 61 10.49 9.83 8.20
CA GLY A 61 10.33 11.19 8.69
C GLY A 61 9.51 12.04 7.74
N PRO A 62 9.33 13.32 8.11
CA PRO A 62 8.58 14.28 7.30
C PRO A 62 9.29 14.65 6.00
N GLU A 63 10.51 14.14 5.84
CA GLU A 63 11.30 14.42 4.65
C GLU A 63 10.73 13.70 3.43
N VAL A 64 10.29 12.46 3.65
CA VAL A 64 9.72 11.67 2.57
C VAL A 64 8.60 12.42 1.85
N THR A 65 8.47 12.17 0.56
CA THR A 65 7.44 12.83 -0.24
C THR A 65 6.73 11.84 -1.16
N ARG A 66 5.58 12.24 -1.68
CA ARG A 66 4.80 11.39 -2.58
C ARG A 66 5.73 10.54 -3.44
N GLN A 67 6.68 11.20 -4.11
CA GLN A 67 7.62 10.50 -4.98
C GLN A 67 8.07 9.18 -4.36
N GLN A 68 8.54 9.25 -3.11
CA GLN A 68 9.01 8.07 -2.40
C GLN A 68 7.86 7.12 -2.12
N THR A 69 6.74 7.67 -1.65
CA THR A 69 5.57 6.86 -1.35
C THR A 69 5.16 6.00 -2.53
N ILE A 70 5.00 6.63 -3.69
CA ILE A 70 4.62 5.91 -4.90
C ILE A 70 5.62 4.81 -5.23
N GLN A 71 6.90 5.10 -5.03
CA GLN A 71 7.96 4.13 -5.30
C GLN A 71 7.78 2.88 -4.45
N LEU A 72 7.41 3.07 -3.19
CA LEU A 72 7.21 1.95 -2.27
C LEU A 72 5.90 1.24 -2.58
N LEU A 73 4.86 2.00 -2.90
CA LEU A 73 3.55 1.43 -3.22
C LEU A 73 3.68 0.35 -4.28
N ARG A 74 4.62 0.53 -5.21
CA ARG A 74 4.84 -0.42 -6.27
C ARG A 74 5.24 -1.78 -5.71
N LYS A 75 6.15 -1.77 -4.74
CA LYS A 75 6.61 -3.01 -4.11
C LYS A 75 5.44 -3.84 -3.62
N PHE A 76 4.52 -3.20 -2.89
CA PHE A 76 3.35 -3.88 -2.36
C PHE A 76 2.66 -4.71 -3.45
N LEU A 77 2.15 -4.02 -4.46
CA LEU A 77 1.47 -4.69 -5.56
C LEU A 77 2.30 -5.84 -6.10
N LYS A 78 3.62 -5.69 -6.07
CA LYS A 78 4.53 -6.72 -6.55
C LYS A 78 4.59 -7.89 -5.58
N ASN A 79 4.57 -7.58 -4.29
CA ASN A 79 4.62 -8.62 -3.25
C ASN A 79 3.26 -9.28 -3.09
N HIS A 80 2.32 -8.93 -3.97
CA HIS A 80 0.97 -9.50 -3.91
C HIS A 80 0.24 -9.04 -2.66
N VAL A 81 0.52 -7.81 -2.23
CA VAL A 81 -0.11 -7.25 -1.05
C VAL A 81 -1.44 -6.59 -1.40
N ILE A 82 -1.53 -6.08 -2.63
CA ILE A 82 -2.75 -5.44 -3.09
C ILE A 82 -3.03 -5.76 -4.55
N GLU A 83 -4.24 -6.25 -4.83
CA GLU A 83 -4.63 -6.60 -6.18
C GLU A 83 -5.56 -5.54 -6.77
N ASP A 84 -5.78 -5.62 -8.08
CA ASP A 84 -6.64 -4.67 -8.77
C ASP A 84 -8.08 -5.16 -8.79
N ILE A 85 -9.01 -4.25 -9.07
CA ILE A 85 -10.43 -4.59 -9.12
C ILE A 85 -10.64 -5.93 -9.83
N LYS A 86 -9.79 -6.22 -10.80
CA LYS A 86 -9.89 -7.46 -11.56
C LYS A 86 -9.07 -8.57 -10.90
N GLY A 87 -7.88 -8.20 -10.43
CA GLY A 87 -7.01 -9.17 -9.77
C GLY A 87 -5.61 -9.19 -10.36
N ARG A 88 -5.10 -8.00 -10.68
CA ARG A 88 -3.77 -7.89 -11.26
C ARG A 88 -2.74 -7.60 -10.17
N TRP A 89 -1.79 -8.53 -10.01
CA TRP A 89 -0.75 -8.38 -9.00
C TRP A 89 0.57 -8.98 -9.50
N GLY A 90 1.67 -8.54 -8.90
CA GLY A 90 2.99 -9.03 -9.29
C GLY A 90 3.80 -7.99 -10.01
N SER A 91 3.15 -7.15 -10.79
CA SER A 91 3.83 -6.11 -11.55
C SER A 91 4.14 -4.91 -10.64
N GLU A 92 4.96 -3.99 -11.16
CA GLU A 92 5.33 -2.80 -10.40
C GLU A 92 4.83 -1.53 -11.10
N ASN A 93 3.88 -1.70 -12.00
CA ASN A 93 3.32 -0.57 -12.74
C ASN A 93 2.11 0.01 -12.01
N VAL A 94 2.30 1.16 -11.37
CA VAL A 94 1.24 1.82 -10.64
C VAL A 94 1.44 3.33 -10.60
N ASP A 95 0.34 4.08 -10.61
CA ASP A 95 0.40 5.53 -10.59
C ASP A 95 -0.68 6.10 -9.67
N ASP A 96 -0.69 7.42 -9.54
CA ASP A 96 -1.68 8.09 -8.69
C ASP A 96 -3.01 8.24 -9.43
N ASN A 97 -3.15 7.53 -10.54
CA ASN A 97 -4.37 7.57 -11.34
C ASN A 97 -5.57 7.16 -10.51
N ASN A 98 -6.75 7.20 -11.13
CA ASN A 98 -7.99 6.84 -10.45
C ASN A 98 -8.22 5.33 -10.54
N GLN A 99 -7.16 4.59 -10.85
CA GLN A 99 -7.26 3.14 -10.96
C GLN A 99 -7.73 2.51 -9.65
N LEU A 100 -8.79 1.72 -9.72
CA LEU A 100 -9.33 1.06 -8.54
C LEU A 100 -8.41 -0.06 -8.06
N PHE A 101 -8.43 -0.33 -6.76
CA PHE A 101 -7.60 -1.38 -6.19
C PHE A 101 -8.34 -2.09 -5.05
N ARG A 102 -7.76 -3.20 -4.59
CA ARG A 102 -8.36 -3.98 -3.51
C ARG A 102 -7.33 -4.92 -2.88
N PHE A 103 -7.75 -5.63 -1.85
CA PHE A 103 -6.87 -6.56 -1.15
C PHE A 103 -7.11 -7.99 -1.63
N PRO A 104 -6.02 -8.76 -1.77
CA PRO A 104 -6.09 -10.15 -2.21
C PRO A 104 -6.71 -11.07 -1.16
N ALA A 105 -6.91 -12.32 -1.53
CA ALA A 105 -7.50 -13.30 -0.62
C ALA A 105 -6.43 -14.16 0.04
N GLY A 1 8.91 -17.46 7.69
CA GLY A 1 10.06 -16.72 7.21
C GLY A 1 11.21 -16.74 8.20
N SER A 2 11.70 -17.94 8.51
CA SER A 2 12.81 -18.09 9.45
C SER A 2 14.04 -17.34 8.97
N SER A 3 14.20 -17.26 7.65
CA SER A 3 15.34 -16.57 7.05
C SER A 3 15.13 -15.06 7.06
N GLY A 4 15.95 -14.35 7.82
CA GLY A 4 15.83 -12.91 7.89
C GLY A 4 16.29 -12.35 9.22
N SER A 5 17.40 -12.88 9.73
CA SER A 5 17.95 -12.44 11.01
C SER A 5 18.86 -11.24 10.82
N SER A 6 19.80 -11.35 9.88
CA SER A 6 20.75 -10.28 9.61
C SER A 6 20.02 -9.03 9.11
N GLY A 7 19.29 -9.17 8.01
CA GLY A 7 18.55 -8.04 7.46
C GLY A 7 17.23 -7.83 8.14
N TYR A 8 17.23 -7.85 9.47
CA TYR A 8 16.02 -7.66 10.24
C TYR A 8 15.59 -6.20 10.23
N ARG A 9 16.53 -5.30 10.52
CA ARG A 9 16.25 -3.87 10.54
C ARG A 9 15.25 -3.50 9.45
N ALA A 10 15.47 -4.04 8.25
CA ALA A 10 14.59 -3.75 7.12
C ALA A 10 13.26 -4.49 7.26
N THR A 11 13.34 -5.75 7.69
CA THR A 11 12.14 -6.57 7.86
C THR A 11 11.18 -5.92 8.85
N LYS A 12 11.71 -5.44 9.97
CA LYS A 12 10.89 -4.80 10.99
C LYS A 12 10.03 -3.70 10.38
N LEU A 13 10.67 -2.74 9.74
CA LEU A 13 9.95 -1.63 9.12
C LEU A 13 8.88 -2.14 8.16
N TRP A 14 9.31 -2.89 7.15
CA TRP A 14 8.37 -3.44 6.16
C TRP A 14 7.21 -4.13 6.86
N ASN A 15 7.51 -4.91 7.89
CA ASN A 15 6.48 -5.63 8.63
C ASN A 15 5.51 -4.65 9.30
N GLU A 16 6.03 -3.51 9.72
CA GLU A 16 5.23 -2.49 10.38
C GLU A 16 4.36 -1.75 9.37
N VAL A 17 5.01 -1.10 8.41
CA VAL A 17 4.30 -0.34 7.39
C VAL A 17 3.24 -1.20 6.71
N THR A 18 3.59 -2.46 6.43
CA THR A 18 2.67 -3.38 5.78
C THR A 18 1.47 -3.68 6.67
N THR A 19 1.74 -4.07 7.91
CA THR A 19 0.68 -4.40 8.86
C THR A 19 -0.23 -3.20 9.09
N SER A 20 0.36 -2.05 9.40
CA SER A 20 -0.41 -0.83 9.63
C SER A 20 -1.21 -0.45 8.39
N PHE A 21 -0.53 -0.40 7.25
CA PHE A 21 -1.18 -0.05 5.99
C PHE A 21 -2.39 -0.94 5.73
N ARG A 22 -2.15 -2.25 5.69
CA ARG A 22 -3.23 -3.21 5.44
C ARG A 22 -4.51 -2.78 6.15
N ALA A 23 -4.47 -2.73 7.47
CA ALA A 23 -5.63 -2.33 8.26
C ALA A 23 -6.01 -0.88 7.98
N GLY A 24 -5.01 -0.05 7.72
CA GLY A 24 -5.25 1.35 7.45
C GLY A 24 -6.56 1.58 6.72
N MET A 25 -6.51 1.58 5.40
CA MET A 25 -7.70 1.79 4.58
C MET A 25 -8.49 0.50 4.44
N PRO A 26 -9.78 0.55 4.81
CA PRO A 26 -10.68 -0.60 4.74
C PRO A 26 -11.01 -0.99 3.29
N LEU A 27 -11.88 -1.97 3.14
CA LEU A 27 -12.29 -2.44 1.82
C LEU A 27 -13.74 -2.08 1.53
N ARG A 28 -14.58 -2.14 2.57
CA ARG A 28 -16.00 -1.82 2.44
C ARG A 28 -16.21 -0.32 2.27
N LYS A 29 -15.45 0.46 3.03
CA LYS A 29 -15.55 1.92 2.97
C LYS A 29 -14.70 2.47 1.83
N HIS A 30 -15.36 3.15 0.89
CA HIS A 30 -14.67 3.74 -0.25
C HIS A 30 -15.56 4.74 -0.97
N ARG A 31 -14.94 5.61 -1.77
CA ARG A 31 -15.68 6.63 -2.51
C ARG A 31 -17.05 6.10 -2.94
N GLN A 32 -17.04 5.10 -3.82
CA GLN A 32 -18.28 4.50 -4.31
C GLN A 32 -19.14 3.99 -3.16
N HIS A 33 -20.42 4.32 -3.19
CA HIS A 33 -21.35 3.88 -2.15
C HIS A 33 -22.28 2.80 -2.66
N PHE A 34 -22.45 2.75 -3.98
CA PHE A 34 -23.32 1.75 -4.60
C PHE A 34 -22.79 0.34 -4.34
N LYS A 35 -21.58 0.25 -3.84
CA LYS A 35 -20.96 -1.04 -3.54
C LYS A 35 -20.83 -1.88 -4.81
N LYS A 36 -20.44 -1.24 -5.91
CA LYS A 36 -20.28 -1.93 -7.18
C LYS A 36 -18.82 -2.34 -7.39
N TYR A 37 -17.90 -1.47 -6.97
CA TYR A 37 -16.47 -1.75 -7.12
C TYR A 37 -16.17 -3.21 -6.80
N GLY A 38 -16.40 -3.60 -5.55
CA GLY A 38 -16.14 -4.96 -5.13
C GLY A 38 -14.96 -5.07 -4.19
N ASN A 39 -15.05 -4.40 -3.06
CA ASN A 39 -13.98 -4.41 -2.06
C ASN A 39 -12.70 -3.80 -2.64
N CYS A 40 -12.83 -2.64 -3.27
CA CYS A 40 -11.69 -1.95 -3.86
C CYS A 40 -11.62 -0.51 -3.39
N PHE A 41 -10.52 0.16 -3.72
CA PHE A 41 -10.32 1.55 -3.32
C PHE A 41 -9.32 2.25 -4.24
N THR A 42 -9.58 3.52 -4.53
CA THR A 42 -8.71 4.29 -5.41
C THR A 42 -7.31 4.42 -4.81
N ALA A 43 -6.29 4.37 -5.67
CA ALA A 43 -4.92 4.48 -5.23
C ALA A 43 -4.63 5.87 -4.68
N GLY A 44 -5.05 6.90 -5.41
CA GLY A 44 -4.83 8.27 -4.98
C GLY A 44 -4.92 8.41 -3.47
N GLU A 45 -6.07 8.06 -2.90
CA GLU A 45 -6.26 8.16 -1.46
C GLU A 45 -5.22 7.35 -0.70
N ALA A 46 -4.92 6.16 -1.21
CA ALA A 46 -3.94 5.28 -0.59
C ALA A 46 -2.60 6.00 -0.43
N VAL A 47 -2.17 6.68 -1.48
CA VAL A 47 -0.90 7.40 -1.47
C VAL A 47 -0.77 8.25 -0.20
N ASP A 48 -1.81 9.03 0.09
CA ASP A 48 -1.81 9.88 1.26
C ASP A 48 -1.79 9.05 2.54
N TRP A 49 -2.65 8.03 2.60
CA TRP A 49 -2.74 7.16 3.76
C TRP A 49 -1.37 6.58 4.11
N LEU A 50 -0.74 5.93 3.13
CA LEU A 50 0.57 5.33 3.33
C LEU A 50 1.61 6.40 3.65
N TYR A 51 1.66 7.44 2.81
CA TYR A 51 2.62 8.53 3.00
C TYR A 51 2.58 9.03 4.44
N ASP A 52 1.44 9.55 4.86
CA ASP A 52 1.27 10.07 6.22
C ASP A 52 1.84 9.09 7.23
N LEU A 53 1.52 7.81 7.07
CA LEU A 53 2.00 6.78 7.99
C LEU A 53 3.52 6.70 7.98
N LEU A 54 4.11 6.79 6.79
CA LEU A 54 5.56 6.73 6.65
C LEU A 54 6.22 7.92 7.34
N ARG A 55 5.92 9.13 6.86
CA ARG A 55 6.48 10.34 7.43
C ARG A 55 6.30 10.36 8.95
N ASN A 56 5.17 9.85 9.41
CA ASN A 56 4.87 9.80 10.83
C ASN A 56 6.01 9.16 11.61
N ASN A 57 6.66 8.18 10.99
CA ASN A 57 7.77 7.48 11.63
C ASN A 57 9.05 8.29 11.53
N SER A 58 10.10 7.82 12.21
CA SER A 58 11.38 8.52 12.21
C SER A 58 12.21 8.13 10.98
N ASN A 59 12.32 6.82 10.75
CA ASN A 59 13.08 6.32 9.61
C ASN A 59 12.80 7.14 8.36
N PHE A 60 11.55 7.17 7.95
CA PHE A 60 11.15 7.93 6.77
C PHE A 60 11.13 9.42 7.05
N GLY A 61 10.68 9.78 8.25
CA GLY A 61 10.63 11.18 8.63
C GLY A 61 9.81 12.02 7.66
N PRO A 62 9.65 13.30 7.97
CA PRO A 62 8.89 14.24 7.13
C PRO A 62 9.59 14.53 5.80
N GLU A 63 10.86 14.14 5.72
CA GLU A 63 11.65 14.36 4.50
C GLU A 63 11.06 13.60 3.32
N VAL A 64 10.56 12.39 3.60
CA VAL A 64 9.97 11.56 2.56
C VAL A 64 8.86 12.30 1.82
N THR A 65 8.90 12.26 0.49
CA THR A 65 7.90 12.93 -0.33
C THR A 65 7.09 11.92 -1.13
N ARG A 66 5.95 12.37 -1.65
CA ARG A 66 5.08 11.51 -2.44
C ARG A 66 5.90 10.62 -3.37
N GLN A 67 6.76 11.23 -4.17
CA GLN A 67 7.60 10.49 -5.10
C GLN A 67 7.99 9.14 -4.52
N GLN A 68 8.73 9.16 -3.40
CA GLN A 68 9.17 7.93 -2.76
C GLN A 68 7.99 7.03 -2.46
N THR A 69 6.90 7.61 -1.97
CA THR A 69 5.70 6.85 -1.64
C THR A 69 5.22 6.04 -2.83
N ILE A 70 5.06 6.71 -3.97
CA ILE A 70 4.60 6.05 -5.18
C ILE A 70 5.51 4.88 -5.56
N GLN A 71 6.82 5.10 -5.46
CA GLN A 71 7.79 4.07 -5.78
C GLN A 71 7.62 2.86 -4.87
N LEU A 72 7.45 3.12 -3.58
CA LEU A 72 7.28 2.05 -2.60
C LEU A 72 6.02 1.25 -2.89
N LEU A 73 4.89 1.94 -2.96
CA LEU A 73 3.61 1.30 -3.22
C LEU A 73 3.77 0.19 -4.27
N ARG A 74 4.62 0.43 -5.25
CA ARG A 74 4.86 -0.54 -6.30
C ARG A 74 5.29 -1.88 -5.71
N LYS A 75 6.37 -1.87 -4.94
CA LYS A 75 6.87 -3.08 -4.31
C LYS A 75 5.74 -3.94 -3.78
N PHE A 76 4.93 -3.37 -2.90
CA PHE A 76 3.80 -4.09 -2.31
C PHE A 76 3.04 -4.86 -3.38
N LEU A 77 2.65 -4.17 -4.45
CA LEU A 77 1.92 -4.79 -5.55
C LEU A 77 2.67 -6.01 -6.09
N LYS A 78 3.99 -5.89 -6.19
CA LYS A 78 4.81 -6.98 -6.68
C LYS A 78 4.97 -8.08 -5.63
N ASN A 79 4.93 -7.68 -4.36
CA ASN A 79 5.05 -8.63 -3.25
C ASN A 79 3.72 -9.31 -2.97
N HIS A 80 2.78 -9.19 -3.91
CA HIS A 80 1.47 -9.80 -3.77
C HIS A 80 0.76 -9.28 -2.52
N VAL A 81 1.04 -8.02 -2.17
CA VAL A 81 0.44 -7.40 -0.99
C VAL A 81 -0.90 -6.75 -1.34
N ILE A 82 -0.99 -6.22 -2.56
CA ILE A 82 -2.21 -5.57 -3.01
C ILE A 82 -2.51 -5.92 -4.47
N GLU A 83 -3.67 -6.54 -4.69
CA GLU A 83 -4.08 -6.93 -6.04
C GLU A 83 -4.98 -5.88 -6.66
N ASP A 84 -4.95 -5.78 -7.98
CA ASP A 84 -5.76 -4.81 -8.70
C ASP A 84 -7.19 -5.32 -8.87
N ILE A 85 -8.12 -4.39 -9.11
CA ILE A 85 -9.52 -4.75 -9.28
C ILE A 85 -9.68 -5.99 -10.15
N LYS A 86 -8.69 -6.22 -11.01
CA LYS A 86 -8.71 -7.39 -11.90
C LYS A 86 -8.03 -8.58 -11.24
N GLY A 87 -6.89 -8.34 -10.62
CA GLY A 87 -6.16 -9.42 -9.96
C GLY A 87 -4.72 -9.51 -10.41
N ARG A 88 -4.05 -8.36 -10.47
CA ARG A 88 -2.65 -8.31 -10.89
C ARG A 88 -1.72 -8.10 -9.69
N TRP A 89 -0.82 -9.05 -9.48
CA TRP A 89 0.12 -8.97 -8.37
C TRP A 89 1.55 -8.92 -8.87
N GLY A 90 1.72 -8.62 -10.16
CA GLY A 90 3.04 -8.54 -10.75
C GLY A 90 3.13 -7.50 -11.84
N SER A 91 2.72 -6.28 -11.52
CA SER A 91 2.76 -5.19 -12.50
C SER A 91 3.80 -4.15 -12.11
N GLU A 92 4.06 -4.03 -10.81
CA GLU A 92 5.04 -3.07 -10.30
C GLU A 92 4.81 -1.69 -10.92
N ASN A 93 3.55 -1.38 -11.19
CA ASN A 93 3.20 -0.09 -11.78
C ASN A 93 1.97 0.50 -11.10
N VAL A 94 2.18 1.51 -10.27
CA VAL A 94 1.09 2.17 -9.56
C VAL A 94 1.33 3.67 -9.44
N ASP A 95 0.26 4.40 -9.17
CA ASP A 95 0.36 5.85 -9.03
C ASP A 95 -0.88 6.42 -8.33
N ASP A 96 -0.89 7.73 -8.11
CA ASP A 96 -2.01 8.38 -7.46
C ASP A 96 -3.20 8.50 -8.41
N ASN A 97 -3.07 7.90 -9.60
CA ASN A 97 -4.12 7.94 -10.59
C ASN A 97 -5.44 7.42 -10.01
N ASN A 98 -6.48 7.43 -10.83
CA ASN A 98 -7.80 6.96 -10.40
C ASN A 98 -7.88 5.45 -10.46
N GLN A 99 -6.73 4.80 -10.56
CA GLN A 99 -6.66 3.34 -10.62
C GLN A 99 -7.06 2.72 -9.29
N LEU A 100 -8.11 1.90 -9.30
CA LEU A 100 -8.59 1.24 -8.10
C LEU A 100 -7.67 0.08 -7.71
N PHE A 101 -7.83 -0.39 -6.48
CA PHE A 101 -7.00 -1.50 -5.98
C PHE A 101 -7.72 -2.23 -4.85
N ARG A 102 -7.25 -3.44 -4.55
CA ARG A 102 -7.85 -4.25 -3.50
C ARG A 102 -6.80 -5.16 -2.85
N PHE A 103 -7.19 -5.83 -1.77
CA PHE A 103 -6.29 -6.74 -1.07
C PHE A 103 -6.68 -8.19 -1.29
N PRO A 104 -5.68 -9.06 -1.45
CA PRO A 104 -5.89 -10.49 -1.68
C PRO A 104 -6.44 -11.20 -0.43
N ALA A 105 -7.22 -12.25 -0.65
CA ALA A 105 -7.79 -13.01 0.45
C ALA A 105 -7.20 -14.41 0.53
N GLY A 1 16.07 -25.96 16.77
CA GLY A 1 16.53 -24.59 16.96
C GLY A 1 17.05 -23.97 15.68
N SER A 2 16.16 -23.77 14.72
CA SER A 2 16.54 -23.17 13.45
C SER A 2 16.69 -21.67 13.56
N SER A 3 17.90 -21.18 13.33
CA SER A 3 18.19 -19.75 13.41
C SER A 3 18.71 -19.22 12.08
N GLY A 4 18.02 -18.22 11.54
CA GLY A 4 18.44 -17.65 10.27
C GLY A 4 17.44 -16.62 9.75
N SER A 5 17.95 -15.44 9.40
CA SER A 5 17.09 -14.37 8.90
C SER A 5 17.67 -13.77 7.62
N SER A 6 16.95 -12.83 7.04
CA SER A 6 17.39 -12.18 5.80
C SER A 6 16.94 -10.73 5.76
N GLY A 7 17.89 -9.82 5.98
CA GLY A 7 17.58 -8.40 5.96
C GLY A 7 16.60 -8.00 7.05
N TYR A 8 16.78 -8.57 8.24
CA TYR A 8 15.91 -8.29 9.37
C TYR A 8 15.62 -6.80 9.47
N ARG A 9 16.67 -5.99 9.62
CA ARG A 9 16.53 -4.55 9.73
C ARG A 9 15.40 -4.05 8.84
N ALA A 10 15.30 -4.61 7.64
CA ALA A 10 14.26 -4.23 6.70
C ALA A 10 12.96 -4.98 6.97
N THR A 11 13.06 -6.30 7.09
CA THR A 11 11.89 -7.14 7.34
C THR A 11 11.02 -6.54 8.44
N LYS A 12 11.66 -6.06 9.51
CA LYS A 12 10.95 -5.46 10.62
C LYS A 12 10.13 -4.26 10.16
N LEU A 13 10.79 -3.29 9.53
CA LEU A 13 10.11 -2.10 9.04
C LEU A 13 9.04 -2.46 8.02
N TRP A 14 9.46 -3.12 6.94
CA TRP A 14 8.54 -3.53 5.89
C TRP A 14 7.28 -4.17 6.48
N ASN A 15 7.47 -5.04 7.46
CA ASN A 15 6.35 -5.71 8.11
C ASN A 15 5.51 -4.72 8.90
N GLU A 16 6.16 -3.76 9.54
CA GLU A 16 5.46 -2.75 10.32
C GLU A 16 4.60 -1.86 9.43
N VAL A 17 5.22 -1.27 8.43
CA VAL A 17 4.51 -0.39 7.50
C VAL A 17 3.36 -1.14 6.82
N THR A 18 3.62 -2.37 6.41
CA THR A 18 2.60 -3.18 5.75
C THR A 18 1.44 -3.48 6.69
N THR A 19 1.76 -4.00 7.87
CA THR A 19 0.74 -4.34 8.86
C THR A 19 -0.28 -3.19 9.00
N SER A 20 0.23 -1.99 9.24
CA SER A 20 -0.64 -0.83 9.41
C SER A 20 -1.46 -0.59 8.15
N PHE A 21 -0.83 -0.71 6.99
CA PHE A 21 -1.51 -0.51 5.72
C PHE A 21 -2.79 -1.32 5.65
N ARG A 22 -2.69 -2.60 5.96
CA ARG A 22 -3.85 -3.50 5.94
C ARG A 22 -5.04 -2.86 6.65
N ALA A 23 -4.87 -2.55 7.92
CA ALA A 23 -5.93 -1.94 8.71
C ALA A 23 -6.03 -0.44 8.42
N GLY A 24 -4.97 0.29 8.76
CA GLY A 24 -4.96 1.72 8.53
C GLY A 24 -6.29 2.38 8.87
N MET A 25 -6.74 3.28 8.00
CA MET A 25 -8.00 3.98 8.21
C MET A 25 -9.14 3.27 7.49
N PRO A 26 -10.36 3.45 8.00
CA PRO A 26 -11.56 2.83 7.41
C PRO A 26 -11.93 3.45 6.06
N LEU A 27 -12.81 2.78 5.33
CA LEU A 27 -13.25 3.26 4.03
C LEU A 27 -14.07 4.53 4.16
N ARG A 28 -13.57 5.63 3.62
CA ARG A 28 -14.26 6.92 3.67
C ARG A 28 -15.43 6.95 2.69
N LYS A 29 -15.11 6.89 1.40
CA LYS A 29 -16.12 6.90 0.36
C LYS A 29 -15.53 6.51 -0.99
N HIS A 30 -16.40 6.29 -1.97
CA HIS A 30 -15.96 5.90 -3.31
C HIS A 30 -16.10 7.07 -4.29
N ARG A 31 -15.07 7.27 -5.11
CA ARG A 31 -15.08 8.35 -6.08
C ARG A 31 -15.49 7.83 -7.46
N GLN A 32 -14.76 6.85 -7.97
CA GLN A 32 -15.04 6.27 -9.27
C GLN A 32 -16.54 6.29 -9.55
N HIS A 33 -17.33 5.83 -8.59
CA HIS A 33 -18.77 5.79 -8.74
C HIS A 33 -19.44 5.49 -7.39
N PHE A 34 -20.78 5.47 -7.40
CA PHE A 34 -21.54 5.20 -6.19
C PHE A 34 -22.39 3.94 -6.35
N LYS A 35 -22.18 2.98 -5.46
CA LYS A 35 -22.92 1.73 -5.50
C LYS A 35 -22.87 1.11 -6.89
N LYS A 36 -21.74 1.29 -7.58
CA LYS A 36 -21.56 0.75 -8.91
C LYS A 36 -20.56 -0.40 -8.90
N TYR A 37 -19.61 -0.34 -7.97
CA TYR A 37 -18.59 -1.38 -7.86
C TYR A 37 -18.33 -1.72 -6.40
N GLY A 38 -17.76 -2.90 -6.16
CA GLY A 38 -17.46 -3.32 -4.81
C GLY A 38 -16.71 -2.27 -4.03
N ASN A 39 -16.71 -2.40 -2.71
CA ASN A 39 -16.01 -1.45 -1.84
C ASN A 39 -14.51 -1.47 -2.10
N CYS A 40 -14.03 -0.47 -2.84
CA CYS A 40 -12.62 -0.38 -3.16
C CYS A 40 -12.10 1.05 -2.93
N PHE A 41 -10.79 1.22 -3.03
CA PHE A 41 -10.17 2.52 -2.83
C PHE A 41 -9.22 2.85 -3.97
N THR A 42 -9.26 4.10 -4.42
CA THR A 42 -8.41 4.55 -5.52
C THR A 42 -6.95 4.64 -5.07
N ALA A 43 -6.04 4.27 -5.96
CA ALA A 43 -4.61 4.32 -5.66
C ALA A 43 -4.22 5.67 -5.08
N GLY A 44 -4.73 6.74 -5.69
CA GLY A 44 -4.41 8.08 -5.22
C GLY A 44 -4.52 8.20 -3.71
N GLU A 45 -5.67 7.83 -3.16
CA GLU A 45 -5.89 7.91 -1.73
C GLU A 45 -4.80 7.16 -0.96
N ALA A 46 -4.50 5.95 -1.43
CA ALA A 46 -3.47 5.12 -0.80
C ALA A 46 -2.18 5.91 -0.60
N VAL A 47 -1.88 6.78 -1.55
CA VAL A 47 -0.66 7.60 -1.48
C VAL A 47 -0.61 8.38 -0.17
N ASP A 48 -1.67 9.11 0.13
CA ASP A 48 -1.73 9.89 1.35
C ASP A 48 -1.74 8.99 2.59
N TRP A 49 -2.62 8.00 2.58
CA TRP A 49 -2.72 7.06 3.70
C TRP A 49 -1.35 6.47 4.03
N LEU A 50 -0.64 6.01 3.01
CA LEU A 50 0.68 5.41 3.19
C LEU A 50 1.70 6.48 3.55
N TYR A 51 1.61 7.63 2.90
CA TYR A 51 2.53 8.74 3.15
C TYR A 51 2.61 9.04 4.64
N ASP A 52 1.46 9.27 5.26
CA ASP A 52 1.40 9.57 6.69
C ASP A 52 2.09 8.49 7.51
N LEU A 53 1.85 7.23 7.12
CA LEU A 53 2.46 6.10 7.83
C LEU A 53 3.98 6.17 7.76
N LEU A 54 4.51 6.38 6.56
CA LEU A 54 5.95 6.46 6.37
C LEU A 54 6.51 7.74 6.97
N ARG A 55 6.06 8.88 6.44
CA ARG A 55 6.52 10.18 6.93
C ARG A 55 6.58 10.20 8.45
N ASN A 56 5.59 9.58 9.09
CA ASN A 56 5.52 9.52 10.55
C ASN A 56 6.68 8.70 11.11
N ASN A 57 7.01 7.60 10.43
CA ASN A 57 8.09 6.73 10.86
C ASN A 57 9.43 7.47 10.80
N SER A 58 10.42 6.95 11.53
CA SER A 58 11.75 7.55 11.56
C SER A 58 12.60 7.03 10.41
N ASN A 59 12.56 5.72 10.19
CA ASN A 59 13.34 5.09 9.13
C ASN A 59 13.28 5.92 7.85
N PHE A 60 12.06 6.25 7.42
CA PHE A 60 11.87 7.04 6.21
C PHE A 60 11.92 8.54 6.53
N GLY A 61 11.26 8.92 7.62
CA GLY A 61 11.24 10.31 8.02
C GLY A 61 10.21 11.12 7.25
N PRO A 62 9.95 12.35 7.71
CA PRO A 62 8.97 13.24 7.08
C PRO A 62 9.44 13.74 5.72
N GLU A 63 10.72 13.55 5.43
CA GLU A 63 11.30 13.98 4.16
C GLU A 63 10.61 13.29 2.99
N VAL A 64 9.97 12.15 3.27
CA VAL A 64 9.27 11.39 2.25
C VAL A 64 8.25 12.26 1.51
N THR A 65 8.25 12.16 0.18
CA THR A 65 7.33 12.93 -0.64
C THR A 65 6.48 12.02 -1.52
N ARG A 66 5.43 12.59 -2.09
CA ARG A 66 4.53 11.82 -2.95
C ARG A 66 5.32 10.85 -3.83
N GLN A 67 6.30 11.37 -4.55
CA GLN A 67 7.13 10.54 -5.42
C GLN A 67 7.63 9.31 -4.68
N GLN A 68 8.22 9.52 -3.51
CA GLN A 68 8.73 8.42 -2.71
C GLN A 68 7.63 7.45 -2.33
N THR A 69 6.51 8.00 -1.84
CA THR A 69 5.38 7.18 -1.43
C THR A 69 4.95 6.24 -2.55
N ILE A 70 4.85 6.77 -3.77
CA ILE A 70 4.45 5.98 -4.92
C ILE A 70 5.48 4.90 -5.23
N GLN A 71 6.75 5.29 -5.20
CA GLN A 71 7.84 4.36 -5.48
C GLN A 71 7.72 3.11 -4.61
N LEU A 72 7.62 3.31 -3.30
CA LEU A 72 7.50 2.21 -2.36
C LEU A 72 6.26 1.37 -2.65
N LEU A 73 5.15 2.05 -2.93
CA LEU A 73 3.90 1.38 -3.23
C LEU A 73 4.12 0.24 -4.22
N ARG A 74 4.91 0.48 -5.24
CA ARG A 74 5.20 -0.52 -6.26
C ARG A 74 5.52 -1.87 -5.60
N LYS A 75 6.35 -1.84 -4.57
CA LYS A 75 6.74 -3.05 -3.86
C LYS A 75 5.51 -3.79 -3.35
N PHE A 76 4.62 -3.07 -2.67
CA PHE A 76 3.41 -3.66 -2.13
C PHE A 76 2.73 -4.56 -3.17
N LEU A 77 2.30 -3.95 -4.27
CA LEU A 77 1.63 -4.69 -5.33
C LEU A 77 2.49 -5.86 -5.80
N LYS A 78 3.81 -5.67 -5.80
CA LYS A 78 4.73 -6.72 -6.22
C LYS A 78 4.70 -7.89 -5.24
N ASN A 79 4.65 -7.58 -3.96
CA ASN A 79 4.61 -8.61 -2.92
C ASN A 79 3.19 -9.16 -2.75
N HIS A 80 2.33 -8.87 -3.72
CA HIS A 80 0.95 -9.34 -3.67
C HIS A 80 0.25 -8.84 -2.41
N VAL A 81 0.64 -7.65 -1.95
CA VAL A 81 0.05 -7.07 -0.76
C VAL A 81 -1.28 -6.39 -1.08
N ILE A 82 -1.37 -5.81 -2.27
CA ILE A 82 -2.58 -5.13 -2.70
C ILE A 82 -2.92 -5.45 -4.16
N GLU A 83 -4.11 -5.98 -4.39
CA GLU A 83 -4.54 -6.33 -5.74
C GLU A 83 -5.47 -5.25 -6.31
N ASP A 84 -5.45 -5.09 -7.63
CA ASP A 84 -6.29 -4.11 -8.29
C ASP A 84 -7.71 -4.63 -8.46
N ILE A 85 -8.62 -3.75 -8.88
CA ILE A 85 -10.01 -4.13 -9.09
C ILE A 85 -10.13 -5.24 -10.12
N LYS A 86 -9.24 -5.23 -11.11
CA LYS A 86 -9.24 -6.24 -12.16
C LYS A 86 -8.45 -7.47 -11.73
N GLY A 87 -7.28 -7.24 -11.14
CA GLY A 87 -6.43 -8.33 -10.69
C GLY A 87 -5.03 -8.24 -11.24
N ARG A 88 -4.48 -7.04 -11.25
CA ARG A 88 -3.13 -6.82 -11.75
C ARG A 88 -2.09 -7.14 -10.68
N TRP A 89 -2.51 -7.88 -9.66
CA TRP A 89 -1.61 -8.25 -8.58
C TRP A 89 -0.33 -8.89 -9.11
N GLY A 90 0.71 -8.88 -8.29
CA GLY A 90 1.99 -9.45 -8.70
C GLY A 90 2.74 -8.56 -9.66
N SER A 91 2.61 -7.25 -9.47
CA SER A 91 3.30 -6.28 -10.33
C SER A 91 3.78 -5.09 -9.53
N GLU A 92 4.46 -4.16 -10.20
CA GLU A 92 4.98 -2.97 -9.55
C GLU A 92 4.33 -1.71 -10.12
N ASN A 93 3.93 -1.78 -11.38
CA ASN A 93 3.31 -0.65 -12.05
C ASN A 93 2.14 -0.10 -11.23
N VAL A 94 2.37 1.02 -10.56
CA VAL A 94 1.33 1.64 -9.74
C VAL A 94 1.42 3.17 -9.81
N ASP A 95 0.38 3.79 -10.33
CA ASP A 95 0.33 5.24 -10.46
C ASP A 95 -0.72 5.83 -9.51
N ASP A 96 -0.68 7.15 -9.35
CA ASP A 96 -1.62 7.84 -8.48
C ASP A 96 -2.95 8.06 -9.18
N ASN A 97 -3.16 7.34 -10.28
CA ASN A 97 -4.39 7.46 -11.04
C ASN A 97 -5.59 7.01 -10.21
N ASN A 98 -6.79 7.09 -10.81
CA ASN A 98 -8.00 6.69 -10.12
C ASN A 98 -8.19 5.18 -10.18
N GLN A 99 -7.12 4.47 -10.52
CA GLN A 99 -7.17 3.02 -10.61
C GLN A 99 -7.64 2.40 -9.29
N LEU A 100 -8.80 1.76 -9.32
CA LEU A 100 -9.36 1.14 -8.13
C LEU A 100 -8.47 0.00 -7.64
N PHE A 101 -8.36 -0.14 -6.33
CA PHE A 101 -7.54 -1.19 -5.74
C PHE A 101 -8.31 -1.93 -4.66
N ARG A 102 -7.69 -2.98 -4.10
CA ARG A 102 -8.32 -3.78 -3.06
C ARG A 102 -7.29 -4.66 -2.36
N PHE A 103 -7.70 -5.27 -1.25
CA PHE A 103 -6.81 -6.14 -0.50
C PHE A 103 -7.28 -7.60 -0.58
N PRO A 104 -6.31 -8.51 -0.72
CA PRO A 104 -6.60 -9.95 -0.82
C PRO A 104 -7.08 -10.53 0.51
N ALA A 105 -7.24 -11.85 0.55
CA ALA A 105 -7.70 -12.53 1.74
C ALA A 105 -6.58 -13.35 2.37
N GLY A 1 14.16 -17.84 16.84
CA GLY A 1 14.87 -17.66 15.58
C GLY A 1 15.50 -18.94 15.07
N SER A 2 14.69 -19.77 14.42
CA SER A 2 15.18 -21.04 13.89
C SER A 2 16.23 -20.81 12.80
N SER A 3 15.89 -19.96 11.83
CA SER A 3 16.80 -19.66 10.73
C SER A 3 17.44 -18.29 10.93
N GLY A 4 18.38 -17.95 10.04
CA GLY A 4 19.05 -16.67 10.13
C GLY A 4 18.27 -15.56 9.48
N SER A 5 18.90 -14.41 9.31
CA SER A 5 18.26 -13.26 8.69
C SER A 5 19.23 -12.51 7.78
N SER A 6 18.80 -12.26 6.55
CA SER A 6 19.64 -11.55 5.58
C SER A 6 19.35 -10.06 5.61
N GLY A 7 18.09 -9.69 5.40
CA GLY A 7 17.72 -8.30 5.40
C GLY A 7 16.72 -7.97 6.49
N TYR A 8 17.08 -8.29 7.73
CA TYR A 8 16.21 -8.03 8.88
C TYR A 8 15.98 -6.53 9.06
N ARG A 9 17.03 -5.76 8.89
CA ARG A 9 16.96 -4.31 9.04
C ARG A 9 15.80 -3.74 8.22
N ALA A 10 15.60 -4.30 7.03
CA ALA A 10 14.52 -3.85 6.15
C ALA A 10 13.21 -4.53 6.52
N THR A 11 13.25 -5.83 6.76
CA THR A 11 12.07 -6.60 7.11
C THR A 11 11.31 -5.94 8.26
N LYS A 12 12.05 -5.49 9.27
CA LYS A 12 11.45 -4.85 10.43
C LYS A 12 10.51 -3.74 10.00
N LEU A 13 10.97 -2.89 9.10
CA LEU A 13 10.16 -1.77 8.60
C LEU A 13 9.09 -2.27 7.64
N TRP A 14 9.50 -3.03 6.63
CA TRP A 14 8.57 -3.57 5.65
C TRP A 14 7.34 -4.16 6.33
N ASN A 15 7.57 -4.96 7.36
CA ASN A 15 6.48 -5.59 8.10
C ASN A 15 5.64 -4.54 8.84
N GLU A 16 6.30 -3.79 9.71
CA GLU A 16 5.63 -2.75 10.48
C GLU A 16 4.70 -1.93 9.59
N VAL A 17 5.23 -1.48 8.46
CA VAL A 17 4.44 -0.69 7.52
C VAL A 17 3.23 -1.46 7.01
N THR A 18 3.49 -2.60 6.39
CA THR A 18 2.42 -3.44 5.86
C THR A 18 1.33 -3.66 6.89
N THR A 19 1.73 -3.90 8.14
CA THR A 19 0.79 -4.13 9.22
C THR A 19 -0.17 -2.96 9.37
N SER A 20 0.39 -1.76 9.48
CA SER A 20 -0.42 -0.55 9.63
C SER A 20 -1.28 -0.32 8.39
N PHE A 21 -0.63 -0.15 7.25
CA PHE A 21 -1.34 0.08 6.00
C PHE A 21 -2.43 -0.96 5.78
N ARG A 22 -2.03 -2.22 5.80
CA ARG A 22 -2.98 -3.32 5.61
C ARG A 22 -4.22 -3.13 6.47
N ALA A 23 -4.01 -2.78 7.74
CA ALA A 23 -5.12 -2.55 8.66
C ALA A 23 -5.98 -1.37 8.21
N GLY A 24 -5.32 -0.30 7.78
CA GLY A 24 -6.04 0.88 7.33
C GLY A 24 -7.35 0.54 6.65
N MET A 25 -7.26 0.07 5.41
CA MET A 25 -8.45 -0.29 4.64
C MET A 25 -9.29 0.94 4.32
N PRO A 26 -8.62 2.02 3.88
CA PRO A 26 -9.28 3.28 3.53
C PRO A 26 -10.11 3.17 2.26
N LEU A 27 -11.38 3.55 2.35
CA LEU A 27 -12.27 3.49 1.20
C LEU A 27 -12.94 4.84 0.97
N ARG A 28 -12.73 5.40 -0.22
CA ARG A 28 -13.32 6.69 -0.58
C ARG A 28 -14.23 6.55 -1.79
N LYS A 29 -15.02 7.60 -2.05
CA LYS A 29 -15.94 7.60 -3.18
C LYS A 29 -15.21 7.25 -4.47
N HIS A 30 -15.93 6.61 -5.39
CA HIS A 30 -15.36 6.23 -6.67
C HIS A 30 -16.22 6.72 -7.83
N ARG A 31 -15.58 7.35 -8.81
CA ARG A 31 -16.30 7.88 -9.97
C ARG A 31 -17.28 6.84 -10.52
N GLN A 32 -16.84 5.59 -10.57
CA GLN A 32 -17.67 4.51 -11.08
C GLN A 32 -19.02 4.48 -10.38
N HIS A 33 -20.07 4.18 -11.14
CA HIS A 33 -21.42 4.13 -10.58
C HIS A 33 -22.00 2.72 -10.71
N PHE A 34 -21.14 1.75 -10.98
CA PHE A 34 -21.56 0.37 -11.13
C PHE A 34 -21.57 -0.35 -9.79
N LYS A 35 -21.98 -1.61 -9.80
CA LYS A 35 -22.04 -2.42 -8.58
C LYS A 35 -20.68 -3.06 -8.30
N LYS A 36 -19.93 -3.32 -9.36
CA LYS A 36 -18.60 -3.93 -9.24
C LYS A 36 -17.74 -3.16 -8.24
N TYR A 37 -16.52 -3.63 -8.03
CA TYR A 37 -15.59 -2.98 -7.10
C TYR A 37 -16.28 -2.72 -5.77
N GLY A 38 -17.10 -3.65 -5.33
CA GLY A 38 -17.81 -3.49 -4.07
C GLY A 38 -17.02 -2.67 -3.07
N ASN A 39 -15.74 -2.99 -2.92
CA ASN A 39 -14.88 -2.28 -1.99
C ASN A 39 -13.46 -2.15 -2.54
N CYS A 40 -13.14 -0.96 -3.06
CA CYS A 40 -11.82 -0.71 -3.62
C CYS A 40 -11.31 0.67 -3.20
N PHE A 41 -9.98 0.83 -3.20
CA PHE A 41 -9.36 2.09 -2.80
C PHE A 41 -8.57 2.68 -3.96
N THR A 42 -8.85 3.94 -4.28
CA THR A 42 -8.15 4.62 -5.37
C THR A 42 -6.69 4.84 -5.03
N ALA A 43 -5.82 4.53 -5.98
CA ALA A 43 -4.38 4.70 -5.80
C ALA A 43 -4.06 6.02 -5.11
N GLY A 44 -4.61 7.11 -5.66
CA GLY A 44 -4.38 8.42 -5.09
C GLY A 44 -4.57 8.44 -3.59
N GLU A 45 -5.72 7.98 -3.13
CA GLU A 45 -6.01 7.96 -1.71
C GLU A 45 -4.94 7.19 -0.94
N ALA A 46 -4.54 6.04 -1.48
CA ALA A 46 -3.53 5.21 -0.85
C ALA A 46 -2.23 6.00 -0.64
N VAL A 47 -1.90 6.84 -1.62
CA VAL A 47 -0.69 7.65 -1.54
C VAL A 47 -0.60 8.40 -0.22
N ASP A 48 -1.71 8.99 0.19
CA ASP A 48 -1.77 9.74 1.45
C ASP A 48 -1.80 8.79 2.64
N TRP A 49 -2.69 7.81 2.58
CA TRP A 49 -2.84 6.83 3.65
C TRP A 49 -1.48 6.23 4.02
N LEU A 50 -0.71 5.85 3.01
CA LEU A 50 0.60 5.27 3.23
C LEU A 50 1.64 6.34 3.56
N TYR A 51 1.63 7.42 2.77
CA TYR A 51 2.56 8.51 2.99
C TYR A 51 2.49 9.03 4.41
N ASP A 52 1.31 9.52 4.81
CA ASP A 52 1.11 10.04 6.15
C ASP A 52 1.64 9.05 7.20
N LEU A 53 1.44 7.77 6.96
CA LEU A 53 1.90 6.73 7.88
C LEU A 53 3.42 6.72 7.97
N LEU A 54 4.08 6.76 6.82
CA LEU A 54 5.53 6.74 6.76
C LEU A 54 6.11 7.97 7.46
N ARG A 55 5.76 9.15 6.96
CA ARG A 55 6.24 10.40 7.54
C ARG A 55 6.07 10.40 9.05
N ASN A 56 4.91 9.94 9.51
CA ASN A 56 4.62 9.89 10.94
C ASN A 56 5.75 9.20 11.70
N ASN A 57 6.32 8.17 11.07
CA ASN A 57 7.41 7.41 11.69
C ASN A 57 8.74 8.15 11.53
N SER A 58 9.64 7.95 12.49
CA SER A 58 10.94 8.60 12.45
C SER A 58 11.80 8.04 11.33
N ASN A 59 11.87 6.71 11.24
CA ASN A 59 12.64 6.05 10.21
C ASN A 59 12.65 6.86 8.92
N PHE A 60 11.46 7.18 8.43
CA PHE A 60 11.33 7.95 7.20
C PHE A 60 11.33 9.45 7.49
N GLY A 61 10.48 9.86 8.43
CA GLY A 61 10.40 11.27 8.79
C GLY A 61 9.55 12.06 7.82
N PRO A 62 9.30 13.34 8.16
CA PRO A 62 8.49 14.25 7.33
C PRO A 62 9.21 14.63 6.03
N GLU A 63 10.51 14.35 5.98
CA GLU A 63 11.31 14.67 4.80
C GLU A 63 10.79 13.91 3.58
N VAL A 64 10.35 12.68 3.80
CA VAL A 64 9.85 11.85 2.72
C VAL A 64 8.76 12.58 1.92
N THR A 65 8.81 12.44 0.60
CA THR A 65 7.84 13.09 -0.27
C THR A 65 6.97 12.06 -0.98
N ARG A 66 5.96 12.54 -1.70
CA ARG A 66 5.05 11.66 -2.43
C ARG A 66 5.83 10.72 -3.35
N GLN A 67 6.70 11.30 -4.17
CA GLN A 67 7.50 10.52 -5.11
C GLN A 67 7.90 9.18 -4.49
N GLN A 68 8.49 9.24 -3.30
CA GLN A 68 8.91 8.02 -2.61
C GLN A 68 7.74 7.08 -2.38
N THR A 69 6.60 7.65 -1.97
CA THR A 69 5.40 6.86 -1.71
C THR A 69 5.01 6.04 -2.92
N ILE A 70 4.95 6.69 -4.09
CA ILE A 70 4.60 6.01 -5.33
C ILE A 70 5.54 4.85 -5.61
N GLN A 71 6.84 5.09 -5.42
CA GLN A 71 7.85 4.05 -5.64
C GLN A 71 7.64 2.86 -4.72
N LEU A 72 7.40 3.15 -3.44
CA LEU A 72 7.19 2.10 -2.45
C LEU A 72 5.90 1.34 -2.75
N LEU A 73 4.83 2.06 -3.00
CA LEU A 73 3.54 1.44 -3.31
C LEU A 73 3.71 0.27 -4.27
N ARG A 74 4.49 0.48 -5.32
CA ARG A 74 4.74 -0.55 -6.32
C ARG A 74 5.08 -1.88 -5.65
N LYS A 75 6.16 -1.87 -4.86
CA LYS A 75 6.60 -3.07 -4.15
C LYS A 75 5.41 -3.87 -3.65
N PHE A 76 4.57 -3.24 -2.83
CA PHE A 76 3.39 -3.90 -2.28
C PHE A 76 2.71 -4.77 -3.33
N LEU A 77 2.28 -4.14 -4.42
CA LEU A 77 1.61 -4.86 -5.50
C LEU A 77 2.45 -6.02 -5.98
N LYS A 78 3.76 -5.80 -6.08
CA LYS A 78 4.69 -6.83 -6.53
C LYS A 78 4.70 -8.01 -5.55
N ASN A 79 4.66 -7.69 -4.26
CA ASN A 79 4.67 -8.72 -3.22
C ASN A 79 3.29 -9.34 -3.06
N HIS A 80 2.40 -9.03 -3.99
CA HIS A 80 1.04 -9.56 -3.95
C HIS A 80 0.29 -9.06 -2.71
N VAL A 81 0.62 -7.85 -2.29
CA VAL A 81 -0.02 -7.25 -1.11
C VAL A 81 -1.35 -6.61 -1.48
N ILE A 82 -1.43 -6.06 -2.68
CA ILE A 82 -2.65 -5.41 -3.15
C ILE A 82 -2.85 -5.65 -4.65
N GLU A 83 -4.04 -6.13 -5.00
CA GLU A 83 -4.36 -6.39 -6.40
C GLU A 83 -5.38 -5.39 -6.93
N ASP A 84 -5.35 -5.15 -8.23
CA ASP A 84 -6.28 -4.21 -8.86
C ASP A 84 -7.68 -4.80 -8.94
N ILE A 85 -8.67 -3.94 -9.14
CA ILE A 85 -10.06 -4.38 -9.24
C ILE A 85 -10.17 -5.68 -10.04
N LYS A 86 -9.32 -5.81 -11.05
CA LYS A 86 -9.32 -7.01 -11.89
C LYS A 86 -8.49 -8.12 -11.25
N GLY A 87 -7.35 -7.75 -10.68
CA GLY A 87 -6.48 -8.73 -10.05
C GLY A 87 -5.15 -8.87 -10.76
N ARG A 88 -4.55 -7.74 -11.12
CA ARG A 88 -3.26 -7.75 -11.82
C ARG A 88 -2.12 -7.52 -10.83
N TRP A 89 -1.43 -8.59 -10.49
CA TRP A 89 -0.29 -8.51 -9.56
C TRP A 89 1.02 -8.76 -10.28
N GLY A 90 2.13 -8.65 -9.55
CA GLY A 90 3.44 -8.87 -10.13
C GLY A 90 3.73 -7.91 -11.28
N SER A 91 3.31 -6.66 -11.11
CA SER A 91 3.52 -5.64 -12.14
C SER A 91 4.44 -4.53 -11.62
N GLU A 92 4.39 -4.30 -10.32
CA GLU A 92 5.22 -3.26 -9.70
C GLU A 92 5.10 -1.95 -10.46
N ASN A 93 3.91 -1.70 -11.02
CA ASN A 93 3.67 -0.48 -11.78
C ASN A 93 2.37 0.19 -11.32
N VAL A 94 2.51 1.28 -10.56
CA VAL A 94 1.34 2.00 -10.07
C VAL A 94 1.59 3.51 -10.08
N ASP A 95 0.51 4.28 -10.13
CA ASP A 95 0.61 5.73 -10.14
C ASP A 95 -0.36 6.36 -9.15
N ASP A 96 -0.33 7.68 -9.04
CA ASP A 96 -1.21 8.40 -8.13
C ASP A 96 -2.59 8.58 -8.73
N ASN A 97 -2.88 7.82 -9.79
CA ASN A 97 -4.17 7.91 -10.46
C ASN A 97 -5.31 7.53 -9.51
N ASN A 98 -6.53 7.60 -10.01
CA ASN A 98 -7.70 7.26 -9.20
C ASN A 98 -8.19 5.86 -9.51
N GLN A 99 -7.33 5.05 -10.12
CA GLN A 99 -7.67 3.68 -10.48
C GLN A 99 -8.07 2.89 -9.24
N LEU A 100 -9.19 2.18 -9.33
CA LEU A 100 -9.68 1.37 -8.22
C LEU A 100 -8.73 0.21 -7.93
N PHE A 101 -8.58 -0.13 -6.66
CA PHE A 101 -7.71 -1.22 -6.25
C PHE A 101 -8.39 -2.11 -5.21
N ARG A 102 -7.73 -3.19 -4.84
CA ARG A 102 -8.27 -4.11 -3.84
C ARG A 102 -7.16 -4.97 -3.23
N PHE A 103 -7.52 -5.76 -2.23
CA PHE A 103 -6.55 -6.63 -1.56
C PHE A 103 -6.80 -8.09 -1.92
N PRO A 104 -5.72 -8.82 -2.22
CA PRO A 104 -5.79 -10.24 -2.58
C PRO A 104 -6.18 -11.12 -1.40
N ALA A 105 -6.11 -12.43 -1.60
CA ALA A 105 -6.45 -13.38 -0.54
C ALA A 105 -5.90 -14.77 -0.86
N GLY A 1 17.56 -25.83 16.24
CA GLY A 1 17.04 -24.77 15.40
C GLY A 1 18.04 -24.31 14.35
N SER A 2 18.10 -25.04 13.24
CA SER A 2 19.03 -24.72 12.17
C SER A 2 18.43 -23.66 11.24
N SER A 3 18.98 -22.45 11.30
CA SER A 3 18.50 -21.35 10.48
C SER A 3 19.65 -20.69 9.72
N GLY A 4 19.32 -19.80 8.80
CA GLY A 4 20.34 -19.10 8.03
C GLY A 4 19.80 -17.87 7.33
N SER A 5 19.30 -16.91 8.12
CA SER A 5 18.75 -15.69 7.57
C SER A 5 19.46 -14.47 8.14
N SER A 6 19.62 -13.44 7.32
CA SER A 6 20.27 -12.21 7.75
C SER A 6 19.55 -10.98 7.21
N GLY A 7 19.67 -9.87 7.92
CA GLY A 7 19.03 -8.64 7.49
C GLY A 7 17.67 -8.45 8.13
N TYR A 8 17.60 -8.66 9.44
CA TYR A 8 16.35 -8.51 10.17
C TYR A 8 15.99 -7.05 10.36
N ARG A 9 16.95 -6.27 10.88
CA ARG A 9 16.73 -4.85 11.12
C ARG A 9 15.91 -4.23 10.00
N ALA A 10 16.24 -4.58 8.76
CA ALA A 10 15.55 -4.06 7.60
C ALA A 10 14.20 -4.76 7.41
N THR A 11 14.23 -6.09 7.38
CA THR A 11 13.02 -6.87 7.20
C THR A 11 11.86 -6.29 8.01
N LYS A 12 12.04 -6.23 9.32
CA LYS A 12 11.01 -5.69 10.21
C LYS A 12 10.35 -4.47 9.58
N LEU A 13 11.15 -3.45 9.26
CA LEU A 13 10.64 -2.23 8.66
C LEU A 13 9.50 -2.53 7.69
N TRP A 14 9.75 -3.47 6.78
CA TRP A 14 8.75 -3.86 5.79
C TRP A 14 7.48 -4.34 6.46
N ASN A 15 7.62 -5.27 7.39
CA ASN A 15 6.48 -5.82 8.11
C ASN A 15 5.68 -4.71 8.81
N GLU A 16 6.41 -3.83 9.51
CA GLU A 16 5.78 -2.72 10.21
C GLU A 16 4.90 -1.90 9.27
N VAL A 17 5.43 -1.62 8.08
CA VAL A 17 4.70 -0.84 7.08
C VAL A 17 3.45 -1.57 6.63
N THR A 18 3.64 -2.73 6.01
CA THR A 18 2.52 -3.54 5.53
C THR A 18 1.47 -3.74 6.62
N THR A 19 1.93 -3.95 7.84
CA THR A 19 1.02 -4.16 8.96
C THR A 19 0.11 -2.95 9.17
N SER A 20 0.72 -1.77 9.30
CA SER A 20 -0.03 -0.55 9.50
C SER A 20 -0.86 -0.21 8.28
N PHE A 21 -0.19 -0.10 7.12
CA PHE A 21 -0.87 0.22 5.88
C PHE A 21 -2.12 -0.63 5.70
N ARG A 22 -1.93 -1.94 5.59
CA ARG A 22 -3.04 -2.87 5.41
C ARG A 22 -4.26 -2.41 6.20
N ALA A 23 -4.10 -2.31 7.52
CA ALA A 23 -5.19 -1.88 8.39
C ALA A 23 -5.67 -0.48 8.02
N GLY A 24 -4.77 0.50 8.17
CA GLY A 24 -5.12 1.88 7.84
C GLY A 24 -6.57 2.19 8.17
N MET A 25 -7.30 2.68 7.16
CA MET A 25 -8.71 3.02 7.35
C MET A 25 -9.53 2.61 6.13
N PRO A 26 -10.80 2.27 6.37
CA PRO A 26 -11.72 1.86 5.30
C PRO A 26 -12.09 3.01 4.38
N LEU A 27 -12.85 2.70 3.33
CA LEU A 27 -13.27 3.71 2.36
C LEU A 27 -14.64 4.27 2.73
N ARG A 28 -14.69 5.57 3.00
CA ARG A 28 -15.94 6.23 3.37
C ARG A 28 -16.89 6.29 2.18
N LYS A 29 -16.45 6.92 1.10
CA LYS A 29 -17.26 7.05 -0.10
C LYS A 29 -16.41 7.50 -1.28
N HIS A 30 -16.98 7.39 -2.48
CA HIS A 30 -16.27 7.80 -3.70
C HIS A 30 -17.25 8.06 -4.83
N ARG A 31 -16.74 8.58 -5.94
CA ARG A 31 -17.57 8.89 -7.10
C ARG A 31 -18.65 7.82 -7.29
N GLN A 32 -18.23 6.58 -7.40
CA GLN A 32 -19.16 5.46 -7.59
C GLN A 32 -20.16 5.40 -6.43
N HIS A 33 -21.16 4.54 -6.58
CA HIS A 33 -22.18 4.38 -5.55
C HIS A 33 -22.81 2.98 -5.63
N PHE A 34 -23.39 2.55 -4.52
CA PHE A 34 -24.03 1.23 -4.46
C PHE A 34 -23.02 0.12 -4.73
N LYS A 35 -21.80 0.32 -4.27
CA LYS A 35 -20.73 -0.66 -4.46
C LYS A 35 -20.62 -1.06 -5.93
N LYS A 36 -20.88 -0.10 -6.81
CA LYS A 36 -20.80 -0.34 -8.25
C LYS A 36 -19.68 -1.33 -8.57
N TYR A 37 -18.50 -1.08 -8.02
CA TYR A 37 -17.35 -1.95 -8.25
C TYR A 37 -17.31 -3.09 -7.24
N GLY A 38 -17.06 -2.73 -5.98
CA GLY A 38 -16.99 -3.73 -4.92
C GLY A 38 -16.29 -3.22 -3.69
N ASN A 39 -16.57 -1.98 -3.31
CA ASN A 39 -15.94 -1.38 -2.13
C ASN A 39 -14.44 -1.24 -2.34
N CYS A 40 -14.05 -0.76 -3.51
CA CYS A 40 -12.62 -0.57 -3.82
C CYS A 40 -12.25 0.90 -3.76
N PHE A 41 -10.94 1.17 -3.71
CA PHE A 41 -10.45 2.54 -3.64
C PHE A 41 -9.38 2.78 -4.70
N THR A 42 -9.19 4.04 -5.07
CA THR A 42 -8.20 4.40 -6.08
C THR A 42 -6.80 4.44 -5.48
N ALA A 43 -5.79 4.42 -6.35
CA ALA A 43 -4.40 4.46 -5.90
C ALA A 43 -4.06 5.79 -5.24
N GLY A 44 -4.53 6.88 -5.85
CA GLY A 44 -4.27 8.21 -5.31
C GLY A 44 -4.53 8.28 -3.82
N GLU A 45 -5.79 8.08 -3.44
CA GLU A 45 -6.18 8.13 -2.03
C GLU A 45 -5.20 7.35 -1.17
N ALA A 46 -4.78 6.17 -1.66
CA ALA A 46 -3.85 5.34 -0.93
C ALA A 46 -2.54 6.07 -0.67
N VAL A 47 -2.03 6.76 -1.69
CA VAL A 47 -0.79 7.50 -1.57
C VAL A 47 -0.80 8.38 -0.32
N ASP A 48 -1.91 9.06 -0.08
CA ASP A 48 -2.05 9.93 1.08
C ASP A 48 -1.96 9.12 2.37
N TRP A 49 -2.74 8.06 2.45
CA TRP A 49 -2.76 7.20 3.64
C TRP A 49 -1.36 6.68 3.95
N LEU A 50 -0.69 6.14 2.94
CA LEU A 50 0.65 5.61 3.11
C LEU A 50 1.63 6.72 3.50
N TYR A 51 1.57 7.83 2.78
CA TYR A 51 2.46 8.96 3.06
C TYR A 51 2.50 9.26 4.56
N ASP A 52 1.34 9.56 5.13
CA ASP A 52 1.24 9.87 6.55
C ASP A 52 1.86 8.76 7.40
N LEU A 53 1.59 7.51 7.01
CA LEU A 53 2.12 6.36 7.72
C LEU A 53 3.65 6.37 7.74
N LEU A 54 4.24 6.72 6.60
CA LEU A 54 5.69 6.78 6.48
C LEU A 54 6.27 7.85 7.42
N ARG A 55 5.92 9.10 7.18
CA ARG A 55 6.40 10.21 8.00
C ARG A 55 6.21 9.90 9.48
N ASN A 56 5.06 9.33 9.83
CA ASN A 56 4.75 8.99 11.21
C ASN A 56 5.94 8.30 11.88
N ASN A 57 6.64 7.46 11.11
CA ASN A 57 7.80 6.74 11.63
C ASN A 57 8.98 7.68 11.83
N SER A 58 10.08 7.15 12.35
CA SER A 58 11.28 7.94 12.59
C SER A 58 12.26 7.82 11.43
N ASN A 59 12.45 6.59 10.96
CA ASN A 59 13.36 6.33 9.85
C ASN A 59 13.04 7.22 8.66
N PHE A 60 11.78 7.21 8.24
CA PHE A 60 11.33 8.01 7.11
C PHE A 60 11.30 9.49 7.48
N GLY A 61 10.49 9.83 8.47
CA GLY A 61 10.39 11.21 8.90
C GLY A 61 9.52 12.05 7.96
N PRO A 62 9.31 13.32 8.33
CA PRO A 62 8.51 14.24 7.54
C PRO A 62 9.18 14.63 6.23
N GLU A 63 10.45 14.24 6.08
CA GLU A 63 11.21 14.55 4.88
C GLU A 63 10.67 13.77 3.69
N VAL A 64 10.09 12.60 3.95
CA VAL A 64 9.53 11.76 2.91
C VAL A 64 8.54 12.53 2.05
N THR A 65 8.63 12.33 0.73
CA THR A 65 7.73 13.01 -0.20
C THR A 65 6.83 12.03 -0.92
N ARG A 66 5.68 12.51 -1.38
CA ARG A 66 4.72 11.66 -2.08
C ARG A 66 5.43 10.70 -3.02
N GLN A 67 6.29 11.24 -3.88
CA GLN A 67 7.03 10.43 -4.84
C GLN A 67 7.47 9.11 -4.21
N GLN A 68 8.05 9.19 -3.01
CA GLN A 68 8.52 8.01 -2.31
C GLN A 68 7.38 7.01 -2.12
N THR A 69 6.22 7.52 -1.72
CA THR A 69 5.05 6.66 -1.50
C THR A 69 4.75 5.83 -2.74
N ILE A 70 4.71 6.49 -3.89
CA ILE A 70 4.43 5.80 -5.15
C ILE A 70 5.45 4.70 -5.42
N GLN A 71 6.71 4.99 -5.14
CA GLN A 71 7.78 4.02 -5.35
C GLN A 71 7.60 2.81 -4.45
N LEU A 72 7.45 3.06 -3.15
CA LEU A 72 7.27 1.98 -2.18
C LEU A 72 6.03 1.16 -2.50
N LEU A 73 4.95 1.84 -2.87
CA LEU A 73 3.70 1.18 -3.20
C LEU A 73 3.93 0.06 -4.21
N ARG A 74 4.78 0.32 -5.20
CA ARG A 74 5.09 -0.66 -6.23
C ARG A 74 5.40 -2.02 -5.60
N LYS A 75 6.11 -2.00 -4.46
CA LYS A 75 6.46 -3.23 -3.76
C LYS A 75 5.22 -3.95 -3.26
N PHE A 76 4.31 -3.21 -2.65
CA PHE A 76 3.07 -3.78 -2.12
C PHE A 76 2.40 -4.67 -3.17
N LEU A 77 2.26 -4.15 -4.38
CA LEU A 77 1.62 -4.89 -5.46
C LEU A 77 2.50 -6.07 -5.90
N LYS A 78 3.81 -5.83 -5.97
CA LYS A 78 4.75 -6.87 -6.36
C LYS A 78 4.71 -8.05 -5.39
N ASN A 79 4.45 -7.74 -4.13
CA ASN A 79 4.37 -8.78 -3.10
C ASN A 79 2.97 -9.36 -3.00
N HIS A 80 2.10 -8.94 -3.92
CA HIS A 80 0.72 -9.41 -3.94
C HIS A 80 -0.03 -8.95 -2.68
N VAL A 81 0.29 -7.75 -2.22
CA VAL A 81 -0.36 -7.19 -1.05
C VAL A 81 -1.70 -6.57 -1.39
N ILE A 82 -1.82 -6.08 -2.63
CA ILE A 82 -3.06 -5.47 -3.09
C ILE A 82 -3.37 -5.87 -4.52
N GLU A 83 -4.57 -6.40 -4.74
CA GLU A 83 -5.00 -6.83 -6.06
C GLU A 83 -5.89 -5.78 -6.72
N ASP A 84 -5.62 -5.47 -7.98
CA ASP A 84 -6.40 -4.49 -8.70
C ASP A 84 -7.88 -4.85 -8.68
N ILE A 85 -8.71 -4.00 -9.29
CA ILE A 85 -10.15 -4.23 -9.34
C ILE A 85 -10.48 -5.43 -10.21
N LYS A 86 -9.67 -5.66 -11.24
CA LYS A 86 -9.86 -6.78 -12.14
C LYS A 86 -9.25 -8.06 -11.57
N GLY A 87 -8.03 -7.95 -11.07
CA GLY A 87 -7.36 -9.10 -10.51
C GLY A 87 -5.90 -9.19 -10.93
N ARG A 88 -5.22 -8.05 -10.93
CA ARG A 88 -3.82 -8.00 -11.33
C ARG A 88 -2.91 -7.92 -10.10
N TRP A 89 -2.15 -8.99 -9.86
CA TRP A 89 -1.24 -9.04 -8.72
C TRP A 89 0.14 -9.55 -9.14
N GLY A 90 1.16 -9.07 -8.45
CA GLY A 90 2.52 -9.49 -8.77
C GLY A 90 3.31 -8.42 -9.48
N SER A 91 2.64 -7.61 -10.28
CA SER A 91 3.29 -6.54 -11.02
C SER A 91 3.67 -5.39 -10.09
N GLU A 92 4.36 -4.39 -10.63
CA GLU A 92 4.77 -3.23 -9.85
C GLU A 92 4.14 -1.95 -10.38
N ASN A 93 3.71 -1.99 -11.64
CA ASN A 93 3.10 -0.83 -12.28
C ASN A 93 1.92 -0.32 -11.44
N VAL A 94 2.16 0.76 -10.70
CA VAL A 94 1.11 1.35 -9.86
C VAL A 94 1.18 2.87 -9.91
N ASP A 95 0.20 3.48 -10.58
CA ASP A 95 0.13 4.93 -10.69
C ASP A 95 -0.65 5.53 -9.53
N ASP A 96 -0.55 6.85 -9.38
CA ASP A 96 -1.25 7.55 -8.31
C ASP A 96 -2.31 8.49 -8.87
N ASN A 97 -2.68 8.27 -10.14
CA ASN A 97 -3.67 9.10 -10.79
C ASN A 97 -5.08 8.50 -10.63
N ASN A 98 -5.28 7.32 -11.21
CA ASN A 98 -6.57 6.64 -11.12
C ASN A 98 -6.41 5.14 -11.34
N GLN A 99 -6.45 4.38 -10.25
CA GLN A 99 -6.31 2.94 -10.32
C GLN A 99 -7.00 2.26 -9.13
N LEU A 100 -8.18 1.71 -9.38
CA LEU A 100 -8.94 1.04 -8.33
C LEU A 100 -8.21 -0.22 -7.86
N PHE A 101 -8.22 -0.44 -6.55
CA PHE A 101 -7.57 -1.62 -5.97
C PHE A 101 -8.48 -2.29 -4.94
N ARG A 102 -8.15 -3.53 -4.59
CA ARG A 102 -8.93 -4.29 -3.62
C ARG A 102 -8.06 -5.32 -2.91
N PHE A 103 -7.88 -5.14 -1.60
CA PHE A 103 -7.07 -6.06 -0.81
C PHE A 103 -7.60 -7.48 -0.92
N PRO A 104 -6.68 -8.46 -1.02
CA PRO A 104 -7.04 -9.88 -1.13
C PRO A 104 -7.62 -10.43 0.17
N ALA A 105 -8.27 -11.58 0.08
CA ALA A 105 -8.86 -12.22 1.25
C ALA A 105 -7.80 -12.82 2.15
#